data_4F2E
# 
_entry.id   4F2E 
# 
_audit_conform.dict_name       mmcif_pdbx.dic 
_audit_conform.dict_version    5.387 
_audit_conform.dict_location   http://mmcif.pdb.org/dictionaries/ascii/mmcif_pdbx.dic 
# 
loop_
_database_2.database_id 
_database_2.database_code 
_database_2.pdbx_database_accession 
_database_2.pdbx_DOI 
PDB   4F2E         pdb_00004f2e 10.2210/pdb4f2e/pdb 
RCSB  RCSB072368   ?            ?                   
WWPDB D_1000072368 ?            ?                   
# 
loop_
_pdbx_audit_revision_history.ordinal 
_pdbx_audit_revision_history.data_content_type 
_pdbx_audit_revision_history.major_revision 
_pdbx_audit_revision_history.minor_revision 
_pdbx_audit_revision_history.revision_date 
1 'Structure model' 1 0 2013-01-30 
2 'Structure model' 1 1 2013-02-13 
3 'Structure model' 1 2 2013-03-06 
4 'Structure model' 1 3 2024-02-28 
# 
_pdbx_audit_revision_details.ordinal             1 
_pdbx_audit_revision_details.revision_ordinal    1 
_pdbx_audit_revision_details.data_content_type   'Structure model' 
_pdbx_audit_revision_details.provider            repository 
_pdbx_audit_revision_details.type                'Initial release' 
_pdbx_audit_revision_details.description         ? 
_pdbx_audit_revision_details.details             ? 
# 
loop_
_pdbx_audit_revision_group.ordinal 
_pdbx_audit_revision_group.revision_ordinal 
_pdbx_audit_revision_group.data_content_type 
_pdbx_audit_revision_group.group 
1 2 'Structure model' 'Database references'  
2 3 'Structure model' 'Database references'  
3 4 'Structure model' 'Data collection'      
4 4 'Structure model' 'Database references'  
5 4 'Structure model' 'Derived calculations' 
# 
loop_
_pdbx_audit_revision_category.ordinal 
_pdbx_audit_revision_category.revision_ordinal 
_pdbx_audit_revision_category.data_content_type 
_pdbx_audit_revision_category.category 
1 4 'Structure model' chem_comp_atom               
2 4 'Structure model' chem_comp_bond               
3 4 'Structure model' database_2                   
4 4 'Structure model' pdbx_struct_special_symmetry 
5 4 'Structure model' struct_conn                  
6 4 'Structure model' struct_ref_seq_dif           
7 4 'Structure model' struct_site                  
# 
loop_
_pdbx_audit_revision_item.ordinal 
_pdbx_audit_revision_item.revision_ordinal 
_pdbx_audit_revision_item.data_content_type 
_pdbx_audit_revision_item.item 
1  4 'Structure model' '_database_2.pdbx_DOI'                
2  4 'Structure model' '_database_2.pdbx_database_accession' 
3  4 'Structure model' '_struct_conn.pdbx_dist_value'        
4  4 'Structure model' '_struct_conn.ptnr1_auth_seq_id'      
5  4 'Structure model' '_struct_conn.ptnr1_label_seq_id'     
6  4 'Structure model' '_struct_conn.ptnr2_auth_seq_id'      
7  4 'Structure model' '_struct_conn.ptnr2_label_asym_id'    
8  4 'Structure model' '_struct_ref_seq_dif.details'         
9  4 'Structure model' '_struct_site.pdbx_auth_asym_id'      
10 4 'Structure model' '_struct_site.pdbx_auth_comp_id'      
11 4 'Structure model' '_struct_site.pdbx_auth_seq_id'       
# 
_pdbx_database_status.status_code                     REL 
_pdbx_database_status.entry_id                        4F2E 
_pdbx_database_status.recvd_initial_deposition_date   2012-05-07 
_pdbx_database_status.deposit_site                    RCSB 
_pdbx_database_status.process_site                    RCSB 
_pdbx_database_status.status_code_sf                  REL 
_pdbx_database_status.status_code_mr                  ? 
_pdbx_database_status.SG_entry                        ? 
_pdbx_database_status.status_code_cs                  ? 
_pdbx_database_status.methods_development_category    ? 
_pdbx_database_status.pdb_format_compatible           Y 
_pdbx_database_status.status_code_nmr_data            ? 
# 
_pdbx_database_related.db_name        PDB 
_pdbx_database_related.db_id          4F2F 
_pdbx_database_related.details        . 
_pdbx_database_related.content_type   unspecified 
# 
loop_
_audit_author.name 
_audit_author.pdbx_ordinal 
'Fu, Y.'         1 
'Dann III, C.E.' 2 
'Giedroc, D.P.'  3 
# 
_citation.id                        primary 
_citation.title                     'A new structural paradigm in copper resistance in Streptococcus pneumoniae.' 
_citation.journal_abbrev            Nat.Chem.Biol. 
_citation.journal_volume            9 
_citation.page_first                177 
_citation.page_last                 183 
_citation.year                      2013 
_citation.journal_id_ASTM           ? 
_citation.country                   US 
_citation.journal_id_ISSN           1552-4450 
_citation.journal_id_CSD            ? 
_citation.book_publisher            ? 
_citation.pdbx_database_id_PubMed   23354287 
_citation.pdbx_database_id_DOI      10.1038/nchembio.1168 
# 
loop_
_citation_author.citation_id 
_citation_author.name 
_citation_author.ordinal 
_citation_author.identifier_ORCID 
primary 'Fu, Y.'            1  ? 
primary 'Tsui, H.C.'        2  ? 
primary 'Bruce, K.E.'       3  ? 
primary 'Sham, L.T.'        4  ? 
primary 'Higgins, K.A.'     5  ? 
primary 'Lisher, J.P.'      6  ? 
primary 'Kazmierczak, K.M.' 7  ? 
primary 'Maroney, M.J.'     8  ? 
primary 'Dann, C.E.'        9  ? 
primary 'Winkler, M.E.'     10 ? 
primary 'Giedroc, D.P.'     11 ? 
# 
loop_
_entity.id 
_entity.type 
_entity.src_method 
_entity.pdbx_description 
_entity.formula_weight 
_entity.pdbx_number_of_molecules 
_entity.pdbx_ec 
_entity.pdbx_mutation 
_entity.pdbx_fragment 
_entity.details 
1 polymer     man CupA             10887.588 1   ? ? 'UNP residues 29-123' ? 
2 non-polymer syn 'COPPER (I) ION' 63.546    2   ? ? ?                     ? 
3 non-polymer syn 'CHLORIDE ION'   35.453    1   ? ? ?                     ? 
4 water       nat water            18.015    192 ? ? ?                     ? 
# 
_entity_poly.entity_id                      1 
_entity_poly.type                           'polypeptide(L)' 
_entity_poly.nstd_linkage                   no 
_entity_poly.nstd_monomer                   no 
_entity_poly.pdbx_seq_one_letter_code       
;GAMGQKAQQKNGYQEIRVEVMGGYTPELIVLKKSVPARIVFDRKDPSPCLDQIVFPDFGVHANLPMGEEYVVEITPEQAG
EFSFACGMNMMHGKMIVE
;
_entity_poly.pdbx_seq_one_letter_code_can   
;GAMGQKAQQKNGYQEIRVEVMGGYTPELIVLKKSVPARIVFDRKDPSPCLDQIVFPDFGVHANLPMGEEYVVEITPEQAG
EFSFACGMNMMHGKMIVE
;
_entity_poly.pdbx_strand_id                 A 
_entity_poly.pdbx_target_identifier         ? 
# 
loop_
_pdbx_entity_nonpoly.entity_id 
_pdbx_entity_nonpoly.name 
_pdbx_entity_nonpoly.comp_id 
2 'COPPER (I) ION' CU1 
3 'CHLORIDE ION'   CL  
4 water            HOH 
# 
loop_
_entity_poly_seq.entity_id 
_entity_poly_seq.num 
_entity_poly_seq.mon_id 
_entity_poly_seq.hetero 
1 1  GLY n 
1 2  ALA n 
1 3  MET n 
1 4  GLY n 
1 5  GLN n 
1 6  LYS n 
1 7  ALA n 
1 8  GLN n 
1 9  GLN n 
1 10 LYS n 
1 11 ASN n 
1 12 GLY n 
1 13 TYR n 
1 14 GLN n 
1 15 GLU n 
1 16 ILE n 
1 17 ARG n 
1 18 VAL n 
1 19 GLU n 
1 20 VAL n 
1 21 MET n 
1 22 GLY n 
1 23 GLY n 
1 24 TYR n 
1 25 THR n 
1 26 PRO n 
1 27 GLU n 
1 28 LEU n 
1 29 ILE n 
1 30 VAL n 
1 31 LEU n 
1 32 LYS n 
1 33 LYS n 
1 34 SER n 
1 35 VAL n 
1 36 PRO n 
1 37 ALA n 
1 38 ARG n 
1 39 ILE n 
1 40 VAL n 
1 41 PHE n 
1 42 ASP n 
1 43 ARG n 
1 44 LYS n 
1 45 ASP n 
1 46 PRO n 
1 47 SER n 
1 48 PRO n 
1 49 CYS n 
1 50 LEU n 
1 51 ASP n 
1 52 GLN n 
1 53 ILE n 
1 54 VAL n 
1 55 PHE n 
1 56 PRO n 
1 57 ASP n 
1 58 PHE n 
1 59 GLY n 
1 60 VAL n 
1 61 HIS n 
1 62 ALA n 
1 63 ASN n 
1 64 LEU n 
1 65 PRO n 
1 66 MET n 
1 67 GLY n 
1 68 GLU n 
1 69 GLU n 
1 70 TYR n 
1 71 VAL n 
1 72 VAL n 
1 73 GLU n 
1 74 ILE n 
1 75 THR n 
1 76 PRO n 
1 77 GLU n 
1 78 GLN n 
1 79 ALA n 
1 80 GLY n 
1 81 GLU n 
1 82 PHE n 
1 83 SER n 
1 84 PHE n 
1 85 ALA n 
1 86 CYS n 
1 87 GLY n 
1 88 MET n 
1 89 ASN n 
1 90 MET n 
1 91 MET n 
1 92 HIS n 
1 93 GLY n 
1 94 LYS n 
1 95 MET n 
1 96 ILE n 
1 97 VAL n 
1 98 GLU n 
# 
_entity_src_gen.entity_id                          1 
_entity_src_gen.pdbx_src_id                        1 
_entity_src_gen.pdbx_alt_source_flag               sample 
_entity_src_gen.pdbx_seq_type                      ? 
_entity_src_gen.pdbx_beg_seq_num                   ? 
_entity_src_gen.pdbx_end_seq_num                   ? 
_entity_src_gen.gene_src_common_name               ? 
_entity_src_gen.gene_src_genus                     ? 
_entity_src_gen.pdbx_gene_src_gene                 'SPD0634, SPD_0634' 
_entity_src_gen.gene_src_species                   ? 
_entity_src_gen.gene_src_strain                    'D39 / NCTC 7466' 
_entity_src_gen.gene_src_tissue                    ? 
_entity_src_gen.gene_src_tissue_fraction           ? 
_entity_src_gen.gene_src_details                   ? 
_entity_src_gen.pdbx_gene_src_fragment             ? 
_entity_src_gen.pdbx_gene_src_scientific_name      'Streptococcus pneumoniae' 
_entity_src_gen.pdbx_gene_src_ncbi_taxonomy_id     373153 
_entity_src_gen.pdbx_gene_src_variant              ? 
_entity_src_gen.pdbx_gene_src_cell_line            ? 
_entity_src_gen.pdbx_gene_src_atcc                 ? 
_entity_src_gen.pdbx_gene_src_organ                ? 
_entity_src_gen.pdbx_gene_src_organelle            ? 
_entity_src_gen.pdbx_gene_src_cell                 ? 
_entity_src_gen.pdbx_gene_src_cellular_location    ? 
_entity_src_gen.host_org_common_name               ? 
_entity_src_gen.pdbx_host_org_scientific_name      'Escherichia coli' 
_entity_src_gen.pdbx_host_org_ncbi_taxonomy_id     469008 
_entity_src_gen.host_org_genus                     ? 
_entity_src_gen.pdbx_host_org_gene                 ? 
_entity_src_gen.pdbx_host_org_organ                ? 
_entity_src_gen.host_org_species                   ? 
_entity_src_gen.pdbx_host_org_tissue               ? 
_entity_src_gen.pdbx_host_org_tissue_fraction      ? 
_entity_src_gen.pdbx_host_org_strain               'BL21(DE3)' 
_entity_src_gen.pdbx_host_org_variant              ? 
_entity_src_gen.pdbx_host_org_cell_line            ? 
_entity_src_gen.pdbx_host_org_atcc                 ? 
_entity_src_gen.pdbx_host_org_culture_collection   ? 
_entity_src_gen.pdbx_host_org_cell                 ? 
_entity_src_gen.pdbx_host_org_organelle            ? 
_entity_src_gen.pdbx_host_org_cellular_location    ? 
_entity_src_gen.pdbx_host_org_vector_type          plasmid 
_entity_src_gen.pdbx_host_org_vector               ? 
_entity_src_gen.host_org_details                   ? 
_entity_src_gen.expression_system_id               ? 
_entity_src_gen.plasmid_name                       pHis 
_entity_src_gen.plasmid_details                    ? 
_entity_src_gen.pdbx_description                   ? 
# 
loop_
_chem_comp.id 
_chem_comp.type 
_chem_comp.mon_nstd_flag 
_chem_comp.name 
_chem_comp.pdbx_synonyms 
_chem_comp.formula 
_chem_comp.formula_weight 
ALA 'L-peptide linking' y ALANINE          ? 'C3 H7 N O2'     89.093  
ARG 'L-peptide linking' y ARGININE         ? 'C6 H15 N4 O2 1' 175.209 
ASN 'L-peptide linking' y ASPARAGINE       ? 'C4 H8 N2 O3'    132.118 
ASP 'L-peptide linking' y 'ASPARTIC ACID'  ? 'C4 H7 N O4'     133.103 
CL  non-polymer         . 'CHLORIDE ION'   ? 'Cl -1'          35.453  
CU1 non-polymer         . 'COPPER (I) ION' ? 'Cu 1'           63.546  
CYS 'L-peptide linking' y CYSTEINE         ? 'C3 H7 N O2 S'   121.158 
GLN 'L-peptide linking' y GLUTAMINE        ? 'C5 H10 N2 O3'   146.144 
GLU 'L-peptide linking' y 'GLUTAMIC ACID'  ? 'C5 H9 N O4'     147.129 
GLY 'peptide linking'   y GLYCINE          ? 'C2 H5 N O2'     75.067  
HIS 'L-peptide linking' y HISTIDINE        ? 'C6 H10 N3 O2 1' 156.162 
HOH non-polymer         . WATER            ? 'H2 O'           18.015  
ILE 'L-peptide linking' y ISOLEUCINE       ? 'C6 H13 N O2'    131.173 
LEU 'L-peptide linking' y LEUCINE          ? 'C6 H13 N O2'    131.173 
LYS 'L-peptide linking' y LYSINE           ? 'C6 H15 N2 O2 1' 147.195 
MET 'L-peptide linking' y METHIONINE       ? 'C5 H11 N O2 S'  149.211 
PHE 'L-peptide linking' y PHENYLALANINE    ? 'C9 H11 N O2'    165.189 
PRO 'L-peptide linking' y PROLINE          ? 'C5 H9 N O2'     115.130 
SER 'L-peptide linking' y SERINE           ? 'C3 H7 N O3'     105.093 
THR 'L-peptide linking' y THREONINE        ? 'C4 H9 N O3'     119.119 
TYR 'L-peptide linking' y TYROSINE         ? 'C9 H11 N O3'    181.189 
VAL 'L-peptide linking' y VALINE           ? 'C5 H11 N O2'    117.146 
# 
loop_
_pdbx_poly_seq_scheme.asym_id 
_pdbx_poly_seq_scheme.entity_id 
_pdbx_poly_seq_scheme.seq_id 
_pdbx_poly_seq_scheme.mon_id 
_pdbx_poly_seq_scheme.ndb_seq_num 
_pdbx_poly_seq_scheme.pdb_seq_num 
_pdbx_poly_seq_scheme.auth_seq_num 
_pdbx_poly_seq_scheme.pdb_mon_id 
_pdbx_poly_seq_scheme.auth_mon_id 
_pdbx_poly_seq_scheme.pdb_strand_id 
_pdbx_poly_seq_scheme.pdb_ins_code 
_pdbx_poly_seq_scheme.hetero 
A 1 1  GLY 1  26  26  GLY GLY A . n 
A 1 2  ALA 2  27  27  ALA ALA A . n 
A 1 3  MET 3  28  28  MET MET A . n 
A 1 4  GLY 4  29  29  GLY GLY A . n 
A 1 5  GLN 5  30  30  GLN GLN A . n 
A 1 6  LYS 6  31  31  LYS LYS A . n 
A 1 7  ALA 7  32  32  ALA ALA A . n 
A 1 8  GLN 8  33  33  GLN GLN A . n 
A 1 9  GLN 9  34  34  GLN GLN A . n 
A 1 10 LYS 10 35  35  LYS LYS A . n 
A 1 11 ASN 11 36  36  ASN ASN A . n 
A 1 12 GLY 12 37  37  GLY GLY A . n 
A 1 13 TYR 13 38  38  TYR TYR A . n 
A 1 14 GLN 14 39  39  GLN GLN A . n 
A 1 15 GLU 15 40  40  GLU GLU A . n 
A 1 16 ILE 16 41  41  ILE ILE A . n 
A 1 17 ARG 17 42  42  ARG ARG A . n 
A 1 18 VAL 18 43  43  VAL VAL A . n 
A 1 19 GLU 19 44  44  GLU GLU A . n 
A 1 20 VAL 20 45  45  VAL VAL A . n 
A 1 21 MET 21 46  46  MET MET A . n 
A 1 22 GLY 22 47  47  GLY GLY A . n 
A 1 23 GLY 23 48  48  GLY GLY A . n 
A 1 24 TYR 24 49  49  TYR TYR A . n 
A 1 25 THR 25 50  50  THR THR A . n 
A 1 26 PRO 26 51  51  PRO PRO A . n 
A 1 27 GLU 27 52  52  GLU GLU A . n 
A 1 28 LEU 28 53  53  LEU LEU A . n 
A 1 29 ILE 29 54  54  ILE ILE A . n 
A 1 30 VAL 30 55  55  VAL VAL A . n 
A 1 31 LEU 31 56  56  LEU LEU A . n 
A 1 32 LYS 32 57  57  LYS LYS A . n 
A 1 33 LYS 33 58  58  LYS LYS A . n 
A 1 34 SER 34 59  59  SER SER A . n 
A 1 35 VAL 35 60  60  VAL VAL A . n 
A 1 36 PRO 36 61  61  PRO PRO A . n 
A 1 37 ALA 37 62  62  ALA ALA A . n 
A 1 38 ARG 38 63  63  ARG ARG A . n 
A 1 39 ILE 39 64  64  ILE ILE A . n 
A 1 40 VAL 40 65  65  VAL VAL A . n 
A 1 41 PHE 41 66  66  PHE PHE A . n 
A 1 42 ASP 42 67  67  ASP ASP A . n 
A 1 43 ARG 43 68  68  ARG ARG A . n 
A 1 44 LYS 44 69  69  LYS LYS A . n 
A 1 45 ASP 45 70  70  ASP ASP A . n 
A 1 46 PRO 46 71  71  PRO PRO A . n 
A 1 47 SER 47 72  72  SER SER A . n 
A 1 48 PRO 48 73  73  PRO PRO A . n 
A 1 49 CYS 49 74  74  CYS CYS A . n 
A 1 50 LEU 50 75  75  LEU LEU A . n 
A 1 51 ASP 51 76  76  ASP ASP A . n 
A 1 52 GLN 52 77  77  GLN GLN A . n 
A 1 53 ILE 53 78  78  ILE ILE A . n 
A 1 54 VAL 54 79  79  VAL VAL A . n 
A 1 55 PHE 55 80  80  PHE PHE A . n 
A 1 56 PRO 56 81  81  PRO PRO A . n 
A 1 57 ASP 57 82  82  ASP ASP A . n 
A 1 58 PHE 58 83  83  PHE PHE A . n 
A 1 59 GLY 59 84  84  GLY GLY A . n 
A 1 60 VAL 60 85  85  VAL VAL A . n 
A 1 61 HIS 61 86  86  HIS HIS A . n 
A 1 62 ALA 62 87  87  ALA ALA A . n 
A 1 63 ASN 63 88  88  ASN ASN A . n 
A 1 64 LEU 64 89  89  LEU LEU A . n 
A 1 65 PRO 65 90  90  PRO PRO A . n 
A 1 66 MET 66 91  91  MET MET A . n 
A 1 67 GLY 67 92  92  GLY GLY A . n 
A 1 68 GLU 68 93  93  GLU GLU A . n 
A 1 69 GLU 69 94  94  GLU GLU A . n 
A 1 70 TYR 70 95  95  TYR TYR A . n 
A 1 71 VAL 71 96  96  VAL VAL A . n 
A 1 72 VAL 72 97  97  VAL VAL A . n 
A 1 73 GLU 73 98  98  GLU GLU A . n 
A 1 74 ILE 74 99  99  ILE ILE A . n 
A 1 75 THR 75 100 100 THR THR A . n 
A 1 76 PRO 76 101 101 PRO PRO A . n 
A 1 77 GLU 77 102 102 GLU GLU A . n 
A 1 78 GLN 78 103 103 GLN GLN A . n 
A 1 79 ALA 79 104 104 ALA ALA A . n 
A 1 80 GLY 80 105 105 GLY GLY A . n 
A 1 81 GLU 81 106 106 GLU ALA A . n 
A 1 82 PHE 82 107 107 PHE PHE A . n 
A 1 83 SER 83 108 108 SER SER A . n 
A 1 84 PHE 84 109 109 PHE PHE A . n 
A 1 85 ALA 85 110 110 ALA ALA A . n 
A 1 86 CYS 86 111 111 CYS CYS A . n 
A 1 87 GLY 87 112 112 GLY GLY A . n 
A 1 88 MET 88 113 113 MET MET A . n 
A 1 89 ASN 89 114 114 ASN ASN A . n 
A 1 90 MET 90 115 115 MET MET A . n 
A 1 91 MET 91 116 116 MET MET A . n 
A 1 92 HIS 92 117 117 HIS HIS A . n 
A 1 93 GLY 93 118 118 GLY GLY A . n 
A 1 94 LYS 94 119 119 LYS ALA A . n 
A 1 95 MET 95 120 120 MET MET A . n 
A 1 96 ILE 96 121 121 ILE ILE A . n 
A 1 97 VAL 97 122 122 VAL VAL A . n 
A 1 98 GLU 98 123 123 GLU GLU A . n 
# 
loop_
_pdbx_nonpoly_scheme.asym_id 
_pdbx_nonpoly_scheme.entity_id 
_pdbx_nonpoly_scheme.mon_id 
_pdbx_nonpoly_scheme.ndb_seq_num 
_pdbx_nonpoly_scheme.pdb_seq_num 
_pdbx_nonpoly_scheme.auth_seq_num 
_pdbx_nonpoly_scheme.pdb_mon_id 
_pdbx_nonpoly_scheme.auth_mon_id 
_pdbx_nonpoly_scheme.pdb_strand_id 
_pdbx_nonpoly_scheme.pdb_ins_code 
B 2 CU1 1   201 126 CU1 CU1 A . 
C 2 CU1 1   202 127 CU1 CU1 A . 
D 3 CL  1   203 131 CL  CL  A . 
E 4 HOH 1   301 1   HOH HOH A . 
E 4 HOH 2   302 2   HOH HOH A . 
E 4 HOH 3   303 3   HOH HOH A . 
E 4 HOH 4   304 4   HOH HOH A . 
E 4 HOH 5   305 5   HOH HOH A . 
E 4 HOH 6   306 6   HOH HOH A . 
E 4 HOH 7   307 7   HOH HOH A . 
E 4 HOH 8   308 8   HOH HOH A . 
E 4 HOH 9   309 9   HOH HOH A . 
E 4 HOH 10  310 10  HOH HOH A . 
E 4 HOH 11  311 11  HOH HOH A . 
E 4 HOH 12  312 12  HOH HOH A . 
E 4 HOH 13  313 13  HOH HOH A . 
E 4 HOH 14  314 14  HOH HOH A . 
E 4 HOH 15  315 15  HOH HOH A . 
E 4 HOH 16  316 16  HOH HOH A . 
E 4 HOH 17  317 17  HOH HOH A . 
E 4 HOH 18  318 18  HOH HOH A . 
E 4 HOH 19  319 19  HOH HOH A . 
E 4 HOH 20  320 20  HOH HOH A . 
E 4 HOH 21  321 21  HOH HOH A . 
E 4 HOH 22  322 22  HOH HOH A . 
E 4 HOH 23  323 23  HOH HOH A . 
E 4 HOH 24  324 24  HOH HOH A . 
E 4 HOH 25  325 25  HOH HOH A . 
E 4 HOH 26  326 26  HOH HOH A . 
E 4 HOH 27  327 27  HOH HOH A . 
E 4 HOH 28  328 28  HOH HOH A . 
E 4 HOH 29  329 29  HOH HOH A . 
E 4 HOH 30  330 30  HOH HOH A . 
E 4 HOH 31  331 31  HOH HOH A . 
E 4 HOH 32  332 32  HOH HOH A . 
E 4 HOH 33  333 33  HOH HOH A . 
E 4 HOH 34  334 34  HOH HOH A . 
E 4 HOH 35  335 35  HOH HOH A . 
E 4 HOH 36  336 36  HOH HOH A . 
E 4 HOH 37  337 37  HOH HOH A . 
E 4 HOH 38  338 38  HOH HOH A . 
E 4 HOH 39  339 39  HOH HOH A . 
E 4 HOH 40  340 40  HOH HOH A . 
E 4 HOH 41  341 41  HOH HOH A . 
E 4 HOH 42  342 42  HOH HOH A . 
E 4 HOH 43  343 43  HOH HOH A . 
E 4 HOH 44  344 44  HOH HOH A . 
E 4 HOH 45  345 45  HOH HOH A . 
E 4 HOH 46  346 46  HOH HOH A . 
E 4 HOH 47  347 47  HOH HOH A . 
E 4 HOH 48  348 48  HOH HOH A . 
E 4 HOH 49  349 49  HOH HOH A . 
E 4 HOH 50  350 50  HOH HOH A . 
E 4 HOH 51  351 51  HOH HOH A . 
E 4 HOH 52  352 52  HOH HOH A . 
E 4 HOH 53  353 53  HOH HOH A . 
E 4 HOH 54  354 54  HOH HOH A . 
E 4 HOH 55  355 55  HOH HOH A . 
E 4 HOH 56  356 56  HOH HOH A . 
E 4 HOH 57  357 57  HOH HOH A . 
E 4 HOH 58  358 58  HOH HOH A . 
E 4 HOH 59  359 59  HOH HOH A . 
E 4 HOH 60  360 60  HOH HOH A . 
E 4 HOH 61  361 61  HOH HOH A . 
E 4 HOH 62  362 62  HOH HOH A . 
E 4 HOH 63  363 63  HOH HOH A . 
E 4 HOH 64  364 64  HOH HOH A . 
E 4 HOH 65  365 65  HOH HOH A . 
E 4 HOH 66  366 66  HOH HOH A . 
E 4 HOH 67  367 67  HOH HOH A . 
E 4 HOH 68  368 68  HOH HOH A . 
E 4 HOH 69  369 69  HOH HOH A . 
E 4 HOH 70  370 70  HOH HOH A . 
E 4 HOH 71  371 71  HOH HOH A . 
E 4 HOH 72  372 72  HOH HOH A . 
E 4 HOH 73  373 73  HOH HOH A . 
E 4 HOH 74  374 74  HOH HOH A . 
E 4 HOH 75  375 75  HOH HOH A . 
E 4 HOH 76  376 76  HOH HOH A . 
E 4 HOH 77  377 77  HOH HOH A . 
E 4 HOH 78  378 78  HOH HOH A . 
E 4 HOH 79  379 79  HOH HOH A . 
E 4 HOH 80  380 80  HOH HOH A . 
E 4 HOH 81  381 81  HOH HOH A . 
E 4 HOH 82  382 82  HOH HOH A . 
E 4 HOH 83  383 83  HOH HOH A . 
E 4 HOH 84  384 84  HOH HOH A . 
E 4 HOH 85  385 85  HOH HOH A . 
E 4 HOH 86  386 86  HOH HOH A . 
E 4 HOH 87  387 87  HOH HOH A . 
E 4 HOH 88  388 88  HOH HOH A . 
E 4 HOH 89  389 89  HOH HOH A . 
E 4 HOH 90  390 90  HOH HOH A . 
E 4 HOH 91  391 91  HOH HOH A . 
E 4 HOH 92  392 92  HOH HOH A . 
E 4 HOH 93  393 93  HOH HOH A . 
E 4 HOH 94  394 94  HOH HOH A . 
E 4 HOH 95  395 95  HOH HOH A . 
E 4 HOH 96  396 96  HOH HOH A . 
E 4 HOH 97  397 97  HOH HOH A . 
E 4 HOH 98  398 98  HOH HOH A . 
E 4 HOH 99  399 99  HOH HOH A . 
E 4 HOH 100 400 100 HOH HOH A . 
E 4 HOH 101 401 101 HOH HOH A . 
E 4 HOH 102 402 102 HOH HOH A . 
E 4 HOH 103 403 103 HOH HOH A . 
E 4 HOH 104 404 104 HOH HOH A . 
E 4 HOH 105 405 105 HOH HOH A . 
E 4 HOH 106 406 106 HOH HOH A . 
E 4 HOH 107 407 107 HOH HOH A . 
E 4 HOH 108 408 108 HOH HOH A . 
E 4 HOH 109 409 109 HOH HOH A . 
E 4 HOH 110 410 110 HOH HOH A . 
E 4 HOH 111 411 111 HOH HOH A . 
E 4 HOH 112 412 112 HOH HOH A . 
E 4 HOH 113 413 113 HOH HOH A . 
E 4 HOH 114 414 114 HOH HOH A . 
E 4 HOH 115 415 115 HOH HOH A . 
E 4 HOH 116 416 116 HOH HOH A . 
E 4 HOH 117 417 117 HOH HOH A . 
E 4 HOH 118 418 118 HOH HOH A . 
E 4 HOH 119 419 119 HOH HOH A . 
E 4 HOH 120 420 120 HOH HOH A . 
E 4 HOH 121 421 121 HOH HOH A . 
E 4 HOH 122 422 122 HOH HOH A . 
E 4 HOH 123 423 123 HOH HOH A . 
E 4 HOH 124 424 124 HOH HOH A . 
E 4 HOH 125 425 125 HOH HOH A . 
E 4 HOH 126 426 126 HOH HOH A . 
E 4 HOH 127 427 127 HOH HOH A . 
E 4 HOH 128 428 128 HOH HOH A . 
E 4 HOH 129 429 129 HOH HOH A . 
E 4 HOH 130 430 130 HOH HOH A . 
E 4 HOH 131 431 131 HOH HOH A . 
E 4 HOH 132 432 132 HOH HOH A . 
E 4 HOH 133 433 133 HOH HOH A . 
E 4 HOH 134 434 134 HOH HOH A . 
E 4 HOH 135 435 135 HOH HOH A . 
E 4 HOH 136 436 136 HOH HOH A . 
E 4 HOH 137 437 137 HOH HOH A . 
E 4 HOH 138 438 138 HOH HOH A . 
E 4 HOH 139 439 139 HOH HOH A . 
E 4 HOH 140 440 140 HOH HOH A . 
E 4 HOH 141 441 141 HOH HOH A . 
E 4 HOH 142 442 142 HOH HOH A . 
E 4 HOH 143 443 143 HOH HOH A . 
E 4 HOH 144 444 144 HOH HOH A . 
E 4 HOH 145 445 145 HOH HOH A . 
E 4 HOH 146 446 146 HOH HOH A . 
E 4 HOH 147 447 147 HOH HOH A . 
E 4 HOH 148 448 148 HOH HOH A . 
E 4 HOH 149 449 149 HOH HOH A . 
E 4 HOH 150 450 150 HOH HOH A . 
E 4 HOH 151 451 151 HOH HOH A . 
E 4 HOH 152 452 152 HOH HOH A . 
E 4 HOH 153 453 153 HOH HOH A . 
E 4 HOH 154 454 154 HOH HOH A . 
E 4 HOH 155 455 155 HOH HOH A . 
E 4 HOH 156 456 156 HOH HOH A . 
E 4 HOH 157 457 157 HOH HOH A . 
E 4 HOH 158 458 158 HOH HOH A . 
E 4 HOH 159 459 159 HOH HOH A . 
E 4 HOH 160 460 160 HOH HOH A . 
E 4 HOH 161 461 161 HOH HOH A . 
E 4 HOH 162 462 162 HOH HOH A . 
E 4 HOH 163 463 163 HOH HOH A . 
E 4 HOH 164 464 164 HOH HOH A . 
E 4 HOH 165 465 165 HOH HOH A . 
E 4 HOH 166 466 166 HOH HOH A . 
E 4 HOH 167 467 167 HOH HOH A . 
E 4 HOH 168 468 168 HOH HOH A . 
E 4 HOH 169 469 169 HOH HOH A . 
E 4 HOH 170 470 170 HOH HOH A . 
E 4 HOH 171 471 171 HOH HOH A . 
E 4 HOH 172 472 172 HOH HOH A . 
E 4 HOH 173 473 173 HOH HOH A . 
E 4 HOH 174 474 174 HOH HOH A . 
E 4 HOH 175 475 175 HOH HOH A . 
E 4 HOH 176 476 176 HOH HOH A . 
E 4 HOH 177 477 177 HOH HOH A . 
E 4 HOH 178 478 178 HOH HOH A . 
E 4 HOH 179 479 179 HOH HOH A . 
E 4 HOH 180 480 180 HOH HOH A . 
E 4 HOH 181 481 181 HOH HOH A . 
E 4 HOH 182 482 182 HOH HOH A . 
E 4 HOH 183 483 183 HOH HOH A . 
E 4 HOH 184 484 184 HOH HOH A . 
E 4 HOH 185 485 185 HOH HOH A . 
E 4 HOH 186 486 186 HOH HOH A . 
E 4 HOH 187 487 187 HOH HOH A . 
E 4 HOH 188 488 188 HOH HOH A . 
E 4 HOH 189 489 189 HOH HOH A . 
E 4 HOH 190 490 190 HOH HOH A . 
E 4 HOH 191 491 191 HOH HOH A . 
E 4 HOH 192 492 192 HOH HOH A . 
# 
loop_
_pdbx_unobs_or_zero_occ_atoms.id 
_pdbx_unobs_or_zero_occ_atoms.PDB_model_num 
_pdbx_unobs_or_zero_occ_atoms.polymer_flag 
_pdbx_unobs_or_zero_occ_atoms.occupancy_flag 
_pdbx_unobs_or_zero_occ_atoms.auth_asym_id 
_pdbx_unobs_or_zero_occ_atoms.auth_comp_id 
_pdbx_unobs_or_zero_occ_atoms.auth_seq_id 
_pdbx_unobs_or_zero_occ_atoms.PDB_ins_code 
_pdbx_unobs_or_zero_occ_atoms.auth_atom_id 
_pdbx_unobs_or_zero_occ_atoms.label_alt_id 
_pdbx_unobs_or_zero_occ_atoms.label_asym_id 
_pdbx_unobs_or_zero_occ_atoms.label_comp_id 
_pdbx_unobs_or_zero_occ_atoms.label_seq_id 
_pdbx_unobs_or_zero_occ_atoms.label_atom_id 
1 1 Y 1 A GLU 106 ? CG  ? A GLU 81 CG  
2 1 Y 1 A GLU 106 ? CD  ? A GLU 81 CD  
3 1 Y 1 A GLU 106 ? OE1 ? A GLU 81 OE1 
4 1 Y 1 A GLU 106 ? OE2 ? A GLU 81 OE2 
5 1 Y 1 A LYS 119 ? CG  ? A LYS 94 CG  
6 1 Y 1 A LYS 119 ? CD  ? A LYS 94 CD  
7 1 Y 1 A LYS 119 ? CE  ? A LYS 94 CE  
8 1 Y 1 A LYS 119 ? NZ  ? A LYS 94 NZ  
# 
loop_
_software.name 
_software.classification 
_software.version 
_software.citation_id 
_software.pdbx_ordinal 
HKL-2000 'data collection' .                            ? 1 
PHENIX   'model building'  .                            ? 2 
PHENIX   refinement        '(phenix.refine: 1.7.1_743)' ? 3 
HKL-2000 'data reduction'  .                            ? 4 
HKL-2000 'data scaling'    .                            ? 5 
PHENIX   phasing           .                            ? 6 
# 
_cell.entry_id           4F2E 
_cell.length_a           47.208 
_cell.length_b           78.647 
_cell.length_c           23.455 
_cell.angle_alpha        90.00 
_cell.angle_beta         90.00 
_cell.angle_gamma        90.00 
_cell.Z_PDB              4 
_cell.pdbx_unique_axis   ? 
_cell.length_a_esd       ? 
_cell.length_b_esd       ? 
_cell.length_c_esd       ? 
_cell.angle_alpha_esd    ? 
_cell.angle_beta_esd     ? 
_cell.angle_gamma_esd    ? 
# 
_symmetry.entry_id                         4F2E 
_symmetry.space_group_name_H-M             'P 21 21 2' 
_symmetry.pdbx_full_space_group_name_H-M   ? 
_symmetry.cell_setting                     ? 
_symmetry.Int_Tables_number                18 
_symmetry.space_group_name_Hall            ? 
# 
_exptl.entry_id          4F2E 
_exptl.method            'X-RAY DIFFRACTION' 
_exptl.crystals_number   1 
# 
_exptl_crystal.id                    1 
_exptl_crystal.density_meas          ? 
_exptl_crystal.density_Matthews      2.00 
_exptl_crystal.density_percent_sol   38.49 
_exptl_crystal.description           ? 
_exptl_crystal.F_000                 ? 
_exptl_crystal.preparation           ? 
# 
_exptl_crystal_grow.crystal_id      1 
_exptl_crystal_grow.method          'VAPOR DIFFUSION, HANGING DROP' 
_exptl_crystal_grow.temp            293 
_exptl_crystal_grow.temp_details    ? 
_exptl_crystal_grow.pH              5.0 
_exptl_crystal_grow.pdbx_details    
'30% w/v PEG3350, 0.1 M sodium citrate tribasic dihydrate, pH 5.0, Deoxy Big CHAP, VAPOR DIFFUSION, HANGING DROP, temperature 293K' 
_exptl_crystal_grow.pdbx_pH_range   ? 
# 
_diffrn.id                     1 
_diffrn.ambient_temp           113 
_diffrn.ambient_temp_details   ? 
_diffrn.crystal_id             1 
# 
_diffrn_detector.diffrn_id              1 
_diffrn_detector.detector               'IMAGE PLATE' 
_diffrn_detector.type                   'RIGAKU RAXIS IV++' 
_diffrn_detector.pdbx_collection_date   2011-06-25 
_diffrn_detector.details                ? 
# 
_diffrn_radiation.diffrn_id                        1 
_diffrn_radiation.wavelength_id                    1 
_diffrn_radiation.pdbx_monochromatic_or_laue_m_l   M 
_diffrn_radiation.monochromator                    'osmic mirrors' 
_diffrn_radiation.pdbx_diffrn_protocol             'SINGLE WAVELENGTH' 
_diffrn_radiation.pdbx_scattering_type             x-ray 
# 
_diffrn_radiation_wavelength.id           1 
_diffrn_radiation_wavelength.wavelength   1.54178 
_diffrn_radiation_wavelength.wt           1.0 
# 
_diffrn_source.diffrn_id                   1 
_diffrn_source.source                      'ROTATING ANODE' 
_diffrn_source.type                        RIGAKU 
_diffrn_source.pdbx_synchrotron_site       ? 
_diffrn_source.pdbx_synchrotron_beamline   ? 
_diffrn_source.pdbx_wavelength             ? 
_diffrn_source.pdbx_wavelength_list        1.54178 
# 
_reflns.entry_id                     4F2E 
_reflns.observed_criterion_sigma_I   0 
_reflns.observed_criterion_sigma_F   0 
_reflns.d_resolution_low             50.0 
_reflns.d_resolution_high            1.449 
_reflns.number_obs                   16187 
_reflns.number_all                   16223 
_reflns.percent_possible_obs         99.8 
_reflns.pdbx_Rmerge_I_obs            0.024 
_reflns.pdbx_Rsym_value              ? 
_reflns.pdbx_netI_over_sigmaI        46.5 
_reflns.B_iso_Wilson_estimate        ? 
_reflns.pdbx_redundancy              6.6 
_reflns.R_free_details               ? 
_reflns.limit_h_max                  ? 
_reflns.limit_h_min                  ? 
_reflns.limit_k_max                  ? 
_reflns.limit_k_min                  ? 
_reflns.limit_l_max                  ? 
_reflns.limit_l_min                  ? 
_reflns.observed_criterion_F_max     ? 
_reflns.observed_criterion_F_min     ? 
_reflns.pdbx_chi_squared             ? 
_reflns.pdbx_scaling_rejects         ? 
_reflns.pdbx_ordinal                 1 
_reflns.pdbx_diffrn_id               1 
# 
loop_
_reflns_shell.d_res_high 
_reflns_shell.d_res_low 
_reflns_shell.percent_possible_all 
_reflns_shell.Rmerge_I_obs 
_reflns_shell.pdbx_Rsym_value 
_reflns_shell.meanI_over_sigI_obs 
_reflns_shell.pdbx_redundancy 
_reflns_shell.percent_possible_obs 
_reflns_shell.number_unique_all 
_reflns_shell.number_measured_all 
_reflns_shell.number_measured_obs 
_reflns_shell.number_unique_obs 
_reflns_shell.pdbx_chi_squared 
_reflns_shell.pdbx_ordinal 
_reflns_shell.pdbx_diffrn_id 
1.449 1.48  99.5  0.183 ? 8.2  6.1 ? ? ? ? ? ? 1  1 
1.48  1.50  99.5  0.160 ? 9.9  6.3 ? ? ? ? ? ? 2  1 
1.50  1.53  99.6  0.130 ? 11   6.4 ? ? ? ? ? ? 3  1 
1.53  1.56  99.8  0.106 ? 12.2 6.4 ? ? ? ? ? ? 4  1 
1.56  1.60  99.9  0.096 ? 12.6 6.4 ? ? ? ? ? ? 5  1 
1.60  1.63  99.5  0.081 ? 13.4 6.5 ? ? ? ? ? ? 6  1 
1.63  1.67  99.6  0.071 ? 13.7 6.5 ? ? ? ? ? ? 7  1 
1.67  1.72  99.9  0.064 ? 14.9 6.6 ? ? ? ? ? ? 8  1 
1.72  1.77  100.0 0.053 ? 16.6 6.6 ? ? ? ? ? ? 9  1 
1.77  1.83  100.0 0.048 ? 17.8 6.6 ? ? ? ? ? ? 10 1 
1.83  1.89  100.0 0.041 ? 19.6 6.7 ? ? ? ? ? ? 11 1 
1.89  1.97  100.0 0.035 ? 23.7 6.7 ? ? ? ? ? ? 12 1 
1.97  2.06  100.0 0.031 ? 30.2 6.8 ? ? ? ? ? ? 13 1 
2.06  2.17  100.0 0.028 ? 39.3 6.8 ? ? ? ? ? ? 14 1 
2.17  2.30  100.0 0.026 ? 47.2 6.9 ? ? ? ? ? ? 15 1 
2.30  2.48  100.0 0.023 ? 52.5 6.8 ? ? ? ? ? ? 16 1 
2.48  2.73  100.0 0.022 ? 53.4 6.9 ? ? ? ? ? ? 17 1 
2.73  3.12  100.0 0.020 ? 60.9 6.9 ? ? ? ? ? ? 18 1 
3.12  3.94  100.0 0.017 ? 69.6 6.7 ? ? ? ? ? ? 19 1 
3.94  50.00 98.5  0.017 ? 70.0 6.3 ? ? ? ? ? ? 20 1 
# 
_refine.entry_id                                 4F2E 
_refine.ls_number_reflns_obs                     16186 
_refine.ls_number_reflns_all                     16223 
_refine.pdbx_ls_sigma_I                          ? 
_refine.pdbx_ls_sigma_F                          1.35 
_refine.pdbx_data_cutoff_high_absF               ? 
_refine.pdbx_data_cutoff_low_absF                ? 
_refine.pdbx_data_cutoff_high_rms_absF           ? 
_refine.ls_d_res_low                             21.005 
_refine.ls_d_res_high                            1.449 
_refine.ls_percent_reflns_obs                    99.78 
_refine.ls_R_factor_obs                          0.1800 
_refine.ls_R_factor_all                          ? 
_refine.ls_R_factor_R_work                       0.1778 
_refine.ls_R_factor_R_free                       0.1998 
_refine.ls_R_factor_R_free_error                 ? 
_refine.ls_R_factor_R_free_error_details         ? 
_refine.ls_percent_reflns_R_free                 10.00 
_refine.ls_number_reflns_R_free                  1619 
_refine.ls_number_parameters                     ? 
_refine.ls_number_restraints                     ? 
_refine.occupancy_min                            ? 
_refine.occupancy_max                            ? 
_refine.correlation_coeff_Fo_to_Fc               ? 
_refine.correlation_coeff_Fo_to_Fc_free          ? 
_refine.B_iso_mean                               ? 
_refine.aniso_B[1][1]                            0.6536 
_refine.aniso_B[2][2]                            -0.7192 
_refine.aniso_B[3][3]                            0.0656 
_refine.aniso_B[1][2]                            -0.0000 
_refine.aniso_B[1][3]                            0.0000 
_refine.aniso_B[2][3]                            0.0000 
_refine.solvent_model_details                    'FLAT BULK SOLVENT MODEL' 
_refine.solvent_model_param_ksol                 0.374 
_refine.solvent_model_param_bsol                 38.508 
_refine.pdbx_solvent_vdw_probe_radii             0.90 
_refine.pdbx_solvent_ion_probe_radii             ? 
_refine.pdbx_solvent_shrinkage_radii             0.61 
_refine.pdbx_ls_cross_valid_method               ? 
_refine.details                                  ? 
_refine.pdbx_starting_model                      ? 
_refine.pdbx_method_to_determine_struct          'MOLECULAR REPLACEMENT' 
_refine.pdbx_isotropic_thermal_model             ? 
_refine.pdbx_stereochemistry_target_values       ML 
_refine.pdbx_stereochem_target_val_spec_case     ? 
_refine.pdbx_R_Free_selection_details            RANDOM 
_refine.pdbx_overall_ESU_R                       ? 
_refine.pdbx_overall_ESU_R_Free                  ? 
_refine.overall_SU_ML                            0.46 
_refine.pdbx_overall_phase_error                 15.79 
_refine.overall_SU_B                             ? 
_refine.overall_SU_R_Cruickshank_DPI             ? 
_refine.ls_redundancy_reflns_obs                 ? 
_refine.B_iso_min                                ? 
_refine.B_iso_max                                ? 
_refine.overall_SU_R_free                        ? 
_refine.ls_wR_factor_R_free                      ? 
_refine.ls_wR_factor_R_work                      ? 
_refine.overall_FOM_free_R_set                   ? 
_refine.overall_FOM_work_R_set                   ? 
_refine.pdbx_diffrn_id                           1 
_refine.pdbx_refine_id                           'X-RAY DIFFRACTION' 
_refine.pdbx_TLS_residual_ADP_flag               ? 
_refine.pdbx_overall_SU_R_free_Cruickshank_DPI   ? 
_refine.pdbx_overall_SU_R_Blow_DPI               ? 
_refine.pdbx_overall_SU_R_free_Blow_DPI          ? 
# 
_refine_hist.pdbx_refine_id                   'X-RAY DIFFRACTION' 
_refine_hist.cycle_id                         LAST 
_refine_hist.pdbx_number_atoms_protein        751 
_refine_hist.pdbx_number_atoms_nucleic_acid   0 
_refine_hist.pdbx_number_atoms_ligand         3 
_refine_hist.number_atoms_solvent             192 
_refine_hist.number_atoms_total               946 
_refine_hist.d_res_high                       1.449 
_refine_hist.d_res_low                        21.005 
# 
loop_
_refine_ls_restr.type 
_refine_ls_restr.dev_ideal 
_refine_ls_restr.dev_ideal_target 
_refine_ls_restr.weight 
_refine_ls_restr.number 
_refine_ls_restr.pdbx_restraint_function 
_refine_ls_restr.pdbx_refine_id 
f_bond_d           0.017  ? ? 801  ? 'X-RAY DIFFRACTION' 
f_angle_d          0.913  ? ? 1086 ? 'X-RAY DIFFRACTION' 
f_dihedral_angle_d 11.892 ? ? 305  ? 'X-RAY DIFFRACTION' 
f_chiral_restr     0.061  ? ? 114  ? 'X-RAY DIFFRACTION' 
f_plane_restr      0.004  ? ? 146  ? 'X-RAY DIFFRACTION' 
# 
loop_
_refine_ls_shell.pdbx_total_number_of_bins_used 
_refine_ls_shell.d_res_high 
_refine_ls_shell.d_res_low 
_refine_ls_shell.number_reflns_R_work 
_refine_ls_shell.R_factor_R_work 
_refine_ls_shell.percent_reflns_obs 
_refine_ls_shell.R_factor_R_free 
_refine_ls_shell.R_factor_R_free_error 
_refine_ls_shell.percent_reflns_R_free 
_refine_ls_shell.number_reflns_R_free 
_refine_ls_shell.number_reflns_all 
_refine_ls_shell.R_factor_all 
_refine_ls_shell.number_reflns_obs 
_refine_ls_shell.redundancy_reflns_obs 
_refine_ls_shell.pdbx_refine_id 
. 1.449  1.4913  1170 0.4584 99.0  0.4522 . . 130 . . . . 'X-RAY DIFFRACTION' 
. 1.4913 1.5394  1186 0.3195 100.0 0.3218 . . 132 . . . . 'X-RAY DIFFRACTION' 
. 1.5394 1.5944  1179 0.2320 100.0 0.2458 . . 131 . . . . 'X-RAY DIFFRACTION' 
. 1.5944 1.6582  1197 0.1814 100.0 0.2115 . . 132 . . . . 'X-RAY DIFFRACTION' 
. 1.6582 1.7337  1192 0.1586 100.0 0.1820 . . 133 . . . . 'X-RAY DIFFRACTION' 
. 1.7337 1.8250  1212 0.1452 100.0 0.1852 . . 135 . . . . 'X-RAY DIFFRACTION' 
. 1.8250 1.9393  1200 0.1618 100.0 0.1860 . . 134 . . . . 'X-RAY DIFFRACTION' 
. 1.9393 2.0889  1201 0.1784 100.0 0.2039 . . 133 . . . . 'X-RAY DIFFRACTION' 
. 2.0889 2.2989  1226 0.1744 100.0 0.2006 . . 136 . . . . 'X-RAY DIFFRACTION' 
. 2.2989 2.6310  1245 0.1797 100.0 0.2082 . . 138 . . . . 'X-RAY DIFFRACTION' 
. 2.6310 3.3127  1237 0.1738 100.0 0.2094 . . 137 . . . . 'X-RAY DIFFRACTION' 
. 3.3127 21.0074 1322 0.1550 100.0 0.1606 . . 148 . . . . 'X-RAY DIFFRACTION' 
# 
_struct.entry_id                  4F2E 
_struct.title                     'Crystal structure of the Streptococcus pneumoniae D39 copper chaperone CupA with Cu(I)' 
_struct.pdbx_model_details        ? 
_struct.pdbx_CASP_flag            ? 
_struct.pdbx_model_type_details   ? 
# 
_struct_keywords.entry_id        4F2E 
_struct_keywords.pdbx_keywords   'METAL TRANSPORT' 
_struct_keywords.text            'cupredoxin fold, Cu(I) chaperone, METAL TRANSPORT' 
# 
loop_
_struct_asym.id 
_struct_asym.pdbx_blank_PDB_chainid_flag 
_struct_asym.pdbx_modified 
_struct_asym.entity_id 
_struct_asym.details 
A N N 1 ? 
B N N 2 ? 
C N N 2 ? 
D N N 3 ? 
E N N 4 ? 
# 
_struct_ref.id                         1 
_struct_ref.db_name                    UNP 
_struct_ref.db_code                    Q04LG8_STRP2 
_struct_ref.pdbx_db_accession          Q04LG8 
_struct_ref.entity_id                  1 
_struct_ref.pdbx_seq_one_letter_code   
;GQKAQQKNGYQEIRVEVMGGYTPELIVLKKSVPARIVFDRKDPSPCLDQIVFPDFGVHANLPMGEEYVVEITPEQAGEFS
FACGMNMMHGKMIVE
;
_struct_ref.pdbx_align_begin           29 
_struct_ref.pdbx_db_isoform            ? 
# 
_struct_ref_seq.align_id                      1 
_struct_ref_seq.ref_id                        1 
_struct_ref_seq.pdbx_PDB_id_code              4F2E 
_struct_ref_seq.pdbx_strand_id                A 
_struct_ref_seq.seq_align_beg                 4 
_struct_ref_seq.pdbx_seq_align_beg_ins_code   ? 
_struct_ref_seq.seq_align_end                 98 
_struct_ref_seq.pdbx_seq_align_end_ins_code   ? 
_struct_ref_seq.pdbx_db_accession             Q04LG8 
_struct_ref_seq.db_align_beg                  29 
_struct_ref_seq.pdbx_db_align_beg_ins_code    ? 
_struct_ref_seq.db_align_end                  123 
_struct_ref_seq.pdbx_db_align_end_ins_code    ? 
_struct_ref_seq.pdbx_auth_seq_align_beg       29 
_struct_ref_seq.pdbx_auth_seq_align_end       123 
# 
loop_
_struct_ref_seq_dif.align_id 
_struct_ref_seq_dif.pdbx_pdb_id_code 
_struct_ref_seq_dif.mon_id 
_struct_ref_seq_dif.pdbx_pdb_strand_id 
_struct_ref_seq_dif.seq_num 
_struct_ref_seq_dif.pdbx_pdb_ins_code 
_struct_ref_seq_dif.pdbx_seq_db_name 
_struct_ref_seq_dif.pdbx_seq_db_accession_code 
_struct_ref_seq_dif.db_mon_id 
_struct_ref_seq_dif.pdbx_seq_db_seq_num 
_struct_ref_seq_dif.details 
_struct_ref_seq_dif.pdbx_auth_seq_num 
_struct_ref_seq_dif.pdbx_ordinal 
1 4F2E GLY A 1 ? UNP Q04LG8 ? ? 'cloning artifact' 26 1 
1 4F2E ALA A 2 ? UNP Q04LG8 ? ? 'cloning artifact' 27 2 
1 4F2E MET A 3 ? UNP Q04LG8 ? ? 'cloning artifact' 28 3 
# 
_pdbx_struct_assembly.id                   1 
_pdbx_struct_assembly.details              author_defined_assembly 
_pdbx_struct_assembly.method_details       ? 
_pdbx_struct_assembly.oligomeric_details   monomeric 
_pdbx_struct_assembly.oligomeric_count     1 
# 
_pdbx_struct_assembly_gen.assembly_id       1 
_pdbx_struct_assembly_gen.oper_expression   1 
_pdbx_struct_assembly_gen.asym_id_list      A,B,C,D,E 
# 
_pdbx_struct_oper_list.id                   1 
_pdbx_struct_oper_list.type                 'identity operation' 
_pdbx_struct_oper_list.name                 1_555 
_pdbx_struct_oper_list.symmetry_operation   x,y,z 
_pdbx_struct_oper_list.matrix[1][1]         1.0000000000 
_pdbx_struct_oper_list.matrix[1][2]         0.0000000000 
_pdbx_struct_oper_list.matrix[1][3]         0.0000000000 
_pdbx_struct_oper_list.vector[1]            0.0000000000 
_pdbx_struct_oper_list.matrix[2][1]         0.0000000000 
_pdbx_struct_oper_list.matrix[2][2]         1.0000000000 
_pdbx_struct_oper_list.matrix[2][3]         0.0000000000 
_pdbx_struct_oper_list.vector[2]            0.0000000000 
_pdbx_struct_oper_list.matrix[3][1]         0.0000000000 
_pdbx_struct_oper_list.matrix[3][2]         0.0000000000 
_pdbx_struct_oper_list.matrix[3][3]         1.0000000000 
_pdbx_struct_oper_list.vector[3]            0.0000000000 
# 
_struct_biol.id        1 
_struct_biol.details   ? 
# 
_struct_conf.conf_type_id            HELX_P 
_struct_conf.id                      HELX_P1 
_struct_conf.pdbx_PDB_helix_id       1 
_struct_conf.beg_label_comp_id       SER 
_struct_conf.beg_label_asym_id       A 
_struct_conf.beg_label_seq_id        47 
_struct_conf.pdbx_beg_PDB_ins_code   ? 
_struct_conf.end_label_comp_id       LEU 
_struct_conf.end_label_asym_id       A 
_struct_conf.end_label_seq_id        50 
_struct_conf.pdbx_end_PDB_ins_code   ? 
_struct_conf.beg_auth_comp_id        SER 
_struct_conf.beg_auth_asym_id        A 
_struct_conf.beg_auth_seq_id         72 
_struct_conf.end_auth_comp_id        LEU 
_struct_conf.end_auth_asym_id        A 
_struct_conf.end_auth_seq_id         75 
_struct_conf.pdbx_PDB_helix_class    5 
_struct_conf.details                 ? 
_struct_conf.pdbx_PDB_helix_length   4 
# 
_struct_conf_type.id          HELX_P 
_struct_conf_type.criteria    ? 
_struct_conf_type.reference   ? 
# 
loop_
_struct_conn.id 
_struct_conn.conn_type_id 
_struct_conn.pdbx_leaving_atom_flag 
_struct_conn.pdbx_PDB_id 
_struct_conn.ptnr1_label_asym_id 
_struct_conn.ptnr1_label_comp_id 
_struct_conn.ptnr1_label_seq_id 
_struct_conn.ptnr1_label_atom_id 
_struct_conn.pdbx_ptnr1_label_alt_id 
_struct_conn.pdbx_ptnr1_PDB_ins_code 
_struct_conn.pdbx_ptnr1_standard_comp_id 
_struct_conn.ptnr1_symmetry 
_struct_conn.ptnr2_label_asym_id 
_struct_conn.ptnr2_label_comp_id 
_struct_conn.ptnr2_label_seq_id 
_struct_conn.ptnr2_label_atom_id 
_struct_conn.pdbx_ptnr2_label_alt_id 
_struct_conn.pdbx_ptnr2_PDB_ins_code 
_struct_conn.ptnr1_auth_asym_id 
_struct_conn.ptnr1_auth_comp_id 
_struct_conn.ptnr1_auth_seq_id 
_struct_conn.ptnr2_auth_asym_id 
_struct_conn.ptnr2_auth_comp_id 
_struct_conn.ptnr2_auth_seq_id 
_struct_conn.ptnr2_symmetry 
_struct_conn.pdbx_ptnr3_label_atom_id 
_struct_conn.pdbx_ptnr3_label_seq_id 
_struct_conn.pdbx_ptnr3_label_comp_id 
_struct_conn.pdbx_ptnr3_label_asym_id 
_struct_conn.pdbx_ptnr3_label_alt_id 
_struct_conn.pdbx_ptnr3_PDB_ins_code 
_struct_conn.details 
_struct_conn.pdbx_dist_value 
_struct_conn.pdbx_value_order 
_struct_conn.pdbx_role 
metalc1 metalc ? ? A CYS 49 SG ? ? ? 1_555 B CU1 . CU ? ? A CYS 74  A CU1 201 1_555 ? ? ? ? ? ? ? 2.156 ? ? 
metalc2 metalc ? ? A CYS 49 SG ? ? ? 1_555 C CU1 . CU ? ? A CYS 74  A CU1 202 1_555 ? ? ? ? ? ? ? 2.251 ? ? 
metalc3 metalc ? ? A CYS 86 SG ? ? ? 1_555 B CU1 . CU ? ? A CYS 111 A CU1 201 1_555 ? ? ? ? ? ? ? 2.177 ? ? 
metalc4 metalc ? ? A MET 88 SD ? ? ? 1_555 C CU1 . CU ? ? A MET 113 A CU1 202 1_555 ? ? ? ? ? ? ? 2.308 ? ? 
metalc5 metalc ? ? A MET 90 SD ? ? ? 1_555 C CU1 . CU ? ? A MET 115 A CU1 202 1_555 ? ? ? ? ? ? ? 2.320 ? ? 
metalc6 metalc ? ? C CU1 .  CU ? ? ? 1_555 D CL  . CL ? ? A CU1 202 A CL  203 1_555 ? ? ? ? ? ? ? 2.330 ? ? 
# 
_struct_conn_type.id          metalc 
_struct_conn_type.criteria    ? 
_struct_conn_type.reference   ? 
# 
loop_
_pdbx_struct_conn_angle.id 
_pdbx_struct_conn_angle.ptnr1_label_atom_id 
_pdbx_struct_conn_angle.ptnr1_label_alt_id 
_pdbx_struct_conn_angle.ptnr1_label_asym_id 
_pdbx_struct_conn_angle.ptnr1_label_comp_id 
_pdbx_struct_conn_angle.ptnr1_label_seq_id 
_pdbx_struct_conn_angle.ptnr1_auth_atom_id 
_pdbx_struct_conn_angle.ptnr1_auth_asym_id 
_pdbx_struct_conn_angle.ptnr1_auth_comp_id 
_pdbx_struct_conn_angle.ptnr1_auth_seq_id 
_pdbx_struct_conn_angle.ptnr1_PDB_ins_code 
_pdbx_struct_conn_angle.ptnr1_symmetry 
_pdbx_struct_conn_angle.ptnr2_label_atom_id 
_pdbx_struct_conn_angle.ptnr2_label_alt_id 
_pdbx_struct_conn_angle.ptnr2_label_asym_id 
_pdbx_struct_conn_angle.ptnr2_label_comp_id 
_pdbx_struct_conn_angle.ptnr2_label_seq_id 
_pdbx_struct_conn_angle.ptnr2_auth_atom_id 
_pdbx_struct_conn_angle.ptnr2_auth_asym_id 
_pdbx_struct_conn_angle.ptnr2_auth_comp_id 
_pdbx_struct_conn_angle.ptnr2_auth_seq_id 
_pdbx_struct_conn_angle.ptnr2_PDB_ins_code 
_pdbx_struct_conn_angle.ptnr2_symmetry 
_pdbx_struct_conn_angle.ptnr3_label_atom_id 
_pdbx_struct_conn_angle.ptnr3_label_alt_id 
_pdbx_struct_conn_angle.ptnr3_label_asym_id 
_pdbx_struct_conn_angle.ptnr3_label_comp_id 
_pdbx_struct_conn_angle.ptnr3_label_seq_id 
_pdbx_struct_conn_angle.ptnr3_auth_atom_id 
_pdbx_struct_conn_angle.ptnr3_auth_asym_id 
_pdbx_struct_conn_angle.ptnr3_auth_comp_id 
_pdbx_struct_conn_angle.ptnr3_auth_seq_id 
_pdbx_struct_conn_angle.ptnr3_PDB_ins_code 
_pdbx_struct_conn_angle.ptnr3_symmetry 
_pdbx_struct_conn_angle.value 
_pdbx_struct_conn_angle.value_esd 
1 SG ? A CYS 49 ? A CYS 74  ? 1_555 CU ? B CU1 . ? A CU1 201 ? 1_555 SG ? A CYS 86 ? A CYS 111 ? 1_555 157.3 ? 
2 SG ? A CYS 49 ? A CYS 74  ? 1_555 CU ? C CU1 . ? A CU1 202 ? 1_555 SD ? A MET 88 ? A MET 113 ? 1_555 128.7 ? 
3 SG ? A CYS 49 ? A CYS 74  ? 1_555 CU ? C CU1 . ? A CU1 202 ? 1_555 SD ? A MET 90 ? A MET 115 ? 1_555 118.3 ? 
4 SD ? A MET 88 ? A MET 113 ? 1_555 CU ? C CU1 . ? A CU1 202 ? 1_555 SD ? A MET 90 ? A MET 115 ? 1_555 108.5 ? 
5 SG ? A CYS 49 ? A CYS 74  ? 1_555 CU ? C CU1 . ? A CU1 202 ? 1_555 CL ? D CL  .  ? A CL  203 ? 1_555 100.1 ? 
6 SD ? A MET 88 ? A MET 113 ? 1_555 CU ? C CU1 . ? A CU1 202 ? 1_555 CL ? D CL  .  ? A CL  203 ? 1_555 93.2  ? 
7 SD ? A MET 90 ? A MET 115 ? 1_555 CU ? C CU1 . ? A CU1 202 ? 1_555 CL ? D CL  .  ? A CL  203 ? 1_555 97.7  ? 
# 
_struct_mon_prot_cis.pdbx_id                1 
_struct_mon_prot_cis.label_comp_id          THR 
_struct_mon_prot_cis.label_seq_id           25 
_struct_mon_prot_cis.label_asym_id          A 
_struct_mon_prot_cis.label_alt_id           . 
_struct_mon_prot_cis.pdbx_PDB_ins_code      ? 
_struct_mon_prot_cis.auth_comp_id           THR 
_struct_mon_prot_cis.auth_seq_id            50 
_struct_mon_prot_cis.auth_asym_id           A 
_struct_mon_prot_cis.pdbx_label_comp_id_2   PRO 
_struct_mon_prot_cis.pdbx_label_seq_id_2    26 
_struct_mon_prot_cis.pdbx_label_asym_id_2   A 
_struct_mon_prot_cis.pdbx_PDB_ins_code_2    ? 
_struct_mon_prot_cis.pdbx_auth_comp_id_2    PRO 
_struct_mon_prot_cis.pdbx_auth_seq_id_2     51 
_struct_mon_prot_cis.pdbx_auth_asym_id_2    A 
_struct_mon_prot_cis.pdbx_PDB_model_num     1 
_struct_mon_prot_cis.pdbx_omega_angle       -2.52 
# 
loop_
_struct_sheet.id 
_struct_sheet.type 
_struct_sheet.number_strands 
_struct_sheet.details 
A ? 6 ? 
B ? 3 ? 
C ? 4 ? 
# 
loop_
_struct_sheet_order.sheet_id 
_struct_sheet_order.range_id_1 
_struct_sheet_order.range_id_2 
_struct_sheet_order.offset 
_struct_sheet_order.sense 
A 1 2 ? parallel      
A 2 3 ? parallel      
A 3 4 ? anti-parallel 
A 4 5 ? anti-parallel 
A 5 6 ? anti-parallel 
B 1 2 ? anti-parallel 
B 2 3 ? anti-parallel 
C 1 2 ? anti-parallel 
C 2 3 ? parallel      
C 3 4 ? anti-parallel 
# 
loop_
_struct_sheet_range.sheet_id 
_struct_sheet_range.id 
_struct_sheet_range.beg_label_comp_id 
_struct_sheet_range.beg_label_asym_id 
_struct_sheet_range.beg_label_seq_id 
_struct_sheet_range.pdbx_beg_PDB_ins_code 
_struct_sheet_range.end_label_comp_id 
_struct_sheet_range.end_label_asym_id 
_struct_sheet_range.end_label_seq_id 
_struct_sheet_range.pdbx_end_PDB_ins_code 
_struct_sheet_range.beg_auth_comp_id 
_struct_sheet_range.beg_auth_asym_id 
_struct_sheet_range.beg_auth_seq_id 
_struct_sheet_range.end_auth_comp_id 
_struct_sheet_range.end_auth_asym_id 
_struct_sheet_range.end_auth_seq_id 
A 1 GLN A 5  ? LYS A 6  ? GLN A 30  LYS A 31  
A 2 LEU A 28 ? LYS A 32 ? LEU A 53  LYS A 57  
A 3 HIS A 92 ? GLU A 98 ? HIS A 117 GLU A 123 
A 4 GLY A 80 ? CYS A 86 ? GLY A 105 CYS A 111 
A 5 GLN A 52 ? PHE A 55 ? GLN A 77  PHE A 80  
A 6 VAL A 60 ? ASN A 63 ? VAL A 85  ASN A 88  
B 1 GLN A 8  ? LYS A 10 ? GLN A 33  LYS A 35  
B 2 TYR A 13 ? VAL A 20 ? TYR A 38  VAL A 45  
B 3 TYR A 24 ? THR A 25 ? TYR A 49  THR A 50  
C 1 GLN A 8  ? LYS A 10 ? GLN A 33  LYS A 35  
C 2 TYR A 13 ? VAL A 20 ? TYR A 38  VAL A 45  
C 3 ALA A 37 ? ARG A 43 ? ALA A 62  ARG A 68  
C 4 GLU A 69 ? ILE A 74 ? GLU A 94  ILE A 99  
# 
loop_
_pdbx_struct_sheet_hbond.sheet_id 
_pdbx_struct_sheet_hbond.range_id_1 
_pdbx_struct_sheet_hbond.range_id_2 
_pdbx_struct_sheet_hbond.range_1_label_atom_id 
_pdbx_struct_sheet_hbond.range_1_label_comp_id 
_pdbx_struct_sheet_hbond.range_1_label_asym_id 
_pdbx_struct_sheet_hbond.range_1_label_seq_id 
_pdbx_struct_sheet_hbond.range_1_PDB_ins_code 
_pdbx_struct_sheet_hbond.range_1_auth_atom_id 
_pdbx_struct_sheet_hbond.range_1_auth_comp_id 
_pdbx_struct_sheet_hbond.range_1_auth_asym_id 
_pdbx_struct_sheet_hbond.range_1_auth_seq_id 
_pdbx_struct_sheet_hbond.range_2_label_atom_id 
_pdbx_struct_sheet_hbond.range_2_label_comp_id 
_pdbx_struct_sheet_hbond.range_2_label_asym_id 
_pdbx_struct_sheet_hbond.range_2_label_seq_id 
_pdbx_struct_sheet_hbond.range_2_PDB_ins_code 
_pdbx_struct_sheet_hbond.range_2_auth_atom_id 
_pdbx_struct_sheet_hbond.range_2_auth_comp_id 
_pdbx_struct_sheet_hbond.range_2_auth_asym_id 
_pdbx_struct_sheet_hbond.range_2_auth_seq_id 
A 1 2 N GLN A 5  ? N GLN A 30  O LEU A 28 ? O LEU A 53  
A 2 3 N LEU A 31 ? N LEU A 56  O ILE A 96 ? O ILE A 121 
A 3 4 O MET A 95 ? O MET A 120 N PHE A 82 ? N PHE A 107 
A 4 5 O ALA A 85 ? O ALA A 110 N VAL A 54 ? N VAL A 79  
A 5 6 N ILE A 53 ? N ILE A 78  O ALA A 62 ? O ALA A 87  
B 1 2 N GLN A 8  ? N GLN A 33  O GLU A 15 ? O GLU A 40  
B 2 3 N GLU A 19 ? N GLU A 44  O THR A 25 ? O THR A 50  
C 1 2 N GLN A 8  ? N GLN A 33  O GLU A 15 ? O GLU A 40  
C 2 3 N VAL A 18 ? N VAL A 43  O VAL A 40 ? O VAL A 65  
C 3 4 N ALA A 37 ? N ALA A 62  O ILE A 74 ? O ILE A 99  
# 
loop_
_struct_site.id 
_struct_site.pdbx_evidence_code 
_struct_site.pdbx_auth_asym_id 
_struct_site.pdbx_auth_comp_id 
_struct_site.pdbx_auth_seq_id 
_struct_site.pdbx_auth_ins_code 
_struct_site.pdbx_num_residues 
_struct_site.details 
AC1 Software A CU1 201 ? 3 'BINDING SITE FOR RESIDUE CU1 A 201' 
AC2 Software A CU1 202 ? 6 'BINDING SITE FOR RESIDUE CU1 A 202' 
AC3 Software A CL  203 ? 7 'BINDING SITE FOR RESIDUE CL A 203'  
# 
loop_
_struct_site_gen.id 
_struct_site_gen.site_id 
_struct_site_gen.pdbx_num_res 
_struct_site_gen.label_comp_id 
_struct_site_gen.label_asym_id 
_struct_site_gen.label_seq_id 
_struct_site_gen.pdbx_auth_ins_code 
_struct_site_gen.auth_comp_id 
_struct_site_gen.auth_asym_id 
_struct_site_gen.auth_seq_id 
_struct_site_gen.label_atom_id 
_struct_site_gen.label_alt_id 
_struct_site_gen.symmetry 
_struct_site_gen.details 
1  AC1 3 CYS A 49 ? CYS A 74  . ? 1_555 ? 
2  AC1 3 CYS A 86 ? CYS A 111 . ? 1_555 ? 
3  AC1 3 CU1 C .  ? CU1 A 202 . ? 1_555 ? 
4  AC2 6 CYS A 49 ? CYS A 74  . ? 1_555 ? 
5  AC2 6 MET A 88 ? MET A 113 . ? 1_555 ? 
6  AC2 6 MET A 90 ? MET A 115 . ? 1_555 ? 
7  AC2 6 CU1 B .  ? CU1 A 201 . ? 1_555 ? 
8  AC2 6 CL  D .  ? CL  A 203 . ? 2_655 ? 
9  AC2 6 CL  D .  ? CL  A 203 . ? 1_555 ? 
10 AC3 7 CYS A 49 ? CYS A 74  . ? 1_555 ? 
11 AC3 7 CYS A 49 ? CYS A 74  . ? 2_655 ? 
12 AC3 7 MET A 88 ? MET A 113 . ? 1_555 ? 
13 AC3 7 MET A 88 ? MET A 113 . ? 2_655 ? 
14 AC3 7 MET A 90 ? MET A 115 . ? 1_555 ? 
15 AC3 7 CU1 C .  ? CU1 A 202 . ? 2_655 ? 
16 AC3 7 CU1 C .  ? CU1 A 202 . ? 1_555 ? 
# 
loop_
_pdbx_validate_close_contact.id 
_pdbx_validate_close_contact.PDB_model_num 
_pdbx_validate_close_contact.auth_atom_id_1 
_pdbx_validate_close_contact.auth_asym_id_1 
_pdbx_validate_close_contact.auth_comp_id_1 
_pdbx_validate_close_contact.auth_seq_id_1 
_pdbx_validate_close_contact.PDB_ins_code_1 
_pdbx_validate_close_contact.label_alt_id_1 
_pdbx_validate_close_contact.auth_atom_id_2 
_pdbx_validate_close_contact.auth_asym_id_2 
_pdbx_validate_close_contact.auth_comp_id_2 
_pdbx_validate_close_contact.auth_seq_id_2 
_pdbx_validate_close_contact.PDB_ins_code_2 
_pdbx_validate_close_contact.label_alt_id_2 
_pdbx_validate_close_contact.dist 
1 1 O A HOH 435 ? ? O A HOH 474 ? ? 2.18 
2 1 O A HOH 471 ? ? O A HOH 474 ? ? 2.19 
# 
_pdbx_validate_torsion.id              1 
_pdbx_validate_torsion.PDB_model_num   1 
_pdbx_validate_torsion.auth_comp_id    LYS 
_pdbx_validate_torsion.auth_asym_id    A 
_pdbx_validate_torsion.auth_seq_id     35 
_pdbx_validate_torsion.PDB_ins_code    ? 
_pdbx_validate_torsion.label_alt_id    ? 
_pdbx_validate_torsion.phi             -170.89 
_pdbx_validate_torsion.psi             142.23 
# 
_pdbx_struct_special_symmetry.id              1 
_pdbx_struct_special_symmetry.PDB_model_num   1 
_pdbx_struct_special_symmetry.auth_asym_id    A 
_pdbx_struct_special_symmetry.auth_comp_id    CL 
_pdbx_struct_special_symmetry.auth_seq_id     203 
_pdbx_struct_special_symmetry.PDB_ins_code    ? 
_pdbx_struct_special_symmetry.label_asym_id   D 
_pdbx_struct_special_symmetry.label_comp_id   CL 
_pdbx_struct_special_symmetry.label_seq_id    . 
# 
loop_
_chem_comp_atom.comp_id 
_chem_comp_atom.atom_id 
_chem_comp_atom.type_symbol 
_chem_comp_atom.pdbx_aromatic_flag 
_chem_comp_atom.pdbx_stereo_config 
_chem_comp_atom.pdbx_ordinal 
ALA N    N  N N 1   
ALA CA   C  N S 2   
ALA C    C  N N 3   
ALA O    O  N N 4   
ALA CB   C  N N 5   
ALA OXT  O  N N 6   
ALA H    H  N N 7   
ALA H2   H  N N 8   
ALA HA   H  N N 9   
ALA HB1  H  N N 10  
ALA HB2  H  N N 11  
ALA HB3  H  N N 12  
ALA HXT  H  N N 13  
ARG N    N  N N 14  
ARG CA   C  N S 15  
ARG C    C  N N 16  
ARG O    O  N N 17  
ARG CB   C  N N 18  
ARG CG   C  N N 19  
ARG CD   C  N N 20  
ARG NE   N  N N 21  
ARG CZ   C  N N 22  
ARG NH1  N  N N 23  
ARG NH2  N  N N 24  
ARG OXT  O  N N 25  
ARG H    H  N N 26  
ARG H2   H  N N 27  
ARG HA   H  N N 28  
ARG HB2  H  N N 29  
ARG HB3  H  N N 30  
ARG HG2  H  N N 31  
ARG HG3  H  N N 32  
ARG HD2  H  N N 33  
ARG HD3  H  N N 34  
ARG HE   H  N N 35  
ARG HH11 H  N N 36  
ARG HH12 H  N N 37  
ARG HH21 H  N N 38  
ARG HH22 H  N N 39  
ARG HXT  H  N N 40  
ASN N    N  N N 41  
ASN CA   C  N S 42  
ASN C    C  N N 43  
ASN O    O  N N 44  
ASN CB   C  N N 45  
ASN CG   C  N N 46  
ASN OD1  O  N N 47  
ASN ND2  N  N N 48  
ASN OXT  O  N N 49  
ASN H    H  N N 50  
ASN H2   H  N N 51  
ASN HA   H  N N 52  
ASN HB2  H  N N 53  
ASN HB3  H  N N 54  
ASN HD21 H  N N 55  
ASN HD22 H  N N 56  
ASN HXT  H  N N 57  
ASP N    N  N N 58  
ASP CA   C  N S 59  
ASP C    C  N N 60  
ASP O    O  N N 61  
ASP CB   C  N N 62  
ASP CG   C  N N 63  
ASP OD1  O  N N 64  
ASP OD2  O  N N 65  
ASP OXT  O  N N 66  
ASP H    H  N N 67  
ASP H2   H  N N 68  
ASP HA   H  N N 69  
ASP HB2  H  N N 70  
ASP HB3  H  N N 71  
ASP HD2  H  N N 72  
ASP HXT  H  N N 73  
CL  CL   CL N N 74  
CU1 CU   CU N N 75  
CYS N    N  N N 76  
CYS CA   C  N R 77  
CYS C    C  N N 78  
CYS O    O  N N 79  
CYS CB   C  N N 80  
CYS SG   S  N N 81  
CYS OXT  O  N N 82  
CYS H    H  N N 83  
CYS H2   H  N N 84  
CYS HA   H  N N 85  
CYS HB2  H  N N 86  
CYS HB3  H  N N 87  
CYS HG   H  N N 88  
CYS HXT  H  N N 89  
GLN N    N  N N 90  
GLN CA   C  N S 91  
GLN C    C  N N 92  
GLN O    O  N N 93  
GLN CB   C  N N 94  
GLN CG   C  N N 95  
GLN CD   C  N N 96  
GLN OE1  O  N N 97  
GLN NE2  N  N N 98  
GLN OXT  O  N N 99  
GLN H    H  N N 100 
GLN H2   H  N N 101 
GLN HA   H  N N 102 
GLN HB2  H  N N 103 
GLN HB3  H  N N 104 
GLN HG2  H  N N 105 
GLN HG3  H  N N 106 
GLN HE21 H  N N 107 
GLN HE22 H  N N 108 
GLN HXT  H  N N 109 
GLU N    N  N N 110 
GLU CA   C  N S 111 
GLU C    C  N N 112 
GLU O    O  N N 113 
GLU CB   C  N N 114 
GLU CG   C  N N 115 
GLU CD   C  N N 116 
GLU OE1  O  N N 117 
GLU OE2  O  N N 118 
GLU OXT  O  N N 119 
GLU H    H  N N 120 
GLU H2   H  N N 121 
GLU HA   H  N N 122 
GLU HB2  H  N N 123 
GLU HB3  H  N N 124 
GLU HG2  H  N N 125 
GLU HG3  H  N N 126 
GLU HE2  H  N N 127 
GLU HXT  H  N N 128 
GLY N    N  N N 129 
GLY CA   C  N N 130 
GLY C    C  N N 131 
GLY O    O  N N 132 
GLY OXT  O  N N 133 
GLY H    H  N N 134 
GLY H2   H  N N 135 
GLY HA2  H  N N 136 
GLY HA3  H  N N 137 
GLY HXT  H  N N 138 
HIS N    N  N N 139 
HIS CA   C  N S 140 
HIS C    C  N N 141 
HIS O    O  N N 142 
HIS CB   C  N N 143 
HIS CG   C  Y N 144 
HIS ND1  N  Y N 145 
HIS CD2  C  Y N 146 
HIS CE1  C  Y N 147 
HIS NE2  N  Y N 148 
HIS OXT  O  N N 149 
HIS H    H  N N 150 
HIS H2   H  N N 151 
HIS HA   H  N N 152 
HIS HB2  H  N N 153 
HIS HB3  H  N N 154 
HIS HD1  H  N N 155 
HIS HD2  H  N N 156 
HIS HE1  H  N N 157 
HIS HE2  H  N N 158 
HIS HXT  H  N N 159 
HOH O    O  N N 160 
HOH H1   H  N N 161 
HOH H2   H  N N 162 
ILE N    N  N N 163 
ILE CA   C  N S 164 
ILE C    C  N N 165 
ILE O    O  N N 166 
ILE CB   C  N S 167 
ILE CG1  C  N N 168 
ILE CG2  C  N N 169 
ILE CD1  C  N N 170 
ILE OXT  O  N N 171 
ILE H    H  N N 172 
ILE H2   H  N N 173 
ILE HA   H  N N 174 
ILE HB   H  N N 175 
ILE HG12 H  N N 176 
ILE HG13 H  N N 177 
ILE HG21 H  N N 178 
ILE HG22 H  N N 179 
ILE HG23 H  N N 180 
ILE HD11 H  N N 181 
ILE HD12 H  N N 182 
ILE HD13 H  N N 183 
ILE HXT  H  N N 184 
LEU N    N  N N 185 
LEU CA   C  N S 186 
LEU C    C  N N 187 
LEU O    O  N N 188 
LEU CB   C  N N 189 
LEU CG   C  N N 190 
LEU CD1  C  N N 191 
LEU CD2  C  N N 192 
LEU OXT  O  N N 193 
LEU H    H  N N 194 
LEU H2   H  N N 195 
LEU HA   H  N N 196 
LEU HB2  H  N N 197 
LEU HB3  H  N N 198 
LEU HG   H  N N 199 
LEU HD11 H  N N 200 
LEU HD12 H  N N 201 
LEU HD13 H  N N 202 
LEU HD21 H  N N 203 
LEU HD22 H  N N 204 
LEU HD23 H  N N 205 
LEU HXT  H  N N 206 
LYS N    N  N N 207 
LYS CA   C  N S 208 
LYS C    C  N N 209 
LYS O    O  N N 210 
LYS CB   C  N N 211 
LYS CG   C  N N 212 
LYS CD   C  N N 213 
LYS CE   C  N N 214 
LYS NZ   N  N N 215 
LYS OXT  O  N N 216 
LYS H    H  N N 217 
LYS H2   H  N N 218 
LYS HA   H  N N 219 
LYS HB2  H  N N 220 
LYS HB3  H  N N 221 
LYS HG2  H  N N 222 
LYS HG3  H  N N 223 
LYS HD2  H  N N 224 
LYS HD3  H  N N 225 
LYS HE2  H  N N 226 
LYS HE3  H  N N 227 
LYS HZ1  H  N N 228 
LYS HZ2  H  N N 229 
LYS HZ3  H  N N 230 
LYS HXT  H  N N 231 
MET N    N  N N 232 
MET CA   C  N S 233 
MET C    C  N N 234 
MET O    O  N N 235 
MET CB   C  N N 236 
MET CG   C  N N 237 
MET SD   S  N N 238 
MET CE   C  N N 239 
MET OXT  O  N N 240 
MET H    H  N N 241 
MET H2   H  N N 242 
MET HA   H  N N 243 
MET HB2  H  N N 244 
MET HB3  H  N N 245 
MET HG2  H  N N 246 
MET HG3  H  N N 247 
MET HE1  H  N N 248 
MET HE2  H  N N 249 
MET HE3  H  N N 250 
MET HXT  H  N N 251 
PHE N    N  N N 252 
PHE CA   C  N S 253 
PHE C    C  N N 254 
PHE O    O  N N 255 
PHE CB   C  N N 256 
PHE CG   C  Y N 257 
PHE CD1  C  Y N 258 
PHE CD2  C  Y N 259 
PHE CE1  C  Y N 260 
PHE CE2  C  Y N 261 
PHE CZ   C  Y N 262 
PHE OXT  O  N N 263 
PHE H    H  N N 264 
PHE H2   H  N N 265 
PHE HA   H  N N 266 
PHE HB2  H  N N 267 
PHE HB3  H  N N 268 
PHE HD1  H  N N 269 
PHE HD2  H  N N 270 
PHE HE1  H  N N 271 
PHE HE2  H  N N 272 
PHE HZ   H  N N 273 
PHE HXT  H  N N 274 
PRO N    N  N N 275 
PRO CA   C  N S 276 
PRO C    C  N N 277 
PRO O    O  N N 278 
PRO CB   C  N N 279 
PRO CG   C  N N 280 
PRO CD   C  N N 281 
PRO OXT  O  N N 282 
PRO H    H  N N 283 
PRO HA   H  N N 284 
PRO HB2  H  N N 285 
PRO HB3  H  N N 286 
PRO HG2  H  N N 287 
PRO HG3  H  N N 288 
PRO HD2  H  N N 289 
PRO HD3  H  N N 290 
PRO HXT  H  N N 291 
SER N    N  N N 292 
SER CA   C  N S 293 
SER C    C  N N 294 
SER O    O  N N 295 
SER CB   C  N N 296 
SER OG   O  N N 297 
SER OXT  O  N N 298 
SER H    H  N N 299 
SER H2   H  N N 300 
SER HA   H  N N 301 
SER HB2  H  N N 302 
SER HB3  H  N N 303 
SER HG   H  N N 304 
SER HXT  H  N N 305 
THR N    N  N N 306 
THR CA   C  N S 307 
THR C    C  N N 308 
THR O    O  N N 309 
THR CB   C  N R 310 
THR OG1  O  N N 311 
THR CG2  C  N N 312 
THR OXT  O  N N 313 
THR H    H  N N 314 
THR H2   H  N N 315 
THR HA   H  N N 316 
THR HB   H  N N 317 
THR HG1  H  N N 318 
THR HG21 H  N N 319 
THR HG22 H  N N 320 
THR HG23 H  N N 321 
THR HXT  H  N N 322 
TYR N    N  N N 323 
TYR CA   C  N S 324 
TYR C    C  N N 325 
TYR O    O  N N 326 
TYR CB   C  N N 327 
TYR CG   C  Y N 328 
TYR CD1  C  Y N 329 
TYR CD2  C  Y N 330 
TYR CE1  C  Y N 331 
TYR CE2  C  Y N 332 
TYR CZ   C  Y N 333 
TYR OH   O  N N 334 
TYR OXT  O  N N 335 
TYR H    H  N N 336 
TYR H2   H  N N 337 
TYR HA   H  N N 338 
TYR HB2  H  N N 339 
TYR HB3  H  N N 340 
TYR HD1  H  N N 341 
TYR HD2  H  N N 342 
TYR HE1  H  N N 343 
TYR HE2  H  N N 344 
TYR HH   H  N N 345 
TYR HXT  H  N N 346 
VAL N    N  N N 347 
VAL CA   C  N S 348 
VAL C    C  N N 349 
VAL O    O  N N 350 
VAL CB   C  N N 351 
VAL CG1  C  N N 352 
VAL CG2  C  N N 353 
VAL OXT  O  N N 354 
VAL H    H  N N 355 
VAL H2   H  N N 356 
VAL HA   H  N N 357 
VAL HB   H  N N 358 
VAL HG11 H  N N 359 
VAL HG12 H  N N 360 
VAL HG13 H  N N 361 
VAL HG21 H  N N 362 
VAL HG22 H  N N 363 
VAL HG23 H  N N 364 
VAL HXT  H  N N 365 
# 
loop_
_chem_comp_bond.comp_id 
_chem_comp_bond.atom_id_1 
_chem_comp_bond.atom_id_2 
_chem_comp_bond.value_order 
_chem_comp_bond.pdbx_aromatic_flag 
_chem_comp_bond.pdbx_stereo_config 
_chem_comp_bond.pdbx_ordinal 
ALA N   CA   sing N N 1   
ALA N   H    sing N N 2   
ALA N   H2   sing N N 3   
ALA CA  C    sing N N 4   
ALA CA  CB   sing N N 5   
ALA CA  HA   sing N N 6   
ALA C   O    doub N N 7   
ALA C   OXT  sing N N 8   
ALA CB  HB1  sing N N 9   
ALA CB  HB2  sing N N 10  
ALA CB  HB3  sing N N 11  
ALA OXT HXT  sing N N 12  
ARG N   CA   sing N N 13  
ARG N   H    sing N N 14  
ARG N   H2   sing N N 15  
ARG CA  C    sing N N 16  
ARG CA  CB   sing N N 17  
ARG CA  HA   sing N N 18  
ARG C   O    doub N N 19  
ARG C   OXT  sing N N 20  
ARG CB  CG   sing N N 21  
ARG CB  HB2  sing N N 22  
ARG CB  HB3  sing N N 23  
ARG CG  CD   sing N N 24  
ARG CG  HG2  sing N N 25  
ARG CG  HG3  sing N N 26  
ARG CD  NE   sing N N 27  
ARG CD  HD2  sing N N 28  
ARG CD  HD3  sing N N 29  
ARG NE  CZ   sing N N 30  
ARG NE  HE   sing N N 31  
ARG CZ  NH1  sing N N 32  
ARG CZ  NH2  doub N N 33  
ARG NH1 HH11 sing N N 34  
ARG NH1 HH12 sing N N 35  
ARG NH2 HH21 sing N N 36  
ARG NH2 HH22 sing N N 37  
ARG OXT HXT  sing N N 38  
ASN N   CA   sing N N 39  
ASN N   H    sing N N 40  
ASN N   H2   sing N N 41  
ASN CA  C    sing N N 42  
ASN CA  CB   sing N N 43  
ASN CA  HA   sing N N 44  
ASN C   O    doub N N 45  
ASN C   OXT  sing N N 46  
ASN CB  CG   sing N N 47  
ASN CB  HB2  sing N N 48  
ASN CB  HB3  sing N N 49  
ASN CG  OD1  doub N N 50  
ASN CG  ND2  sing N N 51  
ASN ND2 HD21 sing N N 52  
ASN ND2 HD22 sing N N 53  
ASN OXT HXT  sing N N 54  
ASP N   CA   sing N N 55  
ASP N   H    sing N N 56  
ASP N   H2   sing N N 57  
ASP CA  C    sing N N 58  
ASP CA  CB   sing N N 59  
ASP CA  HA   sing N N 60  
ASP C   O    doub N N 61  
ASP C   OXT  sing N N 62  
ASP CB  CG   sing N N 63  
ASP CB  HB2  sing N N 64  
ASP CB  HB3  sing N N 65  
ASP CG  OD1  doub N N 66  
ASP CG  OD2  sing N N 67  
ASP OD2 HD2  sing N N 68  
ASP OXT HXT  sing N N 69  
CYS N   CA   sing N N 70  
CYS N   H    sing N N 71  
CYS N   H2   sing N N 72  
CYS CA  C    sing N N 73  
CYS CA  CB   sing N N 74  
CYS CA  HA   sing N N 75  
CYS C   O    doub N N 76  
CYS C   OXT  sing N N 77  
CYS CB  SG   sing N N 78  
CYS CB  HB2  sing N N 79  
CYS CB  HB3  sing N N 80  
CYS SG  HG   sing N N 81  
CYS OXT HXT  sing N N 82  
GLN N   CA   sing N N 83  
GLN N   H    sing N N 84  
GLN N   H2   sing N N 85  
GLN CA  C    sing N N 86  
GLN CA  CB   sing N N 87  
GLN CA  HA   sing N N 88  
GLN C   O    doub N N 89  
GLN C   OXT  sing N N 90  
GLN CB  CG   sing N N 91  
GLN CB  HB2  sing N N 92  
GLN CB  HB3  sing N N 93  
GLN CG  CD   sing N N 94  
GLN CG  HG2  sing N N 95  
GLN CG  HG3  sing N N 96  
GLN CD  OE1  doub N N 97  
GLN CD  NE2  sing N N 98  
GLN NE2 HE21 sing N N 99  
GLN NE2 HE22 sing N N 100 
GLN OXT HXT  sing N N 101 
GLU N   CA   sing N N 102 
GLU N   H    sing N N 103 
GLU N   H2   sing N N 104 
GLU CA  C    sing N N 105 
GLU CA  CB   sing N N 106 
GLU CA  HA   sing N N 107 
GLU C   O    doub N N 108 
GLU C   OXT  sing N N 109 
GLU CB  CG   sing N N 110 
GLU CB  HB2  sing N N 111 
GLU CB  HB3  sing N N 112 
GLU CG  CD   sing N N 113 
GLU CG  HG2  sing N N 114 
GLU CG  HG3  sing N N 115 
GLU CD  OE1  doub N N 116 
GLU CD  OE2  sing N N 117 
GLU OE2 HE2  sing N N 118 
GLU OXT HXT  sing N N 119 
GLY N   CA   sing N N 120 
GLY N   H    sing N N 121 
GLY N   H2   sing N N 122 
GLY CA  C    sing N N 123 
GLY CA  HA2  sing N N 124 
GLY CA  HA3  sing N N 125 
GLY C   O    doub N N 126 
GLY C   OXT  sing N N 127 
GLY OXT HXT  sing N N 128 
HIS N   CA   sing N N 129 
HIS N   H    sing N N 130 
HIS N   H2   sing N N 131 
HIS CA  C    sing N N 132 
HIS CA  CB   sing N N 133 
HIS CA  HA   sing N N 134 
HIS C   O    doub N N 135 
HIS C   OXT  sing N N 136 
HIS CB  CG   sing N N 137 
HIS CB  HB2  sing N N 138 
HIS CB  HB3  sing N N 139 
HIS CG  ND1  sing Y N 140 
HIS CG  CD2  doub Y N 141 
HIS ND1 CE1  doub Y N 142 
HIS ND1 HD1  sing N N 143 
HIS CD2 NE2  sing Y N 144 
HIS CD2 HD2  sing N N 145 
HIS CE1 NE2  sing Y N 146 
HIS CE1 HE1  sing N N 147 
HIS NE2 HE2  sing N N 148 
HIS OXT HXT  sing N N 149 
HOH O   H1   sing N N 150 
HOH O   H2   sing N N 151 
ILE N   CA   sing N N 152 
ILE N   H    sing N N 153 
ILE N   H2   sing N N 154 
ILE CA  C    sing N N 155 
ILE CA  CB   sing N N 156 
ILE CA  HA   sing N N 157 
ILE C   O    doub N N 158 
ILE C   OXT  sing N N 159 
ILE CB  CG1  sing N N 160 
ILE CB  CG2  sing N N 161 
ILE CB  HB   sing N N 162 
ILE CG1 CD1  sing N N 163 
ILE CG1 HG12 sing N N 164 
ILE CG1 HG13 sing N N 165 
ILE CG2 HG21 sing N N 166 
ILE CG2 HG22 sing N N 167 
ILE CG2 HG23 sing N N 168 
ILE CD1 HD11 sing N N 169 
ILE CD1 HD12 sing N N 170 
ILE CD1 HD13 sing N N 171 
ILE OXT HXT  sing N N 172 
LEU N   CA   sing N N 173 
LEU N   H    sing N N 174 
LEU N   H2   sing N N 175 
LEU CA  C    sing N N 176 
LEU CA  CB   sing N N 177 
LEU CA  HA   sing N N 178 
LEU C   O    doub N N 179 
LEU C   OXT  sing N N 180 
LEU CB  CG   sing N N 181 
LEU CB  HB2  sing N N 182 
LEU CB  HB3  sing N N 183 
LEU CG  CD1  sing N N 184 
LEU CG  CD2  sing N N 185 
LEU CG  HG   sing N N 186 
LEU CD1 HD11 sing N N 187 
LEU CD1 HD12 sing N N 188 
LEU CD1 HD13 sing N N 189 
LEU CD2 HD21 sing N N 190 
LEU CD2 HD22 sing N N 191 
LEU CD2 HD23 sing N N 192 
LEU OXT HXT  sing N N 193 
LYS N   CA   sing N N 194 
LYS N   H    sing N N 195 
LYS N   H2   sing N N 196 
LYS CA  C    sing N N 197 
LYS CA  CB   sing N N 198 
LYS CA  HA   sing N N 199 
LYS C   O    doub N N 200 
LYS C   OXT  sing N N 201 
LYS CB  CG   sing N N 202 
LYS CB  HB2  sing N N 203 
LYS CB  HB3  sing N N 204 
LYS CG  CD   sing N N 205 
LYS CG  HG2  sing N N 206 
LYS CG  HG3  sing N N 207 
LYS CD  CE   sing N N 208 
LYS CD  HD2  sing N N 209 
LYS CD  HD3  sing N N 210 
LYS CE  NZ   sing N N 211 
LYS CE  HE2  sing N N 212 
LYS CE  HE3  sing N N 213 
LYS NZ  HZ1  sing N N 214 
LYS NZ  HZ2  sing N N 215 
LYS NZ  HZ3  sing N N 216 
LYS OXT HXT  sing N N 217 
MET N   CA   sing N N 218 
MET N   H    sing N N 219 
MET N   H2   sing N N 220 
MET CA  C    sing N N 221 
MET CA  CB   sing N N 222 
MET CA  HA   sing N N 223 
MET C   O    doub N N 224 
MET C   OXT  sing N N 225 
MET CB  CG   sing N N 226 
MET CB  HB2  sing N N 227 
MET CB  HB3  sing N N 228 
MET CG  SD   sing N N 229 
MET CG  HG2  sing N N 230 
MET CG  HG3  sing N N 231 
MET SD  CE   sing N N 232 
MET CE  HE1  sing N N 233 
MET CE  HE2  sing N N 234 
MET CE  HE3  sing N N 235 
MET OXT HXT  sing N N 236 
PHE N   CA   sing N N 237 
PHE N   H    sing N N 238 
PHE N   H2   sing N N 239 
PHE CA  C    sing N N 240 
PHE CA  CB   sing N N 241 
PHE CA  HA   sing N N 242 
PHE C   O    doub N N 243 
PHE C   OXT  sing N N 244 
PHE CB  CG   sing N N 245 
PHE CB  HB2  sing N N 246 
PHE CB  HB3  sing N N 247 
PHE CG  CD1  doub Y N 248 
PHE CG  CD2  sing Y N 249 
PHE CD1 CE1  sing Y N 250 
PHE CD1 HD1  sing N N 251 
PHE CD2 CE2  doub Y N 252 
PHE CD2 HD2  sing N N 253 
PHE CE1 CZ   doub Y N 254 
PHE CE1 HE1  sing N N 255 
PHE CE2 CZ   sing Y N 256 
PHE CE2 HE2  sing N N 257 
PHE CZ  HZ   sing N N 258 
PHE OXT HXT  sing N N 259 
PRO N   CA   sing N N 260 
PRO N   CD   sing N N 261 
PRO N   H    sing N N 262 
PRO CA  C    sing N N 263 
PRO CA  CB   sing N N 264 
PRO CA  HA   sing N N 265 
PRO C   O    doub N N 266 
PRO C   OXT  sing N N 267 
PRO CB  CG   sing N N 268 
PRO CB  HB2  sing N N 269 
PRO CB  HB3  sing N N 270 
PRO CG  CD   sing N N 271 
PRO CG  HG2  sing N N 272 
PRO CG  HG3  sing N N 273 
PRO CD  HD2  sing N N 274 
PRO CD  HD3  sing N N 275 
PRO OXT HXT  sing N N 276 
SER N   CA   sing N N 277 
SER N   H    sing N N 278 
SER N   H2   sing N N 279 
SER CA  C    sing N N 280 
SER CA  CB   sing N N 281 
SER CA  HA   sing N N 282 
SER C   O    doub N N 283 
SER C   OXT  sing N N 284 
SER CB  OG   sing N N 285 
SER CB  HB2  sing N N 286 
SER CB  HB3  sing N N 287 
SER OG  HG   sing N N 288 
SER OXT HXT  sing N N 289 
THR N   CA   sing N N 290 
THR N   H    sing N N 291 
THR N   H2   sing N N 292 
THR CA  C    sing N N 293 
THR CA  CB   sing N N 294 
THR CA  HA   sing N N 295 
THR C   O    doub N N 296 
THR C   OXT  sing N N 297 
THR CB  OG1  sing N N 298 
THR CB  CG2  sing N N 299 
THR CB  HB   sing N N 300 
THR OG1 HG1  sing N N 301 
THR CG2 HG21 sing N N 302 
THR CG2 HG22 sing N N 303 
THR CG2 HG23 sing N N 304 
THR OXT HXT  sing N N 305 
TYR N   CA   sing N N 306 
TYR N   H    sing N N 307 
TYR N   H2   sing N N 308 
TYR CA  C    sing N N 309 
TYR CA  CB   sing N N 310 
TYR CA  HA   sing N N 311 
TYR C   O    doub N N 312 
TYR C   OXT  sing N N 313 
TYR CB  CG   sing N N 314 
TYR CB  HB2  sing N N 315 
TYR CB  HB3  sing N N 316 
TYR CG  CD1  doub Y N 317 
TYR CG  CD2  sing Y N 318 
TYR CD1 CE1  sing Y N 319 
TYR CD1 HD1  sing N N 320 
TYR CD2 CE2  doub Y N 321 
TYR CD2 HD2  sing N N 322 
TYR CE1 CZ   doub Y N 323 
TYR CE1 HE1  sing N N 324 
TYR CE2 CZ   sing Y N 325 
TYR CE2 HE2  sing N N 326 
TYR CZ  OH   sing N N 327 
TYR OH  HH   sing N N 328 
TYR OXT HXT  sing N N 329 
VAL N   CA   sing N N 330 
VAL N   H    sing N N 331 
VAL N   H2   sing N N 332 
VAL CA  C    sing N N 333 
VAL CA  CB   sing N N 334 
VAL CA  HA   sing N N 335 
VAL C   O    doub N N 336 
VAL C   OXT  sing N N 337 
VAL CB  CG1  sing N N 338 
VAL CB  CG2  sing N N 339 
VAL CB  HB   sing N N 340 
VAL CG1 HG11 sing N N 341 
VAL CG1 HG12 sing N N 342 
VAL CG1 HG13 sing N N 343 
VAL CG2 HG21 sing N N 344 
VAL CG2 HG22 sing N N 345 
VAL CG2 HG23 sing N N 346 
VAL OXT HXT  sing N N 347 
# 
_atom_sites.entry_id                    4F2E 
_atom_sites.fract_transf_matrix[1][1]   -0.00470723 
_atom_sites.fract_transf_matrix[1][2]   0.00488776 
_atom_sites.fract_transf_matrix[1][3]   -0.02006667 
_atom_sites.fract_transf_matrix[2][1]   -0.01222609 
_atom_sites.fract_transf_matrix[2][2]   0.00138533 
_atom_sites.fract_transf_matrix[2][3]   0.00320543 
_atom_sites.fract_transf_matrix[3][1]   0.00688042 
_atom_sites.fract_transf_matrix[3][2]   0.04122363 
_atom_sites.fract_transf_matrix[3][3]   0.00842709 
_atom_sites.fract_transf_vector[1]      0.343217 
_atom_sites.fract_transf_vector[2]      0.228582 
_atom_sites.fract_transf_vector[3]      0.282581 
# 
loop_
_atom_type.symbol 
C  
CL 
CU 
N  
O  
S  
# 
loop_
_atom_site.group_PDB 
_atom_site.id 
_atom_site.type_symbol 
_atom_site.label_atom_id 
_atom_site.label_alt_id 
_atom_site.label_comp_id 
_atom_site.label_asym_id 
_atom_site.label_entity_id 
_atom_site.label_seq_id 
_atom_site.pdbx_PDB_ins_code 
_atom_site.Cartn_x 
_atom_site.Cartn_y 
_atom_site.Cartn_z 
_atom_site.occupancy 
_atom_site.B_iso_or_equiv 
_atom_site.pdbx_formal_charge 
_atom_site.auth_seq_id 
_atom_site.auth_comp_id 
_atom_site.auth_asym_id 
_atom_site.auth_atom_id 
_atom_site.pdbx_PDB_model_num 
ATOM   1   N  N   . GLY A 1 1  ? -18.653 -6.006  -4.657  1.00 34.75 ? 26  GLY A N   1 
ATOM   2   C  CA  . GLY A 1 1  ? -17.367 -5.821  -4.011  1.00 25.78 ? 26  GLY A CA  1 
ATOM   3   C  C   . GLY A 1 1  ? -16.207 -6.070  -4.955  1.00 23.69 ? 26  GLY A C   1 
ATOM   4   O  O   . GLY A 1 1  ? -16.359 -6.737  -5.979  1.00 28.30 ? 26  GLY A O   1 
ATOM   5   N  N   . ALA A 1 2  ? -15.044 -5.530  -4.609  1.00 20.06 ? 27  ALA A N   1 
ATOM   6   C  CA  . ALA A 1 2  ? -13.858 -5.672  -5.445  1.00 19.88 ? 27  ALA A CA  1 
ATOM   7   C  C   . ALA A 1 2  ? -12.997 -6.859  -5.024  1.00 18.63 ? 27  ALA A C   1 
ATOM   8   O  O   . ALA A 1 2  ? -12.967 -7.238  -3.852  1.00 17.85 ? 27  ALA A O   1 
ATOM   9   C  CB  . ALA A 1 2  ? -13.036 -4.389  -5.415  1.00 22.13 ? 27  ALA A CB  1 
ATOM   10  N  N   A MET A 1 3  ? -12.304 -7.445  -5.994  0.54 18.46 ? 28  MET A N   1 
ATOM   11  N  N   B MET A 1 3  ? -12.297 -7.449  -5.987  0.46 18.47 ? 28  MET A N   1 
ATOM   12  C  CA  A MET A 1 3  ? -11.357 -8.520  -5.730  0.54 17.56 ? 28  MET A CA  1 
ATOM   13  C  CA  B MET A 1 3  ? -11.378 -8.539  -5.693  0.46 17.57 ? 28  MET A CA  1 
ATOM   14  C  C   A MET A 1 3  ? -10.109 -7.948  -5.066  0.54 17.48 ? 28  MET A C   1 
ATOM   15  C  C   B MET A 1 3  ? -10.070 -7.989  -5.137  0.46 17.47 ? 28  MET A C   1 
ATOM   16  O  O   A MET A 1 3  ? -9.785  -6.777  -5.253  0.54 17.94 ? 28  MET A O   1 
ATOM   17  O  O   B MET A 1 3  ? -9.664  -6.877  -5.471  0.46 18.00 ? 28  MET A O   1 
ATOM   18  C  CB  A MET A 1 3  ? -10.970 -9.211  -7.037  0.54 18.99 ? 28  MET A CB  1 
ATOM   19  C  CB  B MET A 1 3  ? -11.103 -9.372  -6.944  0.46 19.06 ? 28  MET A CB  1 
ATOM   20  C  CG  A MET A 1 3  ? -12.136 -9.830  -7.792  0.54 21.40 ? 28  MET A CG  1 
ATOM   21  C  CG  B MET A 1 3  ? -12.346 -9.932  -7.611  0.46 21.23 ? 28  MET A CG  1 
ATOM   22  S  SD  A MET A 1 3  ? -12.508 -11.509 -7.255  0.54 18.77 ? 28  MET A SD  1 
ATOM   23  S  SD  B MET A 1 3  ? -11.938 -11.203 -8.821  0.46 21.89 ? 28  MET A SD  1 
ATOM   24  C  CE  A MET A 1 3  ? -11.022 -12.362 -7.772  0.54 14.94 ? 28  MET A CE  1 
ATOM   25  C  CE  B MET A 1 3  ? -11.356 -12.506 -7.742  0.46 14.74 ? 28  MET A CE  1 
ATOM   26  N  N   . GLY A 1 4  ? -9.415  -8.774  -4.289  1.00 15.11 ? 29  GLY A N   1 
ATOM   27  C  CA  . GLY A 1 4  ? -8.175  -8.356  -3.659  1.00 14.32 ? 29  GLY A CA  1 
ATOM   28  C  C   . GLY A 1 4  ? -8.175  -8.586  -2.161  1.00 12.41 ? 29  GLY A C   1 
ATOM   29  O  O   . GLY A 1 4  ? -9.201  -8.938  -1.578  1.00 15.20 ? 29  GLY A O   1 
ATOM   30  N  N   . GLN A 1 5  ? -7.026  -8.385  -1.527  1.00 12.70 ? 30  GLN A N   1 
ATOM   31  C  CA  . GLN A 1 5  ? -6.910  -8.616  -0.094  1.00 13.19 ? 30  GLN A CA  1 
ATOM   32  C  C   . GLN A 1 5  ? -7.502  -7.466  0.707   1.00 12.54 ? 30  GLN A C   1 
ATOM   33  O  O   . GLN A 1 5  ? -7.046  -6.330  0.601   1.00 11.60 ? 30  GLN A O   1 
ATOM   34  C  CB  . GLN A 1 5  ? -5.448  -8.837  0.301   1.00 13.99 ? 30  GLN A CB  1 
ATOM   35  C  CG  . GLN A 1 5  ? -5.235  -9.038  1.796   1.00 17.63 ? 30  GLN A CG  1 
ATOM   36  C  CD  . GLN A 1 5  ? -6.027  -10.206 2.352   1.00 24.64 ? 30  GLN A CD  1 
ATOM   37  O  OE1 . GLN A 1 5  ? -5.982  -11.314 1.816   1.00 24.59 ? 30  GLN A OE1 1 
ATOM   38  N  NE2 . GLN A 1 5  ? -6.765  -9.962  3.429   1.00 22.21 ? 30  GLN A NE2 1 
ATOM   39  N  N   . LYS A 1 6  ? -8.518  -7.769  1.508   1.00 12.56 ? 31  LYS A N   1 
ATOM   40  C  CA  . LYS A 1 6  ? -9.135  -6.768  2.369   1.00 13.47 ? 31  LYS A CA  1 
ATOM   41  C  C   . LYS A 1 6  ? -8.278  -6.461  3.590   1.00 12.22 ? 31  LYS A C   1 
ATOM   42  O  O   . LYS A 1 6  ? -7.651  -7.348  4.172   1.00 13.09 ? 31  LYS A O   1 
ATOM   43  C  CB  . LYS A 1 6  ? -10.523 -7.223  2.822   1.00 14.27 ? 31  LYS A CB  1 
ATOM   44  C  CG  . LYS A 1 6  ? -11.558 -7.265  1.718   1.00 17.31 ? 31  LYS A CG  1 
ATOM   45  C  CD  . LYS A 1 6  ? -12.936 -7.545  2.287   1.00 16.84 ? 31  LYS A CD  1 
ATOM   46  C  CE  . LYS A 1 6  ? -13.992 -7.573  1.193   1.00 21.68 ? 31  LYS A CE  1 
ATOM   47  N  NZ  . LYS A 1 6  ? -15.320 -7.974  1.733   1.00 24.91 ? 31  LYS A NZ  1 
ATOM   48  N  N   . ALA A 1 7  ? -8.253  -5.190  3.970   1.00 13.22 ? 32  ALA A N   1 
ATOM   49  C  CA  . ALA A 1 7  ? -7.611  -4.783  5.209   1.00 13.04 ? 32  ALA A CA  1 
ATOM   50  C  C   . ALA A 1 7  ? -8.376  -5.372  6.385   1.00 14.41 ? 32  ALA A C   1 
ATOM   51  O  O   . ALA A 1 7  ? -9.556  -5.707  6.266   1.00 16.45 ? 32  ALA A O   1 
ATOM   52  C  CB  . ALA A 1 7  ? -7.570  -3.264  5.308   1.00 12.99 ? 32  ALA A CB  1 
ATOM   53  N  N   . GLN A 1 8  ? -7.693  -5.511  7.513   1.00 11.18 ? 33  GLN A N   1 
ATOM   54  C  CA  . GLN A 1 8  ? -8.326  -5.948  8.748   1.00 12.45 ? 33  GLN A CA  1 
ATOM   55  C  C   . GLN A 1 8  ? -8.823  -4.728  9.512   1.00 12.94 ? 33  GLN A C   1 
ATOM   56  O  O   . GLN A 1 8  ? -8.064  -3.792  9.751   1.00 13.66 ? 33  GLN A O   1 
ATOM   57  C  CB  . GLN A 1 8  ? -7.328  -6.724  9.609   1.00 15.42 ? 33  GLN A CB  1 
ATOM   58  C  CG  . GLN A 1 8  ? -7.889  -7.198  10.940  1.00 19.32 ? 33  GLN A CG  1 
ATOM   59  C  CD  . GLN A 1 8  ? -6.828  -7.803  11.842  1.00 28.27 ? 33  GLN A CD  1 
ATOM   60  O  OE1 . GLN A 1 8  ? -5.629  -7.685  11.580  1.00 30.00 ? 33  GLN A OE1 1 
ATOM   61  N  NE2 . GLN A 1 8  ? -7.265  -8.452  12.915  1.00 30.59 ? 33  GLN A NE2 1 
ATOM   62  N  N   . GLN A 1 9  ? -10.097 -4.738  9.889   1.00 12.46 ? 34  GLN A N   1 
ATOM   63  C  CA  . GLN A 1 9  ? -10.675 -3.654  10.675  1.00 13.68 ? 34  GLN A CA  1 
ATOM   64  C  C   . GLN A 1 9  ? -10.432 -3.882  12.163  1.00 13.16 ? 34  GLN A C   1 
ATOM   65  O  O   . GLN A 1 9  ? -10.742 -4.955  12.683  1.00 17.14 ? 34  GLN A O   1 
ATOM   66  C  CB  . GLN A 1 9  ? -12.181 -3.559  10.416  1.00 14.10 ? 34  GLN A CB  1 
ATOM   67  C  CG  . GLN A 1 9  ? -12.555 -3.467  8.944   1.00 14.63 ? 34  GLN A CG  1 
ATOM   68  C  CD  . GLN A 1 9  ? -11.985 -2.232  8.278   1.00 12.55 ? 34  GLN A CD  1 
ATOM   69  O  OE1 . GLN A 1 9  ? -11.970 -1.145  8.862   1.00 15.76 ? 34  GLN A OE1 1 
ATOM   70  N  NE2 . GLN A 1 9  ? -11.496 -2.394  7.054   1.00 13.61 ? 34  GLN A NE2 1 
ATOM   71  N  N   . LYS A 1 10 ? -9.883  -2.881  12.849  1.00 13.99 ? 35  LYS A N   1 
ATOM   72  C  CA  . LYS A 1 10 ? -9.666  -2.988  14.293  1.00 16.84 ? 35  LYS A CA  1 
ATOM   73  C  C   . LYS A 1 10 ? -9.234  -1.687  14.971  1.00 15.46 ? 35  LYS A C   1 
ATOM   74  O  O   . LYS A 1 10 ? -8.455  -0.908  14.420  1.00 17.14 ? 35  LYS A O   1 
ATOM   75  C  CB  . LYS A 1 10 ? -8.650  -4.092  14.610  1.00 20.88 ? 35  LYS A CB  1 
ATOM   76  C  CG  . LYS A 1 10 ? -7.295  -3.913  13.949  1.00 20.00 ? 35  LYS A CG  1 
ATOM   77  C  CD  . LYS A 1 10 ? -6.348  -5.040  14.339  1.00 24.55 ? 35  LYS A CD  1 
ATOM   78  C  CE  . LYS A 1 10 ? -5.091  -5.030  13.490  1.00 25.56 ? 35  LYS A CE  1 
ATOM   79  N  NZ  . LYS A 1 10 ? -4.161  -6.133  13.862  1.00 25.65 ? 35  LYS A NZ  1 
ATOM   80  N  N   . ASN A 1 11 ? -9.749  -1.480  16.181  1.00 18.15 ? 36  ASN A N   1 
ATOM   81  C  CA  . ASN A 1 11 ? -9.393  -0.341  17.034  1.00 16.75 ? 36  ASN A CA  1 
ATOM   82  C  C   . ASN A 1 11 ? -9.384  1.033   16.365  1.00 15.00 ? 36  ASN A C   1 
ATOM   83  O  O   . ASN A 1 11 ? -8.468  1.832   16.580  1.00 15.45 ? 36  ASN A O   1 
ATOM   84  C  CB  . ASN A 1 11 ? -8.064  -0.595  17.751  1.00 21.90 ? 36  ASN A CB  1 
ATOM   85  C  CG  . ASN A 1 11 ? -8.167  -1.691  18.795  1.00 24.77 ? 36  ASN A CG  1 
ATOM   86  O  OD1 . ASN A 1 11 ? -7.455  -2.689  18.731  1.00 24.65 ? 36  ASN A OD1 1 
ATOM   87  N  ND2 . ASN A 1 11 ? -9.062  -1.509  19.761  1.00 29.05 ? 36  ASN A ND2 1 
ATOM   88  N  N   . GLY A 1 12 ? -10.410 1.304   15.565  1.00 17.11 ? 37  GLY A N   1 
ATOM   89  C  CA  . GLY A 1 12 ? -10.578 2.611   14.950  1.00 17.49 ? 37  GLY A CA  1 
ATOM   90  C  C   . GLY A 1 12 ? -9.727  2.832   13.714  1.00 13.26 ? 37  GLY A C   1 
ATOM   91  O  O   . GLY A 1 12 ? -9.613  3.952   13.221  1.00 12.73 ? 37  GLY A O   1 
ATOM   92  N  N   . TYR A 1 13 ? -9.115  1.764   13.220  1.00 13.25 ? 38  TYR A N   1 
ATOM   93  C  CA  . TYR A 1 13 ? -8.360  1.836   11.977  1.00 11.25 ? 38  TYR A CA  1 
ATOM   94  C  C   . TYR A 1 13 ? -8.499  0.546   11.183  1.00 11.85 ? 38  TYR A C   1 
ATOM   95  O  O   . TYR A 1 13 ? -9.208  -0.371  11.592  1.00 13.10 ? 38  TYR A O   1 
ATOM   96  C  CB  . TYR A 1 13 ? -6.883  2.150   12.249  1.00 12.79 ? 38  TYR A CB  1 
ATOM   97  C  CG  . TYR A 1 13 ? -6.149  1.132   13.098  1.00 14.55 ? 38  TYR A CG  1 
ATOM   98  C  CD1 . TYR A 1 13 ? -5.485  0.059   12.516  1.00 12.13 ? 38  TYR A CD1 1 
ATOM   99  C  CD2 . TYR A 1 13 ? -6.101  1.256   14.481  1.00 17.56 ? 38  TYR A CD2 1 
ATOM   100 C  CE1 . TYR A 1 13 ? -4.802  -0.869  13.291  1.00 12.92 ? 38  TYR A CE1 1 
ATOM   101 C  CE2 . TYR A 1 13 ? -5.424  0.334   15.262  1.00 17.54 ? 38  TYR A CE2 1 
ATOM   102 C  CZ  . TYR A 1 13 ? -4.777  -0.726  14.662  1.00 14.42 ? 38  TYR A CZ  1 
ATOM   103 O  OH  . TYR A 1 13 ? -4.103  -1.645  15.440  1.00 15.49 ? 38  TYR A OH  1 
ATOM   104 N  N   . GLN A 1 14 ? -7.831  0.494   10.039  1.00 10.32 ? 39  GLN A N   1 
ATOM   105 C  CA  . GLN A 1 14 ? -7.764  -0.722  9.243   1.00 10.95 ? 39  GLN A CA  1 
ATOM   106 C  C   . GLN A 1 14 ? -6.320  -0.929  8.833   1.00 12.33 ? 39  GLN A C   1 
ATOM   107 O  O   . GLN A 1 14 ? -5.594  0.033   8.609   1.00 12.01 ? 39  GLN A O   1 
ATOM   108 C  CB  . GLN A 1 14 ? -8.677  -0.637  8.016   1.00 11.11 ? 39  GLN A CB  1 
ATOM   109 C  CG  . GLN A 1 14 ? -8.322  0.473   7.038   1.00 11.20 ? 39  GLN A CG  1 
ATOM   110 C  CD  . GLN A 1 14 ? -9.346  0.619   5.927   1.00 11.55 ? 39  GLN A CD  1 
ATOM   111 O  OE1 . GLN A 1 14 ? -9.924  -0.367  5.463   1.00 12.15 ? 39  GLN A OE1 1 
ATOM   112 N  NE2 . GLN A 1 14 ? -9.583  1.857   5.497   1.00 12.09 ? 39  GLN A NE2 1 
ATOM   113 N  N   . GLU A 1 15 ? -5.902  -2.184  8.747   1.00 10.86 ? 40  GLU A N   1 
ATOM   114 C  CA  . GLU A 1 15 ? -4.503  -2.492  8.514   1.00 12.23 ? 40  GLU A CA  1 
ATOM   115 C  C   . GLU A 1 15 ? -4.340  -3.598  7.490   1.00 12.63 ? 40  GLU A C   1 
ATOM   116 O  O   . GLU A 1 15 ? -5.088  -4.577  7.485   1.00 12.59 ? 40  GLU A O   1 
ATOM   117 C  CB  . GLU A 1 15 ? -3.834  -2.903  9.823   1.00 11.59 ? 40  GLU A CB  1 
ATOM   118 C  CG  . GLU A 1 15 ? -2.375  -3.290  9.683   1.00 13.26 ? 40  GLU A CG  1 
ATOM   119 C  CD  . GLU A 1 15 ? -1.753  -3.616  11.017  1.00 18.33 ? 40  GLU A CD  1 
ATOM   120 O  OE1 . GLU A 1 15 ? -1.540  -2.677  11.815  1.00 16.33 ? 40  GLU A OE1 1 
ATOM   121 O  OE2 . GLU A 1 15 ? -1.497  -4.810  11.275  1.00 25.58 ? 40  GLU A OE2 1 
ATOM   122 N  N   . ILE A 1 16 ? -3.356  -3.436  6.622   1.00 12.10 ? 41  ILE A N   1 
ATOM   123 C  CA  . ILE A 1 16 ? -2.999  -4.494  5.698   1.00 13.03 ? 41  ILE A CA  1 
ATOM   124 C  C   . ILE A 1 16 ? -1.489  -4.537  5.567   1.00 13.25 ? 41  ILE A C   1 
ATOM   125 O  O   . ILE A 1 16 ? -0.822  -3.499  5.586   1.00 12.90 ? 41  ILE A O   1 
ATOM   126 C  CB  . ILE A 1 16 ? -3.670  -4.308  4.329   1.00 17.90 ? 41  ILE A CB  1 
ATOM   127 C  CG1 . ILE A 1 16 ? -3.438  -5.543  3.457   1.00 19.05 ? 41  ILE A CG1 1 
ATOM   128 C  CG2 . ILE A 1 16 ? -3.172  -3.038  3.656   1.00 17.27 ? 41  ILE A CG2 1 
ATOM   129 C  CD1 . ILE A 1 16 ? -4.408  -5.663  2.311   1.00 20.36 ? 41  ILE A CD1 1 
ATOM   130 N  N   . ARG A 1 17 ? -0.955  -5.747  5.457   1.00 12.38 ? 42  ARG A N   1 
ATOM   131 C  CA  . ARG A 1 17 ? 0.480   -5.948  5.360   1.00 12.78 ? 42  ARG A CA  1 
ATOM   132 C  C   . ARG A 1 17 ? 0.865   -6.285  3.928   1.00 11.25 ? 42  ARG A C   1 
ATOM   133 O  O   . ARG A 1 17 ? 0.246   -7.135  3.287   1.00 13.29 ? 42  ARG A O   1 
ATOM   134 C  CB  . ARG A 1 17 ? 0.926   -7.060  6.310   1.00 16.18 ? 42  ARG A CB  1 
ATOM   135 C  CG  . ARG A 1 17 ? 0.609   -6.782  7.772   1.00 21.75 ? 42  ARG A CG  1 
ATOM   136 C  CD  . ARG A 1 17 ? 1.189   -7.860  8.676   1.00 33.40 ? 42  ARG A CD  1 
ATOM   137 N  NE  . ARG A 1 17 ? 2.639   -7.959  8.537   1.00 39.86 ? 42  ARG A NE  1 
ATOM   138 C  CZ  . ARG A 1 17 ? 3.508   -7.260  9.261   1.00 37.69 ? 42  ARG A CZ  1 
ATOM   139 N  NH1 . ARG A 1 17 ? 4.811   -7.410  9.064   1.00 36.41 ? 42  ARG A NH1 1 
ATOM   140 N  NH2 . ARG A 1 17 ? 3.074   -6.409  10.181  1.00 35.66 ? 42  ARG A NH2 1 
ATOM   141 N  N   . VAL A 1 18 ? 1.888   -5.602  3.429   1.00 10.73 ? 43  VAL A N   1 
ATOM   142 C  CA  . VAL A 1 18 ? 2.369   -5.823  2.073   1.00 11.67 ? 43  VAL A CA  1 
ATOM   143 C  C   . VAL A 1 18 ? 3.842   -6.193  2.115   1.00 11.17 ? 43  VAL A C   1 
ATOM   144 O  O   . VAL A 1 18 ? 4.654   -5.455  2.663   1.00 12.43 ? 43  VAL A O   1 
ATOM   145 C  CB  . VAL A 1 18 ? 2.168   -4.571  1.196   1.00 10.54 ? 43  VAL A CB  1 
ATOM   146 C  CG1 . VAL A 1 18 ? 2.725   -4.797  -0.206  1.00 11.92 ? 43  VAL A CG1 1 
ATOM   147 C  CG2 . VAL A 1 18 ? 0.697   -4.199  1.137   1.00 14.49 ? 43  VAL A CG2 1 
ATOM   148 N  N   . GLU A 1 19 ? 4.176   -7.351  1.556   1.00 10.44 ? 44  GLU A N   1 
ATOM   149 C  CA  . GLU A 1 19 ? 5.562   -7.781  1.469   1.00 11.02 ? 44  GLU A CA  1 
ATOM   150 C  C   . GLU A 1 19 ? 6.203   -7.184  0.229   1.00 10.08 ? 44  GLU A C   1 
ATOM   151 O  O   . GLU A 1 19 ? 5.641   -7.256  -0.865  1.00 11.77 ? 44  GLU A O   1 
ATOM   152 C  CB  . GLU A 1 19 ? 5.649   -9.308  1.416   1.00 11.39 ? 44  GLU A CB  1 
ATOM   153 C  CG  . GLU A 1 19 ? 7.075   -9.832  1.352   1.00 15.87 ? 44  GLU A CG  1 
ATOM   154 C  CD  . GLU A 1 19 ? 7.145   -11.346 1.378   1.00 29.85 ? 44  GLU A CD  1 
ATOM   155 O  OE1 . GLU A 1 19 ? 6.266   -11.972 2.008   1.00 35.71 ? 44  GLU A OE1 1 
ATOM   156 O  OE2 . GLU A 1 19 ? 8.079   -11.910 0.769   1.00 27.94 ? 44  GLU A OE2 1 
ATOM   157 N  N   . VAL A 1 20 ? 7.370   -6.574  0.407   1.00 10.97 ? 45  VAL A N   1 
ATOM   158 C  CA  . VAL A 1 20 ? 8.116   -6.025  -0.714  1.00 11.78 ? 45  VAL A CA  1 
ATOM   159 C  C   . VAL A 1 20 ? 9.158   -7.045  -1.142  1.00 11.48 ? 45  VAL A C   1 
ATOM   160 O  O   . VAL A 1 20 ? 10.200  -7.204  -0.504  1.00 10.45 ? 45  VAL A O   1 
ATOM   161 C  CB  . VAL A 1 20 ? 8.781   -4.685  -0.360  1.00 10.00 ? 45  VAL A CB  1 
ATOM   162 C  CG1 . VAL A 1 20 ? 9.463   -4.085  -1.592  1.00 11.73 ? 45  VAL A CG1 1 
ATOM   163 C  CG2 . VAL A 1 20 ? 7.751   -3.719  0.215   1.00 12.88 ? 45  VAL A CG2 1 
ATOM   164 N  N   . MET A 1 21 ? 8.844   -7.754  -2.218  1.00 12.58 ? 46  MET A N   1 
ATOM   165 C  CA  . MET A 1 21 ? 9.708   -8.790  -2.752  1.00 11.88 ? 46  MET A CA  1 
ATOM   166 C  C   . MET A 1 21 ? 9.416   -8.915  -4.238  1.00 11.68 ? 46  MET A C   1 
ATOM   167 O  O   . MET A 1 21 ? 8.346   -9.391  -4.627  1.00 13.60 ? 46  MET A O   1 
ATOM   168 C  CB  . MET A 1 21 ? 9.441   -10.120 -2.045  1.00 14.47 ? 46  MET A CB  1 
ATOM   169 C  CG  . MET A 1 21 ? 10.235  -11.285 -2.612  1.00 15.32 ? 46  MET A CG  1 
ATOM   170 S  SD  . MET A 1 21 ? 11.994  -11.179 -2.228  1.00 20.71 ? 46  MET A SD  1 
ATOM   171 C  CE  . MET A 1 21 ? 11.985  -11.625 -0.495  1.00 27.80 ? 46  MET A CE  1 
ATOM   172 N  N   . GLY A 1 22 ? 10.348  -8.452  -5.066  1.00 13.78 ? 47  GLY A N   1 
ATOM   173 C  CA  . GLY A 1 22 ? 10.165  -8.470  -6.508  1.00 15.58 ? 47  GLY A CA  1 
ATOM   174 C  C   . GLY A 1 22 ? 8.867   -7.788  -6.889  1.00 15.58 ? 47  GLY A C   1 
ATOM   175 O  O   . GLY A 1 22 ? 8.151   -8.224  -7.791  1.00 18.19 ? 47  GLY A O   1 
ATOM   176 N  N   . GLY A 1 23 ? 8.570   -6.698  -6.195  1.00 12.30 ? 48  GLY A N   1 
ATOM   177 C  CA  . GLY A 1 23 ? 7.284   -6.047  -6.314  1.00 12.40 ? 48  GLY A CA  1 
ATOM   178 C  C   . GLY A 1 23 ? 6.569   -6.111  -4.981  1.00 9.49  ? 48  GLY A C   1 
ATOM   179 O  O   . GLY A 1 23 ? 7.207   -6.161  -3.931  1.00 11.92 ? 48  GLY A O   1 
ATOM   180 N  N   . TYR A 1 24 ? 5.243   -6.126  -5.024  1.00 10.20 ? 49  TYR A N   1 
ATOM   181 C  CA  . TYR A 1 24 ? 4.441   -6.080  -3.811  1.00 11.04 ? 49  TYR A CA  1 
ATOM   182 C  C   . TYR A 1 24 ? 3.480   -7.247  -3.799  1.00 12.05 ? 49  TYR A C   1 
ATOM   183 O  O   . TYR A 1 24 ? 2.847   -7.540  -4.806  1.00 12.37 ? 49  TYR A O   1 
ATOM   184 C  CB  . TYR A 1 24 ? 3.673   -4.754  -3.744  1.00 11.12 ? 49  TYR A CB  1 
ATOM   185 C  CG  . TYR A 1 24 ? 4.589   -3.582  -3.981  1.00 11.06 ? 49  TYR A CG  1 
ATOM   186 C  CD1 . TYR A 1 24 ? 5.518   -3.212  -3.021  1.00 11.08 ? 49  TYR A CD1 1 
ATOM   187 C  CD2 . TYR A 1 24 ? 4.562   -2.880  -5.179  1.00 10.51 ? 49  TYR A CD2 1 
ATOM   188 C  CE1 . TYR A 1 24 ? 6.385   -2.162  -3.231  1.00 10.51 ? 49  TYR A CE1 1 
ATOM   189 C  CE2 . TYR A 1 24 ? 5.428   -1.820  -5.400  1.00 11.48 ? 49  TYR A CE2 1 
ATOM   190 C  CZ  . TYR A 1 24 ? 6.336   -1.468  -4.421  1.00 10.89 ? 49  TYR A CZ  1 
ATOM   191 O  OH  . TYR A 1 24 ? 7.206   -0.422  -4.624  1.00 12.36 ? 49  TYR A OH  1 
ATOM   192 N  N   . THR A 1 25 ? 3.383   -7.933  -2.667  1.00 10.68 ? 50  THR A N   1 
ATOM   193 C  CA  . THR A 1 25 ? 2.371   -8.969  -2.523  1.00 11.31 ? 50  THR A CA  1 
ATOM   194 C  C   . THR A 1 25 ? 1.741   -8.878  -1.137  1.00 11.11 ? 50  THR A C   1 
ATOM   195 O  O   . THR A 1 25 ? 2.445   -8.855  -0.131  1.00 11.21 ? 50  THR A O   1 
ATOM   196 C  CB  . THR A 1 25 ? 2.931   -10.385 -2.809  1.00 12.40 ? 50  THR A CB  1 
ATOM   197 O  OG1 . THR A 1 25 ? 1.847   -11.317 -2.908  1.00 12.32 ? 50  THR A OG1 1 
ATOM   198 C  CG2 . THR A 1 25 ? 3.896   -10.831 -1.718  1.00 13.18 ? 50  THR A CG2 1 
ATOM   199 N  N   . PRO A 1 26 ? 0.407   -8.778  -1.086  1.00 10.98 ? 51  PRO A N   1 
ATOM   200 C  CA  . PRO A 1 26 ? -0.480  -8.696  -2.253  1.00 11.67 ? 51  PRO A CA  1 
ATOM   201 C  C   . PRO A 1 26 ? -0.363  -7.350  -2.978  1.00 12.11 ? 51  PRO A C   1 
ATOM   202 O  O   . PRO A 1 26 ? -0.074  -6.329  -2.345  1.00 13.52 ? 51  PRO A O   1 
ATOM   203 C  CB  . PRO A 1 26 ? -1.871  -8.839  -1.633  1.00 13.23 ? 51  PRO A CB  1 
ATOM   204 C  CG  . PRO A 1 26 ? -1.719  -8.276  -0.260  1.00 13.36 ? 51  PRO A CG  1 
ATOM   205 C  CD  . PRO A 1 26 ? -0.339  -8.683  0.182   1.00 11.72 ? 51  PRO A CD  1 
ATOM   206 N  N   . GLU A 1 27 ? -0.575  -7.357  -4.292  1.00 11.15 ? 52  GLU A N   1 
ATOM   207 C  CA  . GLU A 1 27 ? -0.498  -6.135  -5.095  1.00 11.66 ? 52  GLU A CA  1 
ATOM   208 C  C   . GLU A 1 27 ? -1.891  -5.607  -5.422  1.00 12.63 ? 52  GLU A C   1 
ATOM   209 O  O   . GLU A 1 27 ? -2.046  -4.642  -6.173  1.00 13.51 ? 52  GLU A O   1 
ATOM   210 C  CB  . GLU A 1 27 ? 0.299   -6.373  -6.379  1.00 12.65 ? 52  GLU A CB  1 
ATOM   211 C  CG  . GLU A 1 27 ? -0.337  -7.371  -7.332  1.00 13.76 ? 52  GLU A CG  1 
ATOM   212 C  CD  . GLU A 1 27 ? 0.506   -7.622  -8.568  1.00 19.93 ? 52  GLU A CD  1 
ATOM   213 O  OE1 . GLU A 1 27 ? 1.731   -7.383  -8.519  1.00 20.45 ? 52  GLU A OE1 1 
ATOM   214 O  OE2 . GLU A 1 27 ? -0.057  -8.061  -9.592  1.00 24.23 ? 52  GLU A OE2 1 
ATOM   215 N  N   A LEU A 1 28 ? -2.901  -6.240  -4.834  0.48 11.71 ? 53  LEU A N   1 
ATOM   216 N  N   B LEU A 1 28 ? -2.903  -6.276  -4.879  0.52 11.72 ? 53  LEU A N   1 
ATOM   217 C  CA  A LEU A 1 28 ? -4.283  -5.810  -4.977  0.48 11.54 ? 53  LEU A CA  1 
ATOM   218 C  CA  B LEU A 1 28 ? -4.282  -5.820  -4.958  0.52 11.54 ? 53  LEU A CA  1 
ATOM   219 C  C   A LEU A 1 28 ? -4.909  -5.786  -3.588  0.48 12.23 ? 53  LEU A C   1 
ATOM   220 C  C   B LEU A 1 28 ? -4.813  -5.778  -3.538  0.52 12.24 ? 53  LEU A C   1 
ATOM   221 O  O   A LEU A 1 28 ? -5.141  -6.835  -2.989  0.48 12.69 ? 53  LEU A O   1 
ATOM   222 O  O   B LEU A 1 28 ? -4.885  -6.806  -2.868  0.52 12.01 ? 53  LEU A O   1 
ATOM   223 C  CB  A LEU A 1 28 ? -5.043  -6.775  -5.889  0.48 14.20 ? 53  LEU A CB  1 
ATOM   224 C  CB  B LEU A 1 28 ? -5.132  -6.778  -5.797  0.52 14.19 ? 53  LEU A CB  1 
ATOM   225 C  CG  A LEU A 1 28 ? -6.451  -6.374  -6.327  0.48 14.23 ? 53  LEU A CG  1 
ATOM   226 C  CG  B LEU A 1 28 ? -4.868  -6.857  -7.300  0.52 15.60 ? 53  LEU A CG  1 
ATOM   227 C  CD1 A LEU A 1 28 ? -6.423  -5.039  -7.053  0.48 13.72 ? 53  LEU A CD1 1 
ATOM   228 C  CD1 B LEU A 1 28 ? -5.723  -7.945  -7.928  0.52 14.70 ? 53  LEU A CD1 1 
ATOM   229 C  CD2 A LEU A 1 28 ? -7.056  -7.456  -7.211  0.48 13.59 ? 53  LEU A CD2 1 
ATOM   230 C  CD2 B LEU A 1 28 ? -5.137  -5.519  -7.967  0.52 14.90 ? 53  LEU A CD2 1 
ATOM   231 N  N   . ILE A 1 29 ? -5.162  -4.588  -3.071  1.00 10.58 ? 54  ILE A N   1 
ATOM   232 C  CA  . ILE A 1 29 ? -5.664  -4.432  -1.713  1.00 11.35 ? 54  ILE A CA  1 
ATOM   233 C  C   . ILE A 1 29 ? -6.976  -3.664  -1.690  1.00 11.58 ? 54  ILE A C   1 
ATOM   234 O  O   . ILE A 1 29 ? -7.226  -2.819  -2.551  1.00 11.98 ? 54  ILE A O   1 
ATOM   235 C  CB  . ILE A 1 29 ? -4.620  -3.762  -0.789  1.00 12.05 ? 54  ILE A CB  1 
ATOM   236 C  CG1 . ILE A 1 29 ? -4.317  -2.334  -1.246  1.00 12.38 ? 54  ILE A CG1 1 
ATOM   237 C  CG2 . ILE A 1 29 ? -3.342  -4.588  -0.750  1.00 12.28 ? 54  ILE A CG2 1 
ATOM   238 C  CD1 . ILE A 1 29 ? -3.316  -1.615  -0.359  1.00 13.76 ? 54  ILE A CD1 1 
ATOM   239 N  N   . VAL A 1 30 ? -7.814  -3.973  -0.707  1.00 10.51 ? 55  VAL A N   1 
ATOM   240 C  CA  . VAL A 1 30 ? -9.152  -3.403  -0.633  1.00 12.08 ? 55  VAL A CA  1 
ATOM   241 C  C   . VAL A 1 30 ? -9.392  -2.785  0.737   1.00 11.19 ? 55  VAL A C   1 
ATOM   242 O  O   . VAL A 1 30 ? -9.323  -3.469  1.758   1.00 11.47 ? 55  VAL A O   1 
ATOM   243 C  CB  . VAL A 1 30 ? -10.232 -4.470  -0.929  1.00 10.98 ? 55  VAL A CB  1 
ATOM   244 C  CG1 . VAL A 1 30 ? -11.613 -3.838  -0.914  1.00 12.18 ? 55  VAL A CG1 1 
ATOM   245 C  CG2 . VAL A 1 30 ? -9.966  -5.137  -2.272  1.00 13.43 ? 55  VAL A CG2 1 
ATOM   246 N  N   . LEU A 1 31 ? -9.670  -1.485  0.745   1.00 10.96 ? 56  LEU A N   1 
ATOM   247 C  CA  . LEU A 1 31 ? -9.870  -0.739  1.981   1.00 11.56 ? 56  LEU A CA  1 
ATOM   248 C  C   . LEU A 1 31 ? -11.282 -0.180  2.087   1.00 12.42 ? 56  LEU A C   1 
ATOM   249 O  O   . LEU A 1 31 ? -11.956 0.038   1.077   1.00 13.21 ? 56  LEU A O   1 
ATOM   250 C  CB  . LEU A 1 31 ? -8.867  0.412   2.077   1.00 13.45 ? 56  LEU A CB  1 
ATOM   251 C  CG  . LEU A 1 31 ? -7.488  0.096   2.660   1.00 16.19 ? 56  LEU A CG  1 
ATOM   252 C  CD1 . LEU A 1 31 ? -6.801  -1.030  1.900   1.00 19.15 ? 56  LEU A CD1 1 
ATOM   253 C  CD2 . LEU A 1 31 ? -6.623  1.348   2.665   1.00 15.85 ? 56  LEU A CD2 1 
ATOM   254 N  N   . LYS A 1 32 ? -11.720 0.053   3.321   1.00 11.79 ? 57  LYS A N   1 
ATOM   255 C  CA  . LYS A 1 32 ? -13.010 0.678   3.578   1.00 13.54 ? 57  LYS A CA  1 
ATOM   256 C  C   . LYS A 1 32 ? -12.894 2.198   3.542   1.00 12.87 ? 57  LYS A C   1 
ATOM   257 O  O   . LYS A 1 32 ? -11.986 2.782   4.137   1.00 12.89 ? 57  LYS A O   1 
ATOM   258 C  CB  . LYS A 1 32 ? -13.564 0.253   4.939   1.00 12.80 ? 57  LYS A CB  1 
ATOM   259 C  CG  . LYS A 1 32 ? -14.150 -1.145  4.988   1.00 19.27 ? 57  LYS A CG  1 
ATOM   260 C  CD  . LYS A 1 32 ? -14.903 -1.351  6.296   1.00 23.96 ? 57  LYS A CD  1 
ATOM   261 C  CE  . LYS A 1 32 ? -15.502 -2.745  6.384   1.00 34.71 ? 57  LYS A CE  1 
ATOM   262 N  NZ  . LYS A 1 32 ? -16.502 -2.988  5.308   1.00 40.37 ? 57  LYS A NZ  1 
ATOM   263 N  N   . LYS A 1 33 ? -13.833 2.833   2.850   1.00 12.82 ? 58  LYS A N   1 
ATOM   264 C  CA  . LYS A 1 33 ? -13.878 4.284   2.782   1.00 13.92 ? 58  LYS A CA  1 
ATOM   265 C  C   . LYS A 1 33 ? -13.980 4.908   4.176   1.00 13.48 ? 58  LYS A C   1 
ATOM   266 O  O   . LYS A 1 33 ? -14.718 4.419   5.035   1.00 13.91 ? 58  LYS A O   1 
ATOM   267 C  CB  . LYS A 1 33 ? -15.057 4.723   1.908   1.00 14.95 ? 58  LYS A CB  1 
ATOM   268 C  CG  . LYS A 1 33 ? -15.233 6.223   1.792   1.00 17.48 ? 58  LYS A CG  1 
ATOM   269 C  CD  . LYS A 1 33 ? -16.446 6.560   0.934   1.00 19.92 ? 58  LYS A CD  1 
ATOM   270 C  CE  . LYS A 1 33 ? -16.863 8.011   1.104   1.00 30.99 ? 58  LYS A CE  1 
ATOM   271 N  NZ  . LYS A 1 33 ? -18.053 8.351   0.273   1.00 29.49 ? 58  LYS A NZ  1 
ATOM   272 N  N   . SER A 1 34 ? -13.210 5.974   4.393   1.00 13.60 ? 59  SER A N   1 
ATOM   273 C  CA  . SER A 1 34 ? -13.325 6.818   5.588   1.00 14.03 ? 59  SER A CA  1 
ATOM   274 C  C   . SER A 1 34 ? -12.700 6.253   6.865   1.00 15.53 ? 59  SER A C   1 
ATOM   275 O  O   . SER A 1 34 ? -12.795 6.868   7.927   1.00 17.39 ? 59  SER A O   1 
ATOM   276 C  CB  . SER A 1 34 ? -14.787 7.192   5.850   1.00 17.18 ? 59  SER A CB  1 
ATOM   277 O  OG  . SER A 1 34 ? -15.348 7.871   4.741   1.00 21.30 ? 59  SER A OG  1 
ATOM   278 N  N   . VAL A 1 35 ? -12.064 5.093   6.769   1.00 12.12 ? 60  VAL A N   1 
ATOM   279 C  CA  . VAL A 1 35 ? -11.416 4.494   7.930   1.00 11.08 ? 60  VAL A CA  1 
ATOM   280 C  C   . VAL A 1 35 ? -9.905  4.684   7.844   1.00 10.49 ? 60  VAL A C   1 
ATOM   281 O  O   . VAL A 1 35 ? -9.288  4.300   6.852   1.00 11.37 ? 60  VAL A O   1 
ATOM   282 C  CB  . VAL A 1 35 ? -11.738 2.993   8.037   1.00 12.16 ? 60  VAL A CB  1 
ATOM   283 C  CG1 . VAL A 1 35 ? -11.011 2.378   9.217   1.00 11.80 ? 60  VAL A CG1 1 
ATOM   284 C  CG2 . VAL A 1 35 ? -13.239 2.779   8.167   1.00 13.91 ? 60  VAL A CG2 1 
ATOM   285 N  N   . PRO A 1 36 ? -9.301  5.292   8.877   1.00 10.48 ? 61  PRO A N   1 
ATOM   286 C  CA  . PRO A 1 36 ? -7.847  5.500   8.869   1.00 11.64 ? 61  PRO A CA  1 
ATOM   287 C  C   . PRO A 1 36 ? -7.113  4.194   8.588   1.00 11.04 ? 61  PRO A C   1 
ATOM   288 O  O   . PRO A 1 36 ? -7.444  3.169   9.181   1.00 12.81 ? 61  PRO A O   1 
ATOM   289 C  CB  . PRO A 1 36 ? -7.559  5.988   10.289  1.00 13.63 ? 61  PRO A CB  1 
ATOM   290 C  CG  . PRO A 1 36 ? -8.836  6.636   10.720  1.00 12.83 ? 61  PRO A CG  1 
ATOM   291 C  CD  . PRO A 1 36 ? -9.929  5.811   10.104  1.00 12.36 ? 61  PRO A CD  1 
ATOM   292 N  N   . ALA A 1 37 ? -6.136  4.233   7.690   1.00 11.20 ? 62  ALA A N   1 
ATOM   293 C  CA  . ALA A 1 37 ? -5.479  3.014   7.233   1.00 10.29 ? 62  ALA A CA  1 
ATOM   294 C  C   . ALA A 1 37 ? -3.993  2.969   7.557   1.00 10.13 ? 62  ALA A C   1 
ATOM   295 O  O   . ALA A 1 37 ? -3.300  3.990   7.539   1.00 11.00 ? 62  ALA A O   1 
ATOM   296 C  CB  . ALA A 1 37 ? -5.695  2.828   5.733   1.00 11.54 ? 62  ALA A CB  1 
ATOM   297 N  N   . ARG A 1 38 ? -3.530  1.762   7.865   1.00 10.39 ? 63  ARG A N   1 
ATOM   298 C  CA  . ARG A 1 38 ? -2.119  1.449   8.017   1.00 10.27 ? 63  ARG A CA  1 
ATOM   299 C  C   . ARG A 1 38 ? -1.770  0.424   6.953   1.00 10.71 ? 63  ARG A C   1 
ATOM   300 O  O   . ARG A 1 38 ? -2.278  -0.700  6.974   1.00 11.63 ? 63  ARG A O   1 
ATOM   301 C  CB  . ARG A 1 38 ? -1.847  0.847   9.396   1.00 11.56 ? 63  ARG A CB  1 
ATOM   302 C  CG  . ARG A 1 38 ? -1.906  1.829   10.550  1.00 12.68 ? 63  ARG A CG  1 
ATOM   303 C  CD  . ARG A 1 38 ? -1.921  1.102   11.890  1.00 12.83 ? 63  ARG A CD  1 
ATOM   304 N  NE  . ARG A 1 38 ? -0.941  0.021   11.960  1.00 13.97 ? 63  ARG A NE  1 
ATOM   305 C  CZ  . ARG A 1 38 ? 0.353   0.189   12.212  1.00 14.22 ? 63  ARG A CZ  1 
ATOM   306 N  NH1 . ARG A 1 38 ? 0.839   1.406   12.412  1.00 14.22 ? 63  ARG A NH1 1 
ATOM   307 N  NH2 . ARG A 1 38 ? 1.165   -0.861  12.259  1.00 16.10 ? 63  ARG A NH2 1 
ATOM   308 N  N   . ILE A 1 39 ? -0.922  0.815   6.010   1.00 10.74 ? 64  ILE A N   1 
ATOM   309 C  CA  . ILE A 1 39 ? -0.439  -0.107  4.999   1.00 11.17 ? 64  ILE A CA  1 
ATOM   310 C  C   . ILE A 1 39 ? 1.018   -0.382  5.334   1.00 11.23 ? 64  ILE A C   1 
ATOM   311 O  O   . ILE A 1 39 ? 1.884   0.475   5.158   1.00 11.79 ? 64  ILE A O   1 
ATOM   312 C  CB  . ILE A 1 39 ? -0.607  0.469   3.582   1.00 12.03 ? 64  ILE A CB  1 
ATOM   313 C  CG1 . ILE A 1 39 ? -2.040  0.980   3.397   1.00 13.04 ? 64  ILE A CG1 1 
ATOM   314 C  CG2 . ILE A 1 39 ? -0.277  -0.584  2.534   1.00 13.42 ? 64  ILE A CG2 1 
ATOM   315 C  CD1 . ILE A 1 39 ? -2.275  1.721   2.098   1.00 17.15 ? 64  ILE A CD1 1 
ATOM   316 N  N   . VAL A 1 40 ? 1.267   -1.574  5.863   1.00 9.86  ? 65  VAL A N   1 
ATOM   317 C  CA  . VAL A 1 40 ? 2.555   -1.902  6.444   1.00 10.57 ? 65  VAL A CA  1 
ATOM   318 C  C   . VAL A 1 40 ? 3.435   -2.610  5.427   1.00 10.56 ? 65  VAL A C   1 
ATOM   319 O  O   . VAL A 1 40 ? 3.192   -3.770  5.083   1.00 12.46 ? 65  VAL A O   1 
ATOM   320 C  CB  . VAL A 1 40 ? 2.382   -2.797  7.683   1.00 10.88 ? 65  VAL A CB  1 
ATOM   321 C  CG1 . VAL A 1 40 ? 3.723   -3.025  8.364   1.00 14.18 ? 65  VAL A CG1 1 
ATOM   322 C  CG2 . VAL A 1 40 ? 1.384   -2.169  8.647   1.00 11.85 ? 65  VAL A CG2 1 
ATOM   323 N  N   . PHE A 1 41 ? 4.458   -1.911  4.948   1.00 10.98 ? 66  PHE A N   1 
ATOM   324 C  CA  . PHE A 1 41 ? 5.379   -2.478  3.975   1.00 11.03 ? 66  PHE A CA  1 
ATOM   325 C  C   . PHE A 1 41 ? 6.559   -3.128  4.669   1.00 12.27 ? 66  PHE A C   1 
ATOM   326 O  O   . PHE A 1 41 ? 7.320   -2.465  5.378   1.00 14.03 ? 66  PHE A O   1 
ATOM   327 C  CB  . PHE A 1 41 ? 5.857   -1.407  2.992   1.00 10.59 ? 66  PHE A CB  1 
ATOM   328 C  CG  . PHE A 1 41 ? 4.790   -0.954  2.041   1.00 10.60 ? 66  PHE A CG  1 
ATOM   329 C  CD1 . PHE A 1 41 ? 3.897   0.041   2.404   1.00 11.38 ? 66  PHE A CD1 1 
ATOM   330 C  CD2 . PHE A 1 41 ? 4.666   -1.537  0.790   1.00 10.27 ? 66  PHE A CD2 1 
ATOM   331 C  CE1 . PHE A 1 41 ? 2.907   0.451   1.537   1.00 11.61 ? 66  PHE A CE1 1 
ATOM   332 C  CE2 . PHE A 1 41 ? 3.675   -1.129  -0.083  1.00 10.81 ? 66  PHE A CE2 1 
ATOM   333 C  CZ  . PHE A 1 41 ? 2.796   -0.136  0.288   1.00 11.74 ? 66  PHE A CZ  1 
ATOM   334 N  N   . ASP A 1 42 ? 6.704   -4.431  4.467   1.00 11.49 ? 67  ASP A N   1 
ATOM   335 C  CA  . ASP A 1 42 ? 7.814   -5.173  5.041   1.00 12.34 ? 67  ASP A CA  1 
ATOM   336 C  C   . ASP A 1 42 ? 8.805   -5.451  3.925   1.00 12.85 ? 67  ASP A C   1 
ATOM   337 O  O   . ASP A 1 42 ? 8.532   -6.263  3.040   1.00 12.98 ? 67  ASP A O   1 
ATOM   338 C  CB  . ASP A 1 42 ? 7.308   -6.477  5.653   1.00 14.20 ? 67  ASP A CB  1 
ATOM   339 C  CG  . ASP A 1 42 ? 8.387   -7.232  6.394   1.00 21.47 ? 67  ASP A CG  1 
ATOM   340 O  OD1 . ASP A 1 42 ? 9.393   -6.603  6.782   1.00 22.06 ? 67  ASP A OD1 1 
ATOM   341 O  OD2 . ASP A 1 42 ? 8.225   -8.452  6.594   1.00 29.58 ? 67  ASP A OD2 1 
ATOM   342 N  N   . ARG A 1 43 ? 9.947   -4.769  3.952   1.00 11.41 ? 68  ARG A N   1 
ATOM   343 C  CA  . ARG A 1 43 ? 10.877  -4.841  2.831   1.00 13.22 ? 68  ARG A CA  1 
ATOM   344 C  C   . ARG A 1 43 ? 11.879  -5.979  2.965   1.00 12.63 ? 68  ARG A C   1 
ATOM   345 O  O   . ARG A 1 43 ? 12.665  -6.023  3.914   1.00 14.56 ? 68  ARG A O   1 
ATOM   346 C  CB  . ARG A 1 43 ? 11.615  -3.520  2.615   1.00 11.67 ? 68  ARG A CB  1 
ATOM   347 C  CG  . ARG A 1 43 ? 12.508  -3.579  1.394   1.00 11.17 ? 68  ARG A CG  1 
ATOM   348 C  CD  . ARG A 1 43 ? 13.209  -2.280  1.101   1.00 12.89 ? 68  ARG A CD  1 
ATOM   349 N  NE  . ARG A 1 43 ? 14.065  -2.429  -0.072  1.00 11.30 ? 68  ARG A NE  1 
ATOM   350 C  CZ  . ARG A 1 43 ? 14.896  -1.496  -0.520  1.00 12.61 ? 68  ARG A CZ  1 
ATOM   351 N  NH1 . ARG A 1 43 ? 14.995  -0.336  0.112   1.00 12.78 ? 68  ARG A NH1 1 
ATOM   352 N  NH2 . ARG A 1 43 ? 15.630  -1.728  -1.603  1.00 12.57 ? 68  ARG A NH2 1 
ATOM   353 N  N   . LYS A 1 44 ? 11.854  -6.887  1.993   1.00 11.95 ? 69  LYS A N   1 
ATOM   354 C  CA  . LYS A 1 44 ? 12.710  -8.065  2.014   1.00 12.42 ? 69  LYS A CA  1 
ATOM   355 C  C   . LYS A 1 44 ? 13.589  -8.165  0.768   1.00 12.85 ? 69  LYS A C   1 
ATOM   356 O  O   . LYS A 1 44 ? 14.378  -9.097  0.632   1.00 17.06 ? 69  LYS A O   1 
ATOM   357 C  CB  . LYS A 1 44 ? 11.860  -9.327  2.162   1.00 16.21 ? 69  LYS A CB  1 
ATOM   358 C  CG  . LYS A 1 44 ? 11.082  -9.382  3.468   1.00 20.82 ? 69  LYS A CG  1 
ATOM   359 C  CD  . LYS A 1 44 ? 10.219  -10.627 3.551   1.00 27.59 ? 69  LYS A CD  1 
ATOM   360 C  CE  . LYS A 1 44 ? 9.517   -10.716 4.895   1.00 30.83 ? 69  LYS A CE  1 
ATOM   361 N  NZ  . LYS A 1 44 ? 8.648   -11.921 4.984   1.00 38.21 ? 69  LYS A NZ  1 
ATOM   362 N  N   . ASP A 1 45 ? 13.451  -7.196  -0.131  1.00 12.70 ? 70  ASP A N   1 
ATOM   363 C  CA  . ASP A 1 45 ? 14.187  -7.187  -1.391  1.00 13.32 ? 70  ASP A CA  1 
ATOM   364 C  C   . ASP A 1 45 ? 15.065  -5.936  -1.449  1.00 13.16 ? 70  ASP A C   1 
ATOM   365 O  O   . ASP A 1 45 ? 14.553  -4.819  -1.445  1.00 12.48 ? 70  ASP A O   1 
ATOM   366 C  CB  . ASP A 1 45 ? 13.192  -7.205  -2.554  1.00 14.43 ? 70  ASP A CB  1 
ATOM   367 C  CG  . ASP A 1 45 ? 13.860  -7.327  -3.911  1.00 12.98 ? 70  ASP A CG  1 
ATOM   368 O  OD1 . ASP A 1 45 ? 15.040  -6.943  -4.052  1.00 15.16 ? 70  ASP A OD1 1 
ATOM   369 O  OD2 . ASP A 1 45 ? 13.183  -7.800  -4.848  1.00 14.39 ? 70  ASP A OD2 1 
ATOM   370 N  N   . PRO A 1 46 ? 16.394  -6.119  -1.501  1.00 13.11 ? 71  PRO A N   1 
ATOM   371 C  CA  . PRO A 1 46 ? 17.328  -4.990  -1.412  1.00 13.38 ? 71  PRO A CA  1 
ATOM   372 C  C   . PRO A 1 46 ? 17.544  -4.249  -2.732  1.00 13.19 ? 71  PRO A C   1 
ATOM   373 O  O   . PRO A 1 46 ? 18.342  -3.312  -2.773  1.00 14.04 ? 71  PRO A O   1 
ATOM   374 C  CB  . PRO A 1 46 ? 18.632  -5.664  -0.982  1.00 16.12 ? 71  PRO A CB  1 
ATOM   375 C  CG  . PRO A 1 46 ? 18.560  -7.003  -1.616  1.00 15.85 ? 71  PRO A CG  1 
ATOM   376 C  CD  . PRO A 1 46 ? 17.103  -7.411  -1.551  1.00 15.33 ? 71  PRO A CD  1 
ATOM   377 N  N   . SER A 1 47 ? 16.852  -4.651  -3.792  1.00 12.05 ? 72  SER A N   1 
ATOM   378 C  CA  . SER A 1 47 ? 17.014  -3.980  -5.076  1.00 12.20 ? 72  SER A CA  1 
ATOM   379 C  C   . SER A 1 47 ? 16.746  -2.488  -4.957  1.00 12.72 ? 72  SER A C   1 
ATOM   380 O  O   . SER A 1 47 ? 15.729  -2.080  -4.394  1.00 12.07 ? 72  SER A O   1 
ATOM   381 C  CB  . SER A 1 47 ? 16.074  -4.566  -6.123  1.00 13.79 ? 72  SER A CB  1 
ATOM   382 O  OG  . SER A 1 47 ? 16.145  -3.797  -7.314  1.00 13.60 ? 72  SER A OG  1 
ATOM   383 N  N   . PRO A 1 48 ? 17.656  -1.663  -5.495  1.00 11.98 ? 73  PRO A N   1 
ATOM   384 C  CA  . PRO A 1 48 ? 17.429  -0.213  -5.507  1.00 11.65 ? 73  PRO A CA  1 
ATOM   385 C  C   . PRO A 1 48 ? 16.116  0.165   -6.194  1.00 11.61 ? 73  PRO A C   1 
ATOM   386 O  O   . PRO A 1 48 ? 15.572  1.230   -5.921  1.00 11.97 ? 73  PRO A O   1 
ATOM   387 C  CB  . PRO A 1 48 ? 18.627  0.320   -6.299  1.00 11.89 ? 73  PRO A CB  1 
ATOM   388 C  CG  . PRO A 1 48 ? 19.699  -0.700  -6.059  1.00 13.28 ? 73  PRO A CG  1 
ATOM   389 C  CD  . PRO A 1 48 ? 18.986  -2.020  -6.023  1.00 14.29 ? 73  PRO A CD  1 
ATOM   390 N  N   . CYS A 1 49 ? 15.615  -0.701  -7.068  1.00 10.79 ? 74  CYS A N   1 
ATOM   391 C  CA  . CYS A 1 49 ? 14.332  -0.455  -7.718  1.00 10.45 ? 74  CYS A CA  1 
ATOM   392 C  C   . CYS A 1 49 ? 13.218  -0.258  -6.685  1.00 11.43 ? 74  CYS A C   1 
ATOM   393 O  O   . CYS A 1 49 ? 12.232  0.433   -6.946  1.00 11.58 ? 74  CYS A O   1 
ATOM   394 C  CB  . CYS A 1 49 ? 13.987  -1.615  -8.660  1.00 10.06 ? 74  CYS A CB  1 
ATOM   395 S  SG  . CYS A 1 49 ? 12.558  -1.343  -9.748  1.00 10.92 ? 74  CYS A SG  1 
ATOM   396 N  N   . LEU A 1 50 ? 13.387  -0.856  -5.508  1.00 11.45 ? 75  LEU A N   1 
ATOM   397 C  CA  . LEU A 1 50 ? 12.339  -0.860  -4.487  1.00 11.75 ? 75  LEU A CA  1 
ATOM   398 C  C   . LEU A 1 50 ? 12.638  0.050   -3.289  1.00 11.97 ? 75  LEU A C   1 
ATOM   399 O  O   . LEU A 1 50 ? 12.059  -0.116  -2.214  1.00 11.66 ? 75  LEU A O   1 
ATOM   400 C  CB  . LEU A 1 50 ? 12.066  -2.297  -4.031  1.00 14.27 ? 75  LEU A CB  1 
ATOM   401 C  CG  . LEU A 1 50 ? 11.504  -3.201  -5.134  1.00 11.29 ? 75  LEU A CG  1 
ATOM   402 C  CD1 . LEU A 1 50 ? 11.664  -4.673  -4.777  1.00 15.65 ? 75  LEU A CD1 1 
ATOM   403 C  CD2 . LEU A 1 50 ? 10.043  -2.867  -5.412  1.00 12.01 ? 75  LEU A CD2 1 
ATOM   404 N  N   . ASP A 1 51 ? 13.522  1.025   -3.488  1.00 11.11 ? 76  ASP A N   1 
ATOM   405 C  CA  . ASP A 1 51 ? 13.942  1.923   -2.411  1.00 11.58 ? 76  ASP A CA  1 
ATOM   406 C  C   . ASP A 1 51 ? 12.833  2.833   -1.888  1.00 13.50 ? 76  ASP A C   1 
ATOM   407 O  O   . ASP A 1 51 ? 12.857  3.244   -0.727  1.00 11.84 ? 76  ASP A O   1 
ATOM   408 C  CB  . ASP A 1 51 ? 15.129  2.782   -2.854  1.00 11.85 ? 76  ASP A CB  1 
ATOM   409 C  CG  . ASP A 1 51 ? 16.445  2.041   -2.778  1.00 12.90 ? 76  ASP A CG  1 
ATOM   410 O  OD1 . ASP A 1 51 ? 16.483  0.948   -2.178  1.00 14.80 ? 76  ASP A OD1 1 
ATOM   411 O  OD2 . ASP A 1 51 ? 17.447  2.564   -3.308  1.00 16.56 ? 76  ASP A OD2 1 
ATOM   412 N  N   . GLN A 1 52 ? 11.871  3.161   -2.745  1.00 12.00 ? 77  GLN A N   1 
ATOM   413 C  CA  . GLN A 1 52 ? 10.804  4.074   -2.354  1.00 13.29 ? 77  GLN A CA  1 
ATOM   414 C  C   . GLN A 1 52 ? 9.421   3.517   -2.648  1.00 10.45 ? 77  GLN A C   1 
ATOM   415 O  O   . GLN A 1 52 ? 9.250   2.674   -3.532  1.00 12.11 ? 77  GLN A O   1 
ATOM   416 C  CB  . GLN A 1 52 ? 10.969  5.427   -3.044  1.00 15.62 ? 77  GLN A CB  1 
ATOM   417 C  CG  . GLN A 1 52 ? 12.195  6.198   -2.599  1.00 18.62 ? 77  GLN A CG  1 
ATOM   418 C  CD  . GLN A 1 52 ? 13.193  6.399   -3.716  1.00 25.60 ? 77  GLN A CD  1 
ATOM   419 O  OE1 . GLN A 1 52 ? 12.820  6.690   -4.853  1.00 30.48 ? 77  GLN A OE1 1 
ATOM   420 N  NE2 . GLN A 1 52 ? 14.474  6.245   -3.400  1.00 33.91 ? 77  GLN A NE2 1 
ATOM   421 N  N   . ILE A 1 53 ? 8.440   3.991   -1.887  1.00 9.21  ? 78  ILE A N   1 
ATOM   422 C  CA  . ILE A 1 53 ? 7.039   3.669   -2.120  1.00 10.01 ? 78  ILE A CA  1 
ATOM   423 C  C   . ILE A 1 53 ? 6.290   4.965   -2.408  1.00 9.59  ? 78  ILE A C   1 
ATOM   424 O  O   . ILE A 1 53 ? 6.530   5.985   -1.757  1.00 11.09 ? 78  ILE A O   1 
ATOM   425 C  CB  . ILE A 1 53 ? 6.405   2.925   -0.916  1.00 11.05 ? 78  ILE A CB  1 
ATOM   426 C  CG1 . ILE A 1 53 ? 5.000   2.423   -1.263  1.00 12.63 ? 78  ILE A CG1 1 
ATOM   427 C  CG2 . ILE A 1 53 ? 6.371   3.818   0.325   1.00 12.86 ? 78  ILE A CG2 1 
ATOM   428 C  CD1 . ILE A 1 53 ? 4.969   1.401   -2.387  1.00 14.62 ? 78  ILE A CD1 1 
ATOM   429 N  N   . VAL A 1 54 ? 5.395   4.921   -3.390  1.00 10.35 ? 79  VAL A N   1 
ATOM   430 C  CA  . VAL A 1 54 ? 4.662   6.105   -3.829  1.00 9.30  ? 79  VAL A CA  1 
ATOM   431 C  C   . VAL A 1 54 ? 3.164   5.825   -3.937  1.00 9.97  ? 79  VAL A C   1 
ATOM   432 O  O   . VAL A 1 54 ? 2.753   4.858   -4.582  1.00 10.24 ? 79  VAL A O   1 
ATOM   433 C  CB  . VAL A 1 54 ? 5.174   6.603   -5.204  1.00 10.28 ? 79  VAL A CB  1 
ATOM   434 C  CG1 . VAL A 1 54 ? 4.475   7.894   -5.606  1.00 12.47 ? 79  VAL A CG1 1 
ATOM   435 C  CG2 . VAL A 1 54 ? 6.678   6.808   -5.176  1.00 10.17 ? 79  VAL A CG2 1 
ATOM   436 N  N   . PHE A 1 55 ? 2.359   6.659   -3.278  1.00 9.91  ? 80  PHE A N   1 
ATOM   437 C  CA  . PHE A 1 55 ? 0.910   6.684   -3.462  1.00 9.44  ? 80  PHE A CA  1 
ATOM   438 C  C   . PHE A 1 55 ? 0.584   8.069   -4.011  1.00 11.46 ? 80  PHE A C   1 
ATOM   439 O  O   . PHE A 1 55 ? 0.342   8.997   -3.243  1.00 10.43 ? 80  PHE A O   1 
ATOM   440 C  CB  . PHE A 1 55 ? 0.181   6.472   -2.131  1.00 10.62 ? 80  PHE A CB  1 
ATOM   441 C  CG  . PHE A 1 55 ? 0.150   5.042   -1.663  1.00 10.31 ? 80  PHE A CG  1 
ATOM   442 C  CD1 . PHE A 1 55 ? 1.297   4.426   -1.190  1.00 11.62 ? 80  PHE A CD1 1 
ATOM   443 C  CD2 . PHE A 1 55 ? -1.040  4.326   -1.665  1.00 10.97 ? 80  PHE A CD2 1 
ATOM   444 C  CE1 . PHE A 1 55 ? 1.264   3.111   -0.749  1.00 13.51 ? 80  PHE A CE1 1 
ATOM   445 C  CE2 . PHE A 1 55 ? -1.077  3.014   -1.225  1.00 12.73 ? 80  PHE A CE2 1 
ATOM   446 C  CZ  . PHE A 1 55 ? 0.075   2.408   -0.763  1.00 13.96 ? 80  PHE A CZ  1 
ATOM   447 N  N   A PRO A 1 56 ? 0.560   8.210   -5.344  0.50 10.27 ? 81  PRO A N   1 
ATOM   448 N  N   B PRO A 1 56 ? 0.596   8.213   -5.344  0.50 10.28 ? 81  PRO A N   1 
ATOM   449 C  CA  A PRO A 1 56 ? 0.470   9.539   -5.961  0.50 11.11 ? 81  PRO A CA  1 
ATOM   450 C  CA  B PRO A 1 56 ? 0.452   9.526   -5.984  0.50 11.11 ? 81  PRO A CA  1 
ATOM   451 C  C   A PRO A 1 56 ? -0.828  10.287  -5.653  0.50 11.29 ? 81  PRO A C   1 
ATOM   452 C  C   B PRO A 1 56 ? -0.806  10.276  -5.557  0.50 11.29 ? 81  PRO A C   1 
ATOM   453 O  O   A PRO A 1 56 ? -0.818  11.517  -5.626  0.50 12.62 ? 81  PRO A O   1 
ATOM   454 O  O   B PRO A 1 56 ? -0.753  11.488  -5.347  0.50 12.46 ? 81  PRO A O   1 
ATOM   455 C  CB  A PRO A 1 56 ? 0.579   9.240   -7.461  0.50 12.38 ? 81  PRO A CB  1 
ATOM   456 C  CB  B PRO A 1 56 ? 0.383   9.180   -7.474  0.50 12.51 ? 81  PRO A CB  1 
ATOM   457 C  CG  A PRO A 1 56 ? 0.137   7.825   -7.599  0.50 11.47 ? 81  PRO A CG  1 
ATOM   458 C  CG  B PRO A 1 56 ? 1.131   7.899   -7.593  0.50 11.46 ? 81  PRO A CG  1 
ATOM   459 C  CD  A PRO A 1 56 ? 0.593   7.132   -6.348  0.50 10.62 ? 81  PRO A CD  1 
ATOM   460 C  CD  B PRO A 1 56 ? 0.836   7.141   -6.327  0.50 10.53 ? 81  PRO A CD  1 
ATOM   461 N  N   . ASP A 1 57 ? -1.921  9.566   -5.426  1.00 9.51  ? 82  ASP A N   1 
ATOM   462 C  CA  . ASP A 1 57 ? -3.195  10.217  -5.129  1.00 11.15 ? 82  ASP A CA  1 
ATOM   463 C  C   . ASP A 1 57 ? -3.237  10.812  -3.731  1.00 11.26 ? 82  ASP A C   1 
ATOM   464 O  O   . ASP A 1 57 ? -4.047  11.695  -3.448  1.00 12.02 ? 82  ASP A O   1 
ATOM   465 C  CB  . ASP A 1 57 ? -4.352  9.238   -5.311  1.00 12.03 ? 82  ASP A CB  1 
ATOM   466 C  CG  . ASP A 1 57 ? -4.382  8.637   -6.692  1.00 13.55 ? 82  ASP A CG  1 
ATOM   467 O  OD1 . ASP A 1 57 ? -4.095  7.431   -6.819  1.00 14.49 ? 82  ASP A OD1 1 
ATOM   468 O  OD2 . ASP A 1 57 ? -4.673  9.380   -7.650  1.00 14.92 ? 82  ASP A OD2 1 
ATOM   469 N  N   . PHE A 1 58 ? -2.360  10.328  -2.859  1.00 10.76 ? 83  PHE A N   1 
ATOM   470 C  CA  . PHE A 1 58 ? -2.385  10.723  -1.457  1.00 9.71  ? 83  PHE A CA  1 
ATOM   471 C  C   . PHE A 1 58 ? -1.183  11.570  -1.047  1.00 11.71 ? 83  PHE A C   1 
ATOM   472 O  O   . PHE A 1 58 ? -1.077  11.981  0.106   1.00 14.14 ? 83  PHE A O   1 
ATOM   473 C  CB  . PHE A 1 58 ? -2.522  9.481   -0.569  1.00 12.48 ? 83  PHE A CB  1 
ATOM   474 C  CG  . PHE A 1 58 ? -3.798  8.721   -0.799  1.00 11.52 ? 83  PHE A CG  1 
ATOM   475 C  CD1 . PHE A 1 58 ? -4.930  9.005   -0.054  1.00 14.75 ? 83  PHE A CD1 1 
ATOM   476 C  CD2 . PHE A 1 58 ? -3.873  7.738   -1.774  1.00 12.96 ? 83  PHE A CD2 1 
ATOM   477 C  CE1 . PHE A 1 58 ? -6.113  8.321   -0.270  1.00 14.16 ? 83  PHE A CE1 1 
ATOM   478 C  CE2 . PHE A 1 58 ? -5.054  7.048   -1.995  1.00 13.82 ? 83  PHE A CE2 1 
ATOM   479 C  CZ  . PHE A 1 58 ? -6.174  7.339   -1.237  1.00 15.20 ? 83  PHE A CZ  1 
ATOM   480 N  N   . GLY A 1 59 ? -0.283  11.832  -1.991  1.00 10.74 ? 84  GLY A N   1 
ATOM   481 C  CA  . GLY A 1 59 ? 0.867   12.682  -1.738  1.00 12.08 ? 84  GLY A CA  1 
ATOM   482 C  C   . GLY A 1 59 ? 2.018   12.006  -1.013  1.00 13.82 ? 84  GLY A C   1 
ATOM   483 O  O   . GLY A 1 59 ? 2.933   12.672  -0.527  1.00 12.47 ? 84  GLY A O   1 
ATOM   484 N  N   . VAL A 1 60 ? 1.985   10.680  -0.945  1.00 12.36 ? 85  VAL A N   1 
ATOM   485 C  CA  . VAL A 1 60 ? 3.026   9.931   -0.252  1.00 12.54 ? 85  VAL A CA  1 
ATOM   486 C  C   . VAL A 1 60 ? 4.139   9.478   -1.192  1.00 11.16 ? 85  VAL A C   1 
ATOM   487 O  O   . VAL A 1 60 ? 3.880   8.893   -2.246  1.00 11.70 ? 85  VAL A O   1 
ATOM   488 C  CB  . VAL A 1 60 ? 2.447   8.693   0.458   1.00 11.47 ? 85  VAL A CB  1 
ATOM   489 C  CG1 . VAL A 1 60 ? 3.563   7.863   1.081   1.00 16.10 ? 85  VAL A CG1 1 
ATOM   490 C  CG2 . VAL A 1 60 ? 1.432   9.110   1.510   1.00 14.80 ? 85  VAL A CG2 1 
ATOM   491 N  N   . HIS A 1 61 ? 5.377   9.773   -0.815  1.00 11.33 ? 86  HIS A N   1 
ATOM   492 C  CA  . HIS A 1 61 ? 6.544   9.197   -1.472  1.00 11.42 ? 86  HIS A CA  1 
ATOM   493 C  C   . HIS A 1 61 ? 7.665   9.104   -0.447  1.00 13.01 ? 86  HIS A C   1 
ATOM   494 O  O   . HIS A 1 61 ? 8.245   10.112  -0.048  1.00 13.48 ? 86  HIS A O   1 
ATOM   495 C  CB  . HIS A 1 61 ? 6.948   9.963   -2.746  1.00 16.10 ? 86  HIS A CB  1 
ATOM   496 C  CG  . HIS A 1 61 ? 7.471   11.347  -2.508  1.00 16.66 ? 86  HIS A CG  1 
ATOM   497 N  ND1 . HIS A 1 61 ? 6.656   12.415  -2.203  1.00 20.19 ? 86  HIS A ND1 1 
ATOM   498 C  CD2 . HIS A 1 61 ? 8.729   11.843  -2.575  1.00 16.12 ? 86  HIS A CD2 1 
ATOM   499 C  CE1 . HIS A 1 61 ? 7.392   13.506  -2.071  1.00 15.49 ? 86  HIS A CE1 1 
ATOM   500 N  NE2 . HIS A 1 61 ? 8.654   13.185  -2.291  1.00 21.28 ? 86  HIS A NE2 1 
ATOM   501 N  N   . ALA A 1 62 ? 7.933   7.884   0.008   1.00 11.92 ? 87  ALA A N   1 
ATOM   502 C  CA  . ALA A 1 62 ? 8.804   7.675   1.158   1.00 11.48 ? 87  ALA A CA  1 
ATOM   503 C  C   . ALA A 1 62 ? 9.798   6.542   0.954   1.00 12.21 ? 87  ALA A C   1 
ATOM   504 O  O   . ALA A 1 62 ? 9.564   5.619   0.176   1.00 12.52 ? 87  ALA A O   1 
ATOM   505 C  CB  . ALA A 1 62 ? 7.968   7.420   2.405   1.00 15.80 ? 87  ALA A CB  1 
ATOM   506 N  N   . ASN A 1 63 ? 10.913  6.617   1.670   1.00 12.07 ? 88  ASN A N   1 
ATOM   507 C  CA  . ASN A 1 63 ? 11.923  5.573   1.638   1.00 11.19 ? 88  ASN A CA  1 
ATOM   508 C  C   . ASN A 1 63 ? 11.504  4.346   2.439   1.00 12.45 ? 88  ASN A C   1 
ATOM   509 O  O   . ASN A 1 63 ? 10.963  4.464   3.537   1.00 15.36 ? 88  ASN A O   1 
ATOM   510 C  CB  . ASN A 1 63 ? 13.249  6.102   2.189   1.00 14.63 ? 88  ASN A CB  1 
ATOM   511 C  CG  . ASN A 1 63 ? 13.894  7.129   1.281   1.00 16.79 ? 88  ASN A CG  1 
ATOM   512 O  OD1 . ASN A 1 63 ? 13.537  7.256   0.113   1.00 16.83 ? 88  ASN A OD1 1 
ATOM   513 N  ND2 . ASN A 1 63 ? 14.867  7.860   1.817   1.00 20.29 ? 88  ASN A ND2 1 
ATOM   514 N  N   . LEU A 1 64 ? 11.757  3.168   1.880   1.00 12.67 ? 89  LEU A N   1 
ATOM   515 C  CA  . LEU A 1 64 ? 11.529  1.913   2.584   1.00 12.75 ? 89  LEU A CA  1 
ATOM   516 C  C   . LEU A 1 64 ? 12.866  1.327   3.005   1.00 13.99 ? 89  LEU A C   1 
ATOM   517 O  O   . LEU A 1 64 ? 13.652  0.916   2.156   1.00 13.65 ? 89  LEU A O   1 
ATOM   518 C  CB  . LEU A 1 64 ? 10.821  0.908   1.677   1.00 13.78 ? 89  LEU A CB  1 
ATOM   519 C  CG  . LEU A 1 64 ? 9.416   1.219   1.171   1.00 12.13 ? 89  LEU A CG  1 
ATOM   520 C  CD1 . LEU A 1 64 ? 8.925   0.023   0.370   1.00 13.77 ? 89  LEU A CD1 1 
ATOM   521 C  CD2 . LEU A 1 64 ? 8.472   1.521   2.318   1.00 12.09 ? 89  LEU A CD2 1 
ATOM   522 N  N   . PRO A 1 65 ? 13.136  1.283   4.317   1.00 14.47 ? 90  PRO A N   1 
ATOM   523 C  CA  . PRO A 1 65 ? 14.411  0.712   4.765   1.00 14.37 ? 90  PRO A CA  1 
ATOM   524 C  C   . PRO A 1 65 ? 14.450  -0.800  4.551   1.00 14.06 ? 90  PRO A C   1 
ATOM   525 O  O   . PRO A 1 65 ? 13.485  -1.496  4.862   1.00 14.47 ? 90  PRO A O   1 
ATOM   526 C  CB  . PRO A 1 65 ? 14.434  1.035   6.265   1.00 20.17 ? 90  PRO A CB  1 
ATOM   527 C  CG  . PRO A 1 65 ? 13.439  2.144   6.443   1.00 26.28 ? 90  PRO A CG  1 
ATOM   528 C  CD  . PRO A 1 65 ? 12.373  1.871   5.429   1.00 17.58 ? 90  PRO A CD  1 
ATOM   529 N  N   . MET A 1 66 ? 15.559  -1.297  4.015   1.00 15.94 ? 91  MET A N   1 
ATOM   530 C  CA  . MET A 1 66 ? 15.724  -2.730  3.797   1.00 14.04 ? 91  MET A CA  1 
ATOM   531 C  C   . MET A 1 66 ? 15.645  -3.513  5.106   1.00 14.59 ? 91  MET A C   1 
ATOM   532 O  O   . MET A 1 66 ? 16.222  -3.113  6.122   1.00 15.72 ? 91  MET A O   1 
ATOM   533 C  CB  . MET A 1 66 ? 17.052  -3.016  3.092   1.00 16.53 ? 91  MET A CB  1 
ATOM   534 C  CG  . MET A 1 66 ? 17.367  -4.495  2.943   1.00 15.67 ? 91  MET A CG  1 
ATOM   535 S  SD  . MET A 1 66 ? 16.133  -5.384  1.975   1.00 15.51 ? 91  MET A SD  1 
ATOM   536 C  CE  . MET A 1 66 ? 16.586  -7.076  2.339   1.00 20.05 ? 91  MET A CE  1 
ATOM   537 N  N   . GLY A 1 67 ? 14.923  -4.628  5.077   1.00 13.02 ? 92  GLY A N   1 
ATOM   538 C  CA  . GLY A 1 67 ? 14.838  -5.518  6.221   1.00 16.59 ? 92  GLY A CA  1 
ATOM   539 C  C   . GLY A 1 67 ? 13.991  -4.979  7.354   1.00 16.82 ? 92  GLY A C   1 
ATOM   540 O  O   . GLY A 1 67 ? 14.020  -5.508  8.465   1.00 17.98 ? 92  GLY A O   1 
ATOM   541 N  N   . GLU A 1 68 ? 13.231  -3.927  7.076   1.00 15.77 ? 93  GLU A N   1 
ATOM   542 C  CA  . GLU A 1 68 ? 12.397  -3.310  8.101   1.00 14.94 ? 93  GLU A CA  1 
ATOM   543 C  C   . GLU A 1 68 ? 10.976  -3.047  7.621   1.00 14.71 ? 93  GLU A C   1 
ATOM   544 O  O   . GLU A 1 68 ? 10.678  -3.126  6.425   1.00 15.09 ? 93  GLU A O   1 
ATOM   545 C  CB  . GLU A 1 68 ? 13.030  -2.007  8.593   1.00 16.39 ? 93  GLU A CB  1 
ATOM   546 C  CG  . GLU A 1 68 ? 14.396  -2.199  9.233   1.00 19.82 ? 93  GLU A CG  1 
ATOM   547 C  CD  . GLU A 1 68 ? 14.998  -0.900  9.728   1.00 24.94 ? 93  GLU A CD  1 
ATOM   548 O  OE1 . GLU A 1 68 ? 14.384  0.165   9.513   1.00 25.54 ? 93  GLU A OE1 1 
ATOM   549 O  OE2 . GLU A 1 68 ? 16.088  -0.948  10.337  1.00 28.63 ? 93  GLU A OE2 1 
ATOM   550 N  N   . GLU A 1 69 ? 10.100  -2.746  8.573   1.00 16.74 ? 94  GLU A N   1 
ATOM   551 C  CA  . GLU A 1 69 ? 8.733   -2.357  8.270   1.00 17.94 ? 94  GLU A CA  1 
ATOM   552 C  C   . GLU A 1 69 ? 8.649   -0.846  8.144   1.00 17.62 ? 94  GLU A C   1 
ATOM   553 O  O   . GLU A 1 69 ? 9.312   -0.109  8.876   1.00 18.04 ? 94  GLU A O   1 
ATOM   554 C  CB  . GLU A 1 69 ? 7.779   -2.809  9.375   1.00 18.25 ? 94  GLU A CB  1 
ATOM   555 C  CG  . GLU A 1 69 ? 7.512   -4.297  9.428   1.00 21.67 ? 94  GLU A CG  1 
ATOM   556 C  CD  . GLU A 1 69 ? 6.486   -4.651  10.488  1.00 20.89 ? 94  GLU A CD  1 
ATOM   557 O  OE1 . GLU A 1 69 ? 6.274   -5.856  10.737  1.00 31.67 ? 94  GLU A OE1 1 
ATOM   558 O  OE2 . GLU A 1 69 ? 5.890   -3.718  11.071  1.00 25.87 ? 94  GLU A OE2 1 
ATOM   559 N  N   . TYR A 1 70 ? 7.826   -0.388  7.214   1.00 14.81 ? 95  TYR A N   1 
ATOM   560 C  CA  . TYR A 1 70 ? 7.505   1.024   7.125   1.00 13.00 ? 95  TYR A CA  1 
ATOM   561 C  C   . TYR A 1 70 ? 6.017   1.166   6.868   1.00 12.78 ? 95  TYR A C   1 
ATOM   562 O  O   . TYR A 1 70 ? 5.476   0.513   5.981   1.00 11.81 ? 95  TYR A O   1 
ATOM   563 C  CB  . TYR A 1 70 ? 8.288   1.705   6.008   1.00 16.50 ? 95  TYR A CB  1 
ATOM   564 C  CG  . TYR A 1 70 ? 7.931   3.162   5.877   1.00 15.68 ? 95  TYR A CG  1 
ATOM   565 C  CD1 . TYR A 1 70 ? 8.588   4.123   6.633   1.00 20.79 ? 95  TYR A CD1 1 
ATOM   566 C  CD2 . TYR A 1 70 ? 6.919   3.575   5.025   1.00 14.32 ? 95  TYR A CD2 1 
ATOM   567 C  CE1 . TYR A 1 70 ? 8.259   5.454   6.532   1.00 22.19 ? 95  TYR A CE1 1 
ATOM   568 C  CE2 . TYR A 1 70 ? 6.579   4.911   4.915   1.00 17.90 ? 95  TYR A CE2 1 
ATOM   569 C  CZ  . TYR A 1 70 ? 7.256   5.845   5.673   1.00 21.08 ? 95  TYR A CZ  1 
ATOM   570 O  OH  . TYR A 1 70 ? 6.933   7.180   5.576   1.00 23.42 ? 95  TYR A OH  1 
ATOM   571 N  N   . VAL A 1 71 ? 5.359   2.025   7.637   1.00 12.18 ? 96  VAL A N   1 
ATOM   572 C  CA  . VAL A 1 71 ? 3.912   2.158   7.548   1.00 10.37 ? 96  VAL A CA  1 
ATOM   573 C  C   . VAL A 1 71 ? 3.480   3.400   6.785   1.00 12.36 ? 96  VAL A C   1 
ATOM   574 O  O   . VAL A 1 71 ? 3.808   4.526   7.162   1.00 13.25 ? 96  VAL A O   1 
ATOM   575 C  CB  . VAL A 1 71 ? 3.258   2.181   8.942   1.00 10.75 ? 96  VAL A CB  1 
ATOM   576 C  CG1 . VAL A 1 71 ? 1.741   2.244   8.812   1.00 13.61 ? 96  VAL A CG1 1 
ATOM   577 C  CG2 . VAL A 1 71 ? 3.669   0.955   9.733   1.00 12.95 ? 96  VAL A CG2 1 
ATOM   578 N  N   . VAL A 1 72 ? 2.741   3.181   5.704   1.00 10.86 ? 97  VAL A N   1 
ATOM   579 C  CA  . VAL A 1 72 ? 2.072   4.262   5.005   1.00 11.66 ? 97  VAL A CA  1 
ATOM   580 C  C   . VAL A 1 72 ? 0.714   4.477   5.659   1.00 12.04 ? 97  VAL A C   1 
ATOM   581 O  O   . VAL A 1 72 ? -0.091  3.551   5.767   1.00 11.57 ? 97  VAL A O   1 
ATOM   582 C  CB  . VAL A 1 72 ? 1.885   3.936   3.513   1.00 12.01 ? 97  VAL A CB  1 
ATOM   583 C  CG1 . VAL A 1 72 ? 0.948   4.938   2.860   1.00 15.22 ? 97  VAL A CG1 1 
ATOM   584 C  CG2 . VAL A 1 72 ? 3.229   3.915   2.804   1.00 14.45 ? 97  VAL A CG2 1 
ATOM   585 N  N   . GLU A 1 73 ? 0.467   5.696   6.122   1.00 12.49 ? 98  GLU A N   1 
ATOM   586 C  CA  . GLU A 1 73 ? -0.813  6.020   6.733   1.00 11.84 ? 98  GLU A CA  1 
ATOM   587 C  C   . GLU A 1 73 ? -1.602  6.974   5.853   1.00 13.20 ? 98  GLU A C   1 
ATOM   588 O  O   . GLU A 1 73 ? -1.116  8.044   5.488   1.00 16.47 ? 98  GLU A O   1 
ATOM   589 C  CB  . GLU A 1 73 ? -0.614  6.610   8.126   1.00 14.36 ? 98  GLU A CB  1 
ATOM   590 C  CG  . GLU A 1 73 ? 0.091   5.658   9.076   1.00 15.76 ? 98  GLU A CG  1 
ATOM   591 C  CD  . GLU A 1 73 ? 0.245   6.229   10.464  1.00 24.68 ? 98  GLU A CD  1 
ATOM   592 O  OE1 . GLU A 1 73 ? 1.314   6.812   10.748  1.00 27.86 ? 98  GLU A OE1 1 
ATOM   593 O  OE2 . GLU A 1 73 ? -0.698  6.094   11.270  1.00 27.24 ? 98  GLU A OE2 1 
ATOM   594 N  N   . ILE A 1 74 ? -2.812  6.558   5.497   1.00 11.46 ? 99  ILE A N   1 
ATOM   595 C  CA  . ILE A 1 74 ? -3.727  7.387   4.725   1.00 13.45 ? 99  ILE A CA  1 
ATOM   596 C  C   . ILE A 1 74 ? -5.136  7.176   5.256   1.00 13.27 ? 99  ILE A C   1 
ATOM   597 O  O   . ILE A 1 74 ? -5.420  6.158   5.882   1.00 13.31 ? 99  ILE A O   1 
ATOM   598 C  CB  . ILE A 1 74 ? -3.698  7.030   3.219   1.00 12.04 ? 99  ILE A CB  1 
ATOM   599 C  CG1 . ILE A 1 74 ? -4.061  5.559   3.004   1.00 14.89 ? 99  ILE A CG1 1 
ATOM   600 C  CG2 . ILE A 1 74 ? -2.336  7.341   2.613   1.00 13.64 ? 99  ILE A CG2 1 
ATOM   601 C  CD1 . ILE A 1 74 ? -4.197  5.170   1.541   1.00 16.55 ? 99  ILE A CD1 1 
ATOM   602 N  N   . THR A 1 75 ? -6.014  8.142   5.016   1.00 13.48 ? 100 THR A N   1 
ATOM   603 C  CA  . THR A 1 75 ? -7.430  7.972   5.328   1.00 12.24 ? 100 THR A CA  1 
ATOM   604 C  C   . THR A 1 75 ? -8.231  8.254   4.064   1.00 13.54 ? 100 THR A C   1 
ATOM   605 O  O   . THR A 1 75 ? -8.523  9.409   3.752   1.00 15.41 ? 100 THR A O   1 
ATOM   606 C  CB  . THR A 1 75 ? -7.889  8.901   6.468   1.00 13.22 ? 100 THR A CB  1 
ATOM   607 O  OG1 . THR A 1 75 ? -7.111  8.637   7.643   1.00 15.11 ? 100 THR A OG1 1 
ATOM   608 C  CG2 . THR A 1 75 ? -9.365  8.674   6.782   1.00 14.06 ? 100 THR A CG2 1 
ATOM   609 N  N   . PRO A 1 76 ? -8.577  7.196   3.321   1.00 11.88 ? 101 PRO A N   1 
ATOM   610 C  CA  . PRO A 1 76 ? -9.227  7.370   2.018   1.00 13.78 ? 101 PRO A CA  1 
ATOM   611 C  C   . PRO A 1 76 ? -10.699 7.745   2.149   1.00 16.29 ? 101 PRO A C   1 
ATOM   612 O  O   . PRO A 1 76 ? -11.517 6.903   2.513   1.00 17.65 ? 101 PRO A O   1 
ATOM   613 C  CB  . PRO A 1 76 ? -9.080  5.992   1.374   1.00 14.94 ? 101 PRO A CB  1 
ATOM   614 C  CG  . PRO A 1 76 ? -9.052  5.045   2.530   1.00 14.16 ? 101 PRO A CG  1 
ATOM   615 C  CD  . PRO A 1 76 ? -8.349  5.776   3.646   1.00 12.18 ? 101 PRO A CD  1 
ATOM   616 N  N   . GLU A 1 77 ? -11.025 8.997   1.847   1.00 16.83 ? 102 GLU A N   1 
ATOM   617 C  CA  . GLU A 1 77 ? -12.391 9.492   1.999   1.00 16.99 ? 102 GLU A CA  1 
ATOM   618 C  C   . GLU A 1 77 ? -13.210 9.354   0.725   1.00 20.97 ? 102 GLU A C   1 
ATOM   619 O  O   . GLU A 1 77 ? -14.391 9.695   0.696   1.00 24.39 ? 102 GLU A O   1 
ATOM   620 C  CB  . GLU A 1 77 ? -12.385 10.952  2.449   1.00 20.01 ? 102 GLU A CB  1 
ATOM   621 C  CG  . GLU A 1 77 ? -11.929 11.155  3.880   1.00 20.87 ? 102 GLU A CG  1 
ATOM   622 C  CD  . GLU A 1 77 ? -12.861 10.506  4.883   1.00 24.78 ? 102 GLU A CD  1 
ATOM   623 O  OE1 . GLU A 1 77 ? -13.980 10.106  4.488   1.00 26.70 ? 102 GLU A OE1 1 
ATOM   624 O  OE2 . GLU A 1 77 ? -12.479 10.396  6.066   1.00 25.59 ? 102 GLU A OE2 1 
ATOM   625 N  N   . GLN A 1 78 ? -12.576 8.858   -0.330  1.00 17.45 ? 103 GLN A N   1 
ATOM   626 C  CA  . GLN A 1 78 ? -13.236 8.717   -1.616  1.00 17.22 ? 103 GLN A CA  1 
ATOM   627 C  C   . GLN A 1 78 ? -13.125 7.283   -2.127  1.00 15.85 ? 103 GLN A C   1 
ATOM   628 O  O   . GLN A 1 78 ? -12.037 6.704   -2.145  1.00 16.60 ? 103 GLN A O   1 
ATOM   629 C  CB  . GLN A 1 78 ? -12.610 9.691   -2.614  1.00 22.08 ? 103 GLN A CB  1 
ATOM   630 C  CG  . GLN A 1 78 ? -13.146 9.599   -4.020  1.00 25.74 ? 103 GLN A CG  1 
ATOM   631 C  CD  . GLN A 1 78 ? -12.290 10.374  -5.000  1.00 21.78 ? 103 GLN A CD  1 
ATOM   632 O  OE1 . GLN A 1 78 ? -11.999 11.557  -4.795  1.00 20.79 ? 103 GLN A OE1 1 
ATOM   633 N  NE2 . GLN A 1 78 ? -11.867 9.706   -6.066  1.00 20.04 ? 103 GLN A NE2 1 
ATOM   634 N  N   . ALA A 1 79 ? -14.252 6.703   -2.528  1.00 14.61 ? 104 ALA A N   1 
ATOM   635 C  CA  . ALA A 1 79 ? -14.243 5.391   -3.160  1.00 15.11 ? 104 ALA A CA  1 
ATOM   636 C  C   . ALA A 1 79 ? -13.556 5.476   -4.519  1.00 13.88 ? 104 ALA A C   1 
ATOM   637 O  O   . ALA A 1 79 ? -13.545 6.533   -5.150  1.00 20.42 ? 104 ALA A O   1 
ATOM   638 C  CB  . ALA A 1 79 ? -15.662 4.863   -3.316  1.00 16.99 ? 104 ALA A CB  1 
ATOM   639 N  N   . GLY A 1 80 ? -12.980 4.365   -4.962  1.00 14.48 ? 105 GLY A N   1 
ATOM   640 C  CA  . GLY A 1 80 ? -12.364 4.315   -6.274  1.00 17.88 ? 105 GLY A CA  1 
ATOM   641 C  C   . GLY A 1 80 ? -11.148 3.415   -6.325  1.00 15.13 ? 105 GLY A C   1 
ATOM   642 O  O   . GLY A 1 80 ? -10.887 2.649   -5.397  1.00 15.29 ? 105 GLY A O   1 
ATOM   643 N  N   . GLU A 1 81 ? -10.403 3.512   -7.421  1.00 14.63 ? 106 GLU A N   1 
ATOM   644 C  CA  . GLU A 1 81 ? -9.193  2.725   -7.614  1.00 15.47 ? 106 GLU A CA  1 
ATOM   645 C  C   . GLU A 1 81 ? -7.990  3.657   -7.612  1.00 15.18 ? 106 GLU A C   1 
ATOM   646 O  O   . GLU A 1 81 ? -7.965  4.656   -8.335  1.00 19.02 ? 106 GLU A O   1 
ATOM   647 C  CB  . GLU A 1 81 ? -9.267  1.954   -8.920  1.00 19.04 ? 106 GLU A CB  1 
ATOM   648 N  N   . PHE A 1 82 ? -6.995  3.329   -6.798  1.00 12.06 ? 107 PHE A N   1 
ATOM   649 C  CA  . PHE A 1 82 ? -5.825  4.182   -6.634  1.00 12.83 ? 107 PHE A CA  1 
ATOM   650 C  C   . PHE A 1 82 ? -4.560  3.365   -6.777  1.00 14.77 ? 107 PHE A C   1 
ATOM   651 O  O   . PHE A 1 82 ? -4.465  2.248   -6.271  1.00 14.94 ? 107 PHE A O   1 
ATOM   652 C  CB  . PHE A 1 82 ? -5.862  4.869   -5.271  1.00 11.22 ? 107 PHE A CB  1 
ATOM   653 C  CG  . PHE A 1 82 ? -7.147  5.597   -5.009  1.00 11.90 ? 107 PHE A CG  1 
ATOM   654 C  CD1 . PHE A 1 82 ? -8.169  4.990   -4.300  1.00 12.84 ? 107 PHE A CD1 1 
ATOM   655 C  CD2 . PHE A 1 82 ? -7.342  6.877   -5.494  1.00 14.62 ? 107 PHE A CD2 1 
ATOM   656 C  CE1 . PHE A 1 82 ? -9.359  5.655   -4.067  1.00 13.01 ? 107 PHE A CE1 1 
ATOM   657 C  CE2 . PHE A 1 82 ? -8.525  7.547   -5.266  1.00 14.20 ? 107 PHE A CE2 1 
ATOM   658 C  CZ  . PHE A 1 82 ? -9.536  6.935   -4.552  1.00 12.82 ? 107 PHE A CZ  1 
ATOM   659 N  N   . SER A 1 83 ? -3.580  3.927   -7.468  1.00 13.10 ? 108 SER A N   1 
ATOM   660 C  CA  . SER A 1 83 ? -2.358  3.199   -7.751  1.00 13.12 ? 108 SER A CA  1 
ATOM   661 C  C   . SER A 1 83 ? -1.342  3.382   -6.636  1.00 11.98 ? 108 SER A C   1 
ATOM   662 O  O   . SER A 1 83 ? -1.361  4.373   -5.905  1.00 13.94 ? 108 SER A O   1 
ATOM   663 C  CB  . SER A 1 83 ? -1.751  3.690   -9.064  1.00 13.97 ? 108 SER A CB  1 
ATOM   664 O  OG  . SER A 1 83 ? -1.303  5.028   -8.926  1.00 16.06 ? 108 SER A OG  1 
ATOM   665 N  N   . PHE A 1 84 ? -0.458  2.406   -6.495  1.00 11.14 ? 109 PHE A N   1 
ATOM   666 C  CA  . PHE A 1 84 ? 0.788   2.641   -5.789  1.00 10.74 ? 109 PHE A CA  1 
ATOM   667 C  C   . PHE A 1 84 ? 1.910   1.988   -6.570  1.00 11.46 ? 109 PHE A C   1 
ATOM   668 O  O   . PHE A 1 84 ? 1.670   1.121   -7.409  1.00 10.09 ? 109 PHE A O   1 
ATOM   669 C  CB  . PHE A 1 84 ? 0.745   2.226   -4.304  1.00 11.69 ? 109 PHE A CB  1 
ATOM   670 C  CG  . PHE A 1 84 ? 0.481   0.760   -4.050  1.00 10.41 ? 109 PHE A CG  1 
ATOM   671 C  CD1 . PHE A 1 84 ? 1.530   -0.137  -3.905  1.00 11.51 ? 109 PHE A CD1 1 
ATOM   672 C  CD2 . PHE A 1 84 ? -0.817  0.297   -3.884  1.00 10.54 ? 109 PHE A CD2 1 
ATOM   673 C  CE1 . PHE A 1 84 ? 1.290   -1.473  -3.635  1.00 11.72 ? 109 PHE A CE1 1 
ATOM   674 C  CE2 . PHE A 1 84 ? -1.067  -1.042  -3.617  1.00 11.29 ? 109 PHE A CE2 1 
ATOM   675 C  CZ  . PHE A 1 84 ? -0.011  -1.929  -3.490  1.00 12.43 ? 109 PHE A CZ  1 
ATOM   676 N  N   . ALA A 1 85 ? 3.130   2.442   -6.329  1.00 9.69  ? 110 ALA A N   1 
ATOM   677 C  CA  . ALA A 1 85 ? 4.260   1.984   -7.116  1.00 9.40  ? 110 ALA A CA  1 
ATOM   678 C  C   . ALA A 1 85 ? 5.559   2.317   -6.415  1.00 10.08 ? 110 ALA A C   1 
ATOM   679 O  O   . ALA A 1 85 ? 5.574   3.049   -5.426  1.00 10.29 ? 110 ALA A O   1 
ATOM   680 C  CB  . ALA A 1 85 ? 4.232   2.620   -8.497  1.00 10.73 ? 110 ALA A CB  1 
ATOM   681 N  N   . CYS A 1 86 ? 6.652   1.767   -6.924  1.00 9.75  ? 111 CYS A N   1 
ATOM   682 C  CA  . CYS A 1 86 ? 7.965   2.128   -6.420  1.00 10.07 ? 111 CYS A CA  1 
ATOM   683 C  C   . CYS A 1 86 ? 8.308   3.528   -6.910  1.00 10.92 ? 111 CYS A C   1 
ATOM   684 O  O   . CYS A 1 86 ? 7.574   4.115   -7.708  1.00 11.28 ? 111 CYS A O   1 
ATOM   685 C  CB  . CYS A 1 86 ? 9.015   1.128   -6.889  1.00 10.84 ? 111 CYS A CB  1 
ATOM   686 S  SG  . CYS A 1 86 ? 9.358   1.229   -8.656  1.00 10.07 ? 111 CYS A SG  1 
ATOM   687 N  N   . GLY A 1 87 ? 9.428   4.059   -6.434  1.00 11.16 ? 112 GLY A N   1 
ATOM   688 C  CA  . GLY A 1 87 ? 9.851   5.395   -6.811  1.00 11.84 ? 112 GLY A CA  1 
ATOM   689 C  C   . GLY A 1 87 ? 10.194  5.562   -8.282  1.00 12.10 ? 112 GLY A C   1 
ATOM   690 O  O   . GLY A 1 87 ? 10.338  6.689   -8.758  1.00 14.13 ? 112 GLY A O   1 
ATOM   691 N  N   . MET A 1 88 ? 10.328  4.448   -9.002  1.00 10.43 ? 113 MET A N   1 
ATOM   692 C  CA  . MET A 1 88 ? 10.653  4.476   -10.430 1.00 11.36 ? 113 MET A CA  1 
ATOM   693 C  C   . MET A 1 88 ? 9.434   4.244   -11.316 1.00 10.76 ? 113 MET A C   1 
ATOM   694 O  O   . MET A 1 88 ? 9.537   4.285   -12.542 1.00 12.28 ? 113 MET A O   1 
ATOM   695 C  CB  . MET A 1 88 ? 11.693  3.407   -10.769 1.00 11.75 ? 113 MET A CB  1 
ATOM   696 C  CG  . MET A 1 88 ? 12.969  3.481   -9.964  1.00 12.85 ? 113 MET A CG  1 
ATOM   697 S  SD  . MET A 1 88 ? 14.194  2.327   -10.611 1.00 11.85 ? 113 MET A SD  1 
ATOM   698 C  CE  . MET A 1 88 ? 14.587  3.087   -12.190 1.00 13.48 ? 113 MET A CE  1 
ATOM   699 N  N   . ASN A 1 89 ? 8.288   3.976   -10.698 1.00 10.15 ? 114 ASN A N   1 
ATOM   700 C  CA  . ASN A 1 89 ? 7.076   3.632   -11.438 1.00 10.30 ? 114 ASN A CA  1 
ATOM   701 C  C   . ASN A 1 89 ? 7.296   2.379   -12.288 1.00 10.22 ? 114 ASN A C   1 
ATOM   702 O  O   . ASN A 1 89 ? 6.779   2.274   -13.397 1.00 12.66 ? 114 ASN A O   1 
ATOM   703 C  CB  . ASN A 1 89 ? 6.619   4.808   -12.312 1.00 11.65 ? 114 ASN A CB  1 
ATOM   704 C  CG  . ASN A 1 89 ? 5.153   4.716   -12.707 1.00 10.54 ? 114 ASN A CG  1 
ATOM   705 O  OD1 . ASN A 1 89 ? 4.352   4.071   -12.030 1.00 11.59 ? 114 ASN A OD1 1 
ATOM   706 N  ND2 . ASN A 1 89 ? 4.795   5.375   -13.805 1.00 12.28 ? 114 ASN A ND2 1 
ATOM   707 N  N   . MET A 1 90 ? 8.068   1.433   -11.753 1.00 10.52 ? 115 MET A N   1 
ATOM   708 C  CA  . MET A 1 90 ? 8.349   0.170   -12.441 1.00 10.14 ? 115 MET A CA  1 
ATOM   709 C  C   . MET A 1 90 ? 7.597   -1.003  -11.821 1.00 11.56 ? 115 MET A C   1 
ATOM   710 O  O   . MET A 1 90 ? 7.167   -1.914  -12.530 1.00 13.63 ? 115 MET A O   1 
ATOM   711 C  CB  . MET A 1 90 ? 9.847   -0.141  -12.420 1.00 10.11 ? 115 MET A CB  1 
ATOM   712 C  CG  . MET A 1 90 ? 10.685  0.720   -13.354 1.00 11.76 ? 115 MET A CG  1 
ATOM   713 S  SD  . MET A 1 90 ? 12.455  0.346   -13.288 1.00 11.68 ? 115 MET A SD  1 
ATOM   714 C  CE  . MET A 1 90 ? 12.460  -1.361  -13.823 1.00 12.34 ? 115 MET A CE  1 
ATOM   715 N  N   . MET A 1 91 ? 7.471   -0.985  -10.496 1.00 10.94 ? 116 MET A N   1 
ATOM   716 C  CA  . MET A 1 91 ? 6.739   -2.012  -9.763  1.00 10.07 ? 116 MET A CA  1 
ATOM   717 C  C   . MET A 1 91 ? 5.439   -1.407  -9.256  1.00 10.85 ? 116 MET A C   1 
ATOM   718 O  O   . MET A 1 91 ? 5.438   -0.282  -8.756  1.00 11.45 ? 116 MET A O   1 
ATOM   719 C  CB  . MET A 1 91 ? 7.564   -2.495  -8.575  1.00 12.09 ? 116 MET A CB  1 
ATOM   720 C  CG  . MET A 1 91 ? 8.969   -2.938  -8.932  1.00 15.24 ? 116 MET A CG  1 
ATOM   721 S  SD  . MET A 1 91 ? 9.034   -4.673  -9.394  1.00 29.47 ? 116 MET A SD  1 
ATOM   722 C  CE  . MET A 1 91 ? 8.394   -4.631  -11.058 1.00 17.38 ? 116 MET A CE  1 
ATOM   723 N  N   . HIS A 1 92 ? 4.340   -2.153  -9.360  1.00 11.78 ? 117 HIS A N   1 
ATOM   724 C  CA  . HIS A 1 92 ? 3.012   -1.572  -9.173  1.00 11.06 ? 117 HIS A CA  1 
ATOM   725 C  C   . HIS A 1 92 ? 2.076   -2.344  -8.254  1.00 11.53 ? 117 HIS A C   1 
ATOM   726 O  O   . HIS A 1 92 ? 2.203   -3.556  -8.073  1.00 12.35 ? 117 HIS A O   1 
ATOM   727 C  CB  . HIS A 1 92 ? 2.325   -1.406  -10.528 1.00 13.45 ? 117 HIS A CB  1 
ATOM   728 C  CG  . HIS A 1 92 ? 3.163   -0.696  -11.542 1.00 11.81 ? 117 HIS A CG  1 
ATOM   729 N  ND1 . HIS A 1 92 ? 3.220   0.678   -11.629 1.00 13.08 ? 117 HIS A ND1 1 
ATOM   730 C  CD2 . HIS A 1 92 ? 3.982   -1.169  -12.511 1.00 14.16 ? 117 HIS A CD2 1 
ATOM   731 C  CE1 . HIS A 1 92 ? 4.035   1.021   -12.612 1.00 12.73 ? 117 HIS A CE1 1 
ATOM   732 N  NE2 . HIS A 1 92 ? 4.513   -0.082  -13.161 1.00 14.36 ? 117 HIS A NE2 1 
ATOM   733 N  N   . GLY A 1 93 ? 1.120   -1.612  -7.695  1.00 10.86 ? 118 GLY A N   1 
ATOM   734 C  CA  . GLY A 1 93 ? 0.026   -2.183  -6.934  1.00 10.26 ? 118 GLY A CA  1 
ATOM   735 C  C   . GLY A 1 93 ? -1.234  -1.370  -7.168  1.00 10.87 ? 118 GLY A C   1 
ATOM   736 O  O   . GLY A 1 93 ? -1.182  -0.260  -7.701  1.00 10.43 ? 118 GLY A O   1 
ATOM   737 N  N   . LYS A 1 94 ? -2.372  -1.929  -6.778  1.00 11.39 ? 119 LYS A N   1 
ATOM   738 C  CA  . LYS A 1 94 ? -3.645  -1.235  -6.897  1.00 11.51 ? 119 LYS A CA  1 
ATOM   739 C  C   . LYS A 1 94 ? -4.392  -1.312  -5.580  1.00 11.97 ? 119 LYS A C   1 
ATOM   740 O  O   . LYS A 1 94 ? -4.460  -2.369  -4.950  1.00 12.28 ? 119 LYS A O   1 
ATOM   741 C  CB  . LYS A 1 94 ? -4.482  -1.834  -8.017  1.00 16.33 ? 119 LYS A CB  1 
ATOM   742 N  N   . MET A 1 95 ? -4.950  -0.183  -5.166  1.00 11.27 ? 120 MET A N   1 
ATOM   743 C  CA  . MET A 1 95 ? -5.734  -0.122  -3.949  1.00 11.78 ? 120 MET A CA  1 
ATOM   744 C  C   . MET A 1 95 ? -7.157  0.289   -4.291  1.00 14.02 ? 120 MET A C   1 
ATOM   745 O  O   . MET A 1 95 ? -7.381  1.350   -4.875  1.00 15.75 ? 120 MET A O   1 
ATOM   746 C  CB  . MET A 1 95 ? -5.117  0.879   -2.974  1.00 13.66 ? 120 MET A CB  1 
ATOM   747 C  CG  . MET A 1 95 ? -5.916  1.073   -1.701  1.00 14.19 ? 120 MET A CG  1 
ATOM   748 S  SD  . MET A 1 95 ? -5.136  2.268   -0.606  1.00 18.34 ? 120 MET A SD  1 
ATOM   749 C  CE  . MET A 1 95 ? -5.311  3.755   -1.584  1.00 18.34 ? 120 MET A CE  1 
ATOM   750 N  N   . ILE A 1 96 ? -8.116  -0.560  -3.947  1.00 12.38 ? 121 ILE A N   1 
ATOM   751 C  CA  . ILE A 1 96 ? -9.516  -0.226  -4.140  1.00 13.98 ? 121 ILE A CA  1 
ATOM   752 C  C   . ILE A 1 96 ? -10.106 0.225   -2.815  1.00 12.40 ? 121 ILE A C   1 
ATOM   753 O  O   . ILE A 1 96 ? -9.913  -0.425  -1.790  1.00 15.33 ? 121 ILE A O   1 
ATOM   754 C  CB  . ILE A 1 96 ? -10.323 -1.421  -4.675  1.00 14.97 ? 121 ILE A CB  1 
ATOM   755 C  CG1 . ILE A 1 96 ? -9.673  -1.981  -5.940  1.00 18.05 ? 121 ILE A CG1 1 
ATOM   756 C  CG2 . ILE A 1 96 ? -11.762 -1.003  -4.952  1.00 17.48 ? 121 ILE A CG2 1 
ATOM   757 C  CD1 . ILE A 1 96 ? -9.509  -0.963  -7.039  1.00 27.42 ? 121 ILE A CD1 1 
ATOM   758 N  N   . VAL A 1 97 ? -10.804 1.354   -2.838  1.00 12.74 ? 122 VAL A N   1 
ATOM   759 C  CA  . VAL A 1 97 ? -11.507 1.848   -1.664  1.00 12.64 ? 122 VAL A CA  1 
ATOM   760 C  C   . VAL A 1 97 ? -12.998 1.738   -1.946  1.00 12.76 ? 122 VAL A C   1 
ATOM   761 O  O   . VAL A 1 97 ? -13.471 2.203   -2.983  1.00 14.24 ? 122 VAL A O   1 
ATOM   762 C  CB  . VAL A 1 97 ? -11.132 3.312   -1.357  1.00 12.21 ? 122 VAL A CB  1 
ATOM   763 C  CG1 . VAL A 1 97 ? -11.909 3.835   -0.150  1.00 12.99 ? 122 VAL A CG1 1 
ATOM   764 C  CG2 . VAL A 1 97 ? -9.630  3.438   -1.128  1.00 14.15 ? 122 VAL A CG2 1 
ATOM   765 N  N   . GLU A 1 98 ? -13.735 1.110   -1.037  1.00 12.71 ? 123 GLU A N   1 
ATOM   766 C  CA  . GLU A 1 98 ? -15.159 0.886   -1.254  1.00 13.97 ? 123 GLU A CA  1 
ATOM   767 C  C   . GLU A 1 98 ? -15.969 1.073   0.023   1.00 19.27 ? 123 GLU A C   1 
ATOM   768 O  O   . GLU A 1 98 ? -15.420 1.186   1.119   1.00 16.09 ? 123 GLU A O   1 
ATOM   769 C  CB  . GLU A 1 98 ? -15.397 -0.512  -1.830  1.00 19.49 ? 123 GLU A CB  1 
ATOM   770 C  CG  . GLU A 1 98 ? -14.895 -1.634  -0.940  1.00 18.15 ? 123 GLU A CG  1 
ATOM   771 C  CD  . GLU A 1 98 ? -15.058 -3.004  -1.571  1.00 18.13 ? 123 GLU A CD  1 
ATOM   772 O  OE1 . GLU A 1 98 ? -15.107 -3.999  -0.820  1.00 20.03 ? 123 GLU A OE1 1 
ATOM   773 O  OE2 . GLU A 1 98 ? -15.131 -3.083  -2.816  1.00 21.97 ? 123 GLU A OE2 1 
ATOM   774 O  OXT . GLU A 1 98 ? -17.200 1.117   -0.021  1.00 23.52 ? 123 GLU A OXT 1 
HETATM 775 CU CU  . CU1 B 2 .  ? 11.173  0.042   -8.847  1.00 12.38 ? 201 CU1 A CU  1 
HETATM 776 CU CU  . CU1 C 2 .  ? 13.320  0.256   -11.137 1.00 13.40 ? 202 CU1 A CU  1 
HETATM 777 CL CL  . CL  D 3 .  ? 15.405  -0.632  -11.677 0.47 10.52 ? 203 CL  A CL  1 
HETATM 778 O  O   . HOH E 4 .  ? 11.971  2.972   -5.653  1.00 12.32 ? 301 HOH A O   1 
HETATM 779 O  O   . HOH E 4 .  ? 3.944   -5.701  -7.559  1.00 13.78 ? 302 HOH A O   1 
HETATM 780 O  O   . HOH E 4 .  ? -2.399  6.683   -4.852  1.00 13.12 ? 303 HOH A O   1 
HETATM 781 O  O   . HOH E 4 .  ? -6.079  2.489   17.977  1.00 12.86 ? 304 HOH A O   1 
HETATM 782 O  O   . HOH E 4 .  ? 9.281   0.029   -3.050  1.00 13.46 ? 305 HOH A O   1 
HETATM 783 O  O   . HOH E 4 .  ? -11.955 -3.635  2.919   1.00 16.50 ? 306 HOH A O   1 
HETATM 784 O  O   . HOH E 4 .  ? -2.631  -3.381  14.291  1.00 16.67 ? 307 HOH A O   1 
HETATM 785 O  O   . HOH E 4 .  ? 11.283  9.237   2.879   1.00 16.83 ? 308 HOH A O   1 
HETATM 786 O  O   . HOH E 4 .  ? 0.962   -12.302 -0.589  1.00 17.51 ? 309 HOH A O   1 
HETATM 787 O  O   . HOH E 4 .  ? -5.073  10.627  3.601   1.00 15.11 ? 310 HOH A O   1 
HETATM 788 O  O   . HOH E 4 .  ? -11.896 -8.685  -1.617  1.00 19.74 ? 311 HOH A O   1 
HETATM 789 O  O   . HOH E 4 .  ? 3.504   11.193  -4.164  1.00 20.37 ? 312 HOH A O   1 
HETATM 790 O  O   . HOH E 4 .  ? -9.808  7.830   -1.182  1.00 16.88 ? 313 HOH A O   1 
HETATM 791 O  O   . HOH E 4 .  ? 1.859   5.793   -14.151 1.00 18.47 ? 314 HOH A O   1 
HETATM 792 O  O   . HOH E 4 .  ? -1.682  -12.259 0.436   1.00 17.87 ? 315 HOH A O   1 
HETATM 793 O  O   . HOH E 4 .  ? -11.959 -4.819  5.446   1.00 17.37 ? 316 HOH A O   1 
HETATM 794 O  O   . HOH E 4 .  ? 2.630   7.737   6.012   1.00 16.96 ? 317 HOH A O   1 
HETATM 795 O  O   . HOH E 4 .  ? -0.668  10.435  4.440   1.00 15.66 ? 318 HOH A O   1 
HETATM 796 O  O   . HOH E 4 .  ? 3.409   5.737   -9.920  1.00 14.53 ? 319 HOH A O   1 
HETATM 797 O  O   . HOH E 4 .  ? -8.354  11.945  4.724   1.00 18.85 ? 320 HOH A O   1 
HETATM 798 O  O   . HOH E 4 .  ? -9.722  -10.459 1.559   1.00 16.72 ? 321 HOH A O   1 
HETATM 799 O  O   . HOH E 4 .  ? -3.626  5.894   9.647   1.00 19.49 ? 322 HOH A O   1 
HETATM 800 O  O   . HOH E 4 .  ? -2.196  -9.560  -9.667  1.00 22.22 ? 323 HOH A O   1 
HETATM 801 O  O   . HOH E 4 .  ? -0.766  0.411   -10.328 1.00 16.62 ? 324 HOH A O   1 
HETATM 802 O  O   . HOH E 4 .  ? 13.375  4.995   -6.698  1.00 19.70 ? 325 HOH A O   1 
HETATM 803 O  O   . HOH E 4 .  ? 10.810  10.846  0.597   1.00 17.11 ? 326 HOH A O   1 
HETATM 804 O  O   . HOH E 4 .  ? 10.641  -0.846  4.690   1.00 18.01 ? 327 HOH A O   1 
HETATM 805 O  O   . HOH E 4 .  ? 4.399   -4.356  12.977  1.00 19.23 ? 328 HOH A O   1 
HETATM 806 O  O   . HOH E 4 .  ? 14.901  -5.257  -9.136  1.00 18.05 ? 329 HOH A O   1 
HETATM 807 O  O   . HOH E 4 .  ? -2.487  11.075  2.510   1.00 17.46 ? 330 HOH A O   1 
HETATM 808 O  O   . HOH E 4 .  ? -16.736 2.580   5.160   1.00 22.53 ? 331 HOH A O   1 
HETATM 809 O  O   . HOH E 4 .  ? -10.581 -11.236 -3.148  1.00 19.06 ? 332 HOH A O   1 
HETATM 810 O  O   . HOH E 4 .  ? 15.803  3.855   -6.921  1.00 21.49 ? 333 HOH A O   1 
HETATM 811 O  O   . HOH E 4 .  ? -2.618  -8.010  6.068   1.00 21.39 ? 334 HOH A O   1 
HETATM 812 O  O   . HOH E 4 .  ? 11.896  5.345   -13.704 1.00 20.29 ? 335 HOH A O   1 
HETATM 813 O  O   . HOH E 4 .  ? 19.926  1.930   -3.010  1.00 20.00 ? 336 HOH A O   1 
HETATM 814 O  O   . HOH E 4 .  ? 15.284  3.356   0.677   1.00 21.11 ? 337 HOH A O   1 
HETATM 815 O  O   . HOH E 4 .  ? 1.381   4.430   -8.667  1.00 16.27 ? 338 HOH A O   1 
HETATM 816 O  O   . HOH E 4 .  ? 17.114  -8.005  -5.401  1.00 22.20 ? 339 HOH A O   1 
HETATM 817 O  O   . HOH E 4 .  ? -2.235  -4.834  -9.043  1.00 22.21 ? 340 HOH A O   1 
HETATM 818 O  O   . HOH E 4 .  ? -4.431  6.390   -9.256  1.00 18.81 ? 341 HOH A O   1 
HETATM 819 O  O   . HOH E 4 .  ? 13.250  -6.917  -7.530  1.00 21.00 ? 342 HOH A O   1 
HETATM 820 O  O   . HOH E 4 .  ? 4.812   7.642   4.450   1.00 21.01 ? 343 HOH A O   1 
HETATM 821 O  O   . HOH E 4 .  ? -11.604 5.918   13.467  1.00 19.21 ? 344 HOH A O   1 
HETATM 822 O  O   . HOH E 4 .  ? -14.438 -3.789  1.769   1.00 21.25 ? 345 HOH A O   1 
HETATM 823 O  O   . HOH E 4 .  ? -11.836 -7.000  9.278   1.00 24.30 ? 346 HOH A O   1 
HETATM 824 O  O   . HOH E 4 .  ? -17.208 -5.367  -8.204  1.00 24.33 ? 347 HOH A O   1 
HETATM 825 O  O   . HOH E 4 .  ? 8.509   -7.197  11.034  1.00 25.68 ? 348 HOH A O   1 
HETATM 826 O  O   . HOH E 4 .  ? 4.281   -4.604  -10.867 1.00 22.08 ? 349 HOH A O   1 
HETATM 827 O  O   . HOH E 4 .  ? 17.537  0.544   2.908   1.00 26.41 ? 350 HOH A O   1 
HETATM 828 O  O   . HOH E 4 .  ? -7.831  10.087  9.864   1.00 22.17 ? 351 HOH A O   1 
HETATM 829 O  O   . HOH E 4 .  ? 18.229  -1.129  6.560   1.00 26.30 ? 352 HOH A O   1 
HETATM 830 O  O   . HOH E 4 .  ? -14.515 6.252   9.933   1.00 21.89 ? 353 HOH A O   1 
HETATM 831 O  O   . HOH E 4 .  ? -9.311  10.830  0.462   1.00 21.65 ? 354 HOH A O   1 
HETATM 832 O  O   . HOH E 4 .  ? 15.181  -10.485 2.986   1.00 27.95 ? 355 HOH A O   1 
HETATM 833 O  O   . HOH E 4 .  ? 21.524  2.499   -5.070  1.00 20.75 ? 356 HOH A O   1 
HETATM 834 O  O   . HOH E 4 .  ? -11.272 5.601   -9.392  1.00 27.51 ? 357 HOH A O   1 
HETATM 835 O  O   . HOH E 4 .  ? -11.889 -0.067  11.956  1.00 26.35 ? 358 HOH A O   1 
HETATM 836 O  O   . HOH E 4 .  ? 6.673   3.679   9.757   1.00 24.13 ? 359 HOH A O   1 
HETATM 837 O  O   . HOH E 4 .  ? 13.465  -10.394 -5.686  1.00 24.33 ? 360 HOH A O   1 
HETATM 838 O  O   . HOH E 4 .  ? 1.539   -3.764  12.690  1.00 24.81 ? 361 HOH A O   1 
HETATM 839 O  O   . HOH E 4 .  ? 11.312  -12.089 -6.289  1.00 26.30 ? 362 HOH A O   1 
HETATM 840 O  O   . HOH E 4 .  ? -16.933 0.723   3.314   1.00 27.61 ? 363 HOH A O   1 
HETATM 841 O  O   . HOH E 4 .  ? -14.945 1.160   -5.014  1.00 24.12 ? 364 HOH A O   1 
HETATM 842 O  O   . HOH E 4 .  ? 14.004  -3.874  -11.430 1.00 21.82 ? 365 HOH A O   1 
HETATM 843 O  O   . HOH E 4 .  ? -7.176  10.351  -7.222  1.00 23.46 ? 366 HOH A O   1 
HETATM 844 O  O   . HOH E 4 .  ? -13.745 1.964   12.023  1.00 27.10 ? 367 HOH A O   1 
HETATM 845 O  O   . HOH E 4 .  ? -13.970 -0.208  10.331  1.00 27.28 ? 368 HOH A O   1 
HETATM 846 O  O   . HOH E 4 .  ? -9.747  -10.698 4.408   1.00 24.11 ? 369 HOH A O   1 
HETATM 847 O  O   . HOH E 4 .  ? 15.326  -11.383 -3.590  1.00 29.98 ? 370 HOH A O   1 
HETATM 848 O  O   . HOH E 4 .  ? -13.019 4.580   11.337  1.00 20.75 ? 371 HOH A O   1 
HETATM 849 O  O   . HOH E 4 .  ? 11.866  -7.258  6.468   1.00 21.96 ? 372 HOH A O   1 
HETATM 850 O  O   . HOH E 4 .  ? 4.878   5.794   9.154   1.00 25.34 ? 373 HOH A O   1 
HETATM 851 O  O   . HOH E 4 .  ? 12.638  7.947   -9.472  1.00 28.60 ? 374 HOH A O   1 
HETATM 852 O  O   . HOH E 4 .  ? -10.579 11.951  6.588   1.00 25.00 ? 375 HOH A O   1 
HETATM 853 O  O   . HOH E 4 .  ? 18.159  -10.074 -3.987  1.00 29.29 ? 376 HOH A O   1 
HETATM 854 O  O   . HOH E 4 .  ? -15.644 -1.774  -5.115  1.00 27.11 ? 377 HOH A O   1 
HETATM 855 O  O   . HOH E 4 .  ? -15.751 -5.703  3.504   1.00 29.28 ? 378 HOH A O   1 
HETATM 856 O  O   . HOH E 4 .  ? 9.132   -14.070 1.215   1.00 28.18 ? 379 HOH A O   1 
HETATM 857 O  O   . HOH E 4 .  ? -14.652 -6.419  -1.713  1.00 23.25 ? 380 HOH A O   1 
HETATM 858 O  O   . HOH E 4 .  ? 12.362  9.581   -0.789  1.00 25.11 ? 381 HOH A O   1 
HETATM 859 O  O   . HOH E 4 .  ? -9.936  -8.606  6.363   1.00 25.47 ? 382 HOH A O   1 
HETATM 860 O  O   . HOH E 4 .  ? 17.468  4.607   -4.840  1.00 30.94 ? 383 HOH A O   1 
HETATM 861 O  O   . HOH E 4 .  ? -16.314 -1.800  2.677   1.00 28.05 ? 384 HOH A O   1 
HETATM 862 O  O   . HOH E 4 .  ? 10.866  2.549   9.232   1.00 30.62 ? 385 HOH A O   1 
HETATM 863 O  O   . HOH E 4 .  ? -12.626 9.493   8.487   1.00 30.20 ? 386 HOH A O   1 
HETATM 864 O  O   . HOH E 4 .  ? 15.874  3.717   3.332   1.00 25.38 ? 387 HOH A O   1 
HETATM 865 O  O   . HOH E 4 .  ? 18.268  0.542   0.141   1.00 25.65 ? 388 HOH A O   1 
HETATM 866 O  O   . HOH E 4 .  ? -15.921 -9.180  -7.639  1.00 25.75 ? 389 HOH A O   1 
HETATM 867 O  O   . HOH E 4 .  ? -1.144  -1.763  -11.805 1.00 31.64 ? 390 HOH A O   1 
HETATM 868 O  O   . HOH E 4 .  ? 12.676  -8.640  -9.348  1.00 29.63 ? 391 HOH A O   1 
HETATM 869 O  O   . HOH E 4 .  ? 4.044   -8.676  4.887   1.00 30.57 ? 392 HOH A O   1 
HETATM 870 O  O   . HOH E 4 .  ? -14.147 -6.123  5.885   1.00 26.48 ? 393 HOH A O   1 
HETATM 871 O  O   . HOH E 4 .  ? -14.511 1.542   14.546  1.00 33.37 ? 394 HOH A O   1 
HETATM 872 O  O   . HOH E 4 .  ? 21.137  -3.130  -3.162  1.00 27.79 ? 395 HOH A O   1 
HETATM 873 O  O   . HOH E 4 .  ? 15.679  -10.880 -0.905  1.00 28.60 ? 396 HOH A O   1 
HETATM 874 O  O   . HOH E 4 .  ? 11.664  4.696   8.014   1.00 34.59 ? 397 HOH A O   1 
HETATM 875 O  O   . HOH E 4 .  ? -7.236  9.380   12.451  1.00 30.42 ? 398 HOH A O   1 
HETATM 876 O  O   . HOH E 4 .  ? 19.505  -6.179  -5.438  1.00 26.62 ? 399 HOH A O   1 
HETATM 877 O  O   . HOH E 4 .  ? -0.803  8.137   12.661  1.00 27.50 ? 400 HOH A O   1 
HETATM 878 O  O   . HOH E 4 .  ? 11.154  6.334   5.462   1.00 27.11 ? 401 HOH A O   1 
HETATM 879 O  O   . HOH E 4 .  ? 5.953   -4.366  -13.023 1.00 25.28 ? 402 HOH A O   1 
HETATM 880 O  O   . HOH E 4 .  ? -5.459  -8.055  5.934   1.00 24.17 ? 403 HOH A O   1 
HETATM 881 O  O   . HOH E 4 .  ? 3.806   -6.995  -9.852  1.00 29.71 ? 404 HOH A O   1 
HETATM 882 O  O   . HOH E 4 .  ? 14.893  -9.122  5.141   1.00 32.67 ? 405 HOH A O   1 
HETATM 883 O  O   . HOH E 4 .  ? 4.022   -6.191  6.205   1.00 26.42 ? 406 HOH A O   1 
HETATM 884 O  O   . HOH E 4 .  ? 14.606  5.045   5.522   1.00 32.22 ? 407 HOH A O   1 
HETATM 885 O  O   . HOH E 4 .  ? -11.466 12.851  -0.394  1.00 26.74 ? 408 HOH A O   1 
HETATM 886 O  O   . HOH E 4 .  ? 3.041   6.222   12.733  1.00 30.69 ? 409 HOH A O   1 
HETATM 887 O  O   . HOH E 4 .  ? -3.018  7.474   13.627  1.00 26.13 ? 410 HOH A O   1 
HETATM 888 O  O   . HOH E 4 .  ? 21.096  -0.243  -2.178  1.00 27.40 ? 411 HOH A O   1 
HETATM 889 O  O   . HOH E 4 .  ? 3.102   7.526   8.673   1.00 29.16 ? 412 HOH A O   1 
HETATM 890 O  O   . HOH E 4 .  ? 16.958  -6.921  -9.827  1.00 25.54 ? 413 HOH A O   1 
HETATM 891 O  O   . HOH E 4 .  ? -2.876  1.267   -11.556 1.00 28.53 ? 414 HOH A O   1 
HETATM 892 O  O   . HOH E 4 .  ? 16.851  5.506   -9.197  1.00 31.43 ? 415 HOH A O   1 
HETATM 893 O  O   . HOH E 4 .  ? -11.734 -3.016  17.542  1.00 29.60 ? 416 HOH A O   1 
HETATM 894 O  O   . HOH E 4 .  ? -15.494 -6.613  -9.437  1.00 27.28 ? 417 HOH A O   1 
HETATM 895 O  O   . HOH E 4 .  ? 19.015  -2.102  -0.204  1.00 29.35 ? 418 HOH A O   1 
HETATM 896 O  O   . HOH E 4 .  ? -16.327 1.781   10.054  1.00 32.54 ? 419 HOH A O   1 
HETATM 897 O  O   . HOH E 4 .  ? 20.201  -10.970 -5.659  1.00 27.56 ? 420 HOH A O   1 
HETATM 898 O  O   . HOH E 4 .  ? -9.013  9.339   -8.251  1.00 28.68 ? 421 HOH A O   1 
HETATM 899 O  O   . HOH E 4 .  ? 12.236  8.465   -6.590  1.00 36.08 ? 422 HOH A O   1 
HETATM 900 O  O   . HOH E 4 .  ? 2.960   -9.105  -10.264 1.00 29.82 ? 423 HOH A O   1 
HETATM 901 O  O   . HOH E 4 .  ? -1.704  -10.300 6.764   1.00 34.36 ? 424 HOH A O   1 
HETATM 902 O  O   . HOH E 4 .  ? 18.563  -10.607 -1.013  1.00 36.91 ? 425 HOH A O   1 
HETATM 903 O  O   . HOH E 4 .  ? 20.715  -2.985  1.416   1.00 31.13 ? 426 HOH A O   1 
HETATM 904 O  O   . HOH E 4 .  ? 8.412   -10.195 -9.576  1.00 32.81 ? 427 HOH A O   1 
HETATM 905 O  O   . HOH E 4 .  ? -1.169  -11.497 3.025   1.00 33.24 ? 428 HOH A O   1 
HETATM 906 O  O   . HOH E 4 .  ? 18.976  -9.843  1.101   1.00 37.72 ? 429 HOH A O   1 
HETATM 907 O  O   . HOH E 4 .  ? -4.935  9.545   13.277  1.00 32.95 ? 430 HOH A O   1 
HETATM 908 O  O   . HOH E 4 .  ? 19.491  2.933   -0.417  1.00 34.07 ? 431 HOH A O   1 
HETATM 909 O  O   . HOH E 4 .  ? 21.345  -7.369  -4.096  1.00 36.02 ? 432 HOH A O   1 
HETATM 910 O  O   . HOH E 4 .  ? 15.283  7.460   4.788   1.00 32.32 ? 433 HOH A O   1 
HETATM 911 O  O   . HOH E 4 .  ? -1.554  9.867   10.491  1.00 32.20 ? 434 HOH A O   1 
HETATM 912 O  O   . HOH E 4 .  ? 20.479  -4.617  -7.642  1.00 27.14 ? 435 HOH A O   1 
HETATM 913 O  O   . HOH E 4 .  ? 6.704   3.140   -15.873 1.00 30.39 ? 436 HOH A O   1 
HETATM 914 O  O   . HOH E 4 .  ? 8.637   -2.846  -14.830 1.00 30.62 ? 437 HOH A O   1 
HETATM 915 O  O   . HOH E 4 .  ? 17.673  -4.381  8.327   1.00 31.20 ? 438 HOH A O   1 
HETATM 916 O  O   . HOH E 4 .  ? -17.625 -4.505  0.140   1.00 31.92 ? 439 HOH A O   1 
HETATM 917 O  O   . HOH E 4 .  ? -5.950  -10.452 7.101   1.00 35.13 ? 440 HOH A O   1 
HETATM 918 O  O   . HOH E 4 .  ? -18.788 -1.123  -0.040  1.00 33.54 ? 441 HOH A O   1 
HETATM 919 O  O   . HOH E 4 .  ? 16.790  0.318   12.487  1.00 17.57 ? 442 HOH A O   1 
HETATM 920 O  O   . HOH E 4 .  ? 1.755   -11.456 -10.782 1.00 21.26 ? 443 HOH A O   1 
HETATM 921 O  O   . HOH E 4 .  ? 6.102   -0.740  -15.365 1.00 24.06 ? 444 HOH A O   1 
HETATM 922 O  O   . HOH E 4 .  ? 18.553  2.258   11.646  1.00 36.62 ? 445 HOH A O   1 
HETATM 923 O  O   . HOH E 4 .  ? -21.202 -0.528  0.925   1.00 39.93 ? 446 HOH A O   1 
HETATM 924 O  O   . HOH E 4 .  ? 6.015   -8.212  12.573  1.00 29.46 ? 447 HOH A O   1 
HETATM 925 O  O   . HOH E 4 .  ? 16.874  -3.536  11.114  1.00 32.62 ? 448 HOH A O   1 
HETATM 926 O  O   . HOH E 4 .  ? -14.256 -7.007  10.169  1.00 33.26 ? 449 HOH A O   1 
HETATM 927 O  O   . HOH E 4 .  ? 5.795   -10.150 4.965   1.00 35.05 ? 450 HOH A O   1 
HETATM 928 O  O   . HOH E 4 .  ? -1.834  -8.857  3.343   1.00 22.26 ? 451 HOH A O   1 
HETATM 929 O  O   . HOH E 4 .  ? 18.848  -0.728  -1.963  1.00 26.66 ? 452 HOH A O   1 
HETATM 930 O  O   . HOH E 4 .  ? 5.573   -14.101 1.170   1.00 31.36 ? 453 HOH A O   1 
HETATM 931 O  O   . HOH E 4 .  ? 17.583  -6.017  -12.464 1.00 30.52 ? 454 HOH A O   1 
HETATM 932 O  O   . HOH E 4 .  ? -5.487  -8.694  14.751  1.00 26.92 ? 455 HOH A O   1 
HETATM 933 O  O   . HOH E 4 .  ? 7.984   -6.592  -13.433 1.00 35.07 ? 456 HOH A O   1 
HETATM 934 O  O   . HOH E 4 .  ? -12.353 3.681   -11.316 1.00 35.37 ? 457 HOH A O   1 
HETATM 935 O  O   . HOH E 4 .  ? 13.481  6.860   -11.944 1.00 28.96 ? 458 HOH A O   1 
HETATM 936 O  O   . HOH E 4 .  ? -18.018 7.222   5.069   1.00 36.26 ? 459 HOH A O   1 
HETATM 937 O  O   . HOH E 4 .  ? -18.651 -2.516  1.769   1.00 34.54 ? 460 HOH A O   1 
HETATM 938 O  O   . HOH E 4 .  ? 16.875  -12.971 -7.218  1.00 40.38 ? 461 HOH A O   1 
HETATM 939 O  O   . HOH E 4 .  ? -13.144 -0.214  -9.185  1.00 38.67 ? 462 HOH A O   1 
HETATM 940 O  O   . HOH E 4 .  ? -18.379 -8.934  -6.385  1.00 34.80 ? 463 HOH A O   1 
HETATM 941 O  O   . HOH E 4 .  ? 15.552  -10.670 -7.513  1.00 38.28 ? 464 HOH A O   1 
HETATM 942 O  O   . HOH E 4 .  ? -2.201  7.203   16.283  1.00 15.53 ? 465 HOH A O   1 
HETATM 943 O  O   . HOH E 4 .  ? -18.378 1.892   -2.336  1.00 30.72 ? 466 HOH A O   1 
HETATM 944 O  O   . HOH E 4 .  ? 20.590  -7.949  1.414   1.00 37.71 ? 467 HOH A O   1 
HETATM 945 O  O   . HOH E 4 .  ? -17.382 1.415   -4.865  1.00 34.72 ? 468 HOH A O   1 
HETATM 946 O  O   . HOH E 4 .  ? 14.645  2.403   10.161  1.00 31.47 ? 469 HOH A O   1 
HETATM 947 O  O   . HOH E 4 .  ? -1.309  6.480   -11.069 1.00 20.79 ? 470 HOH A O   1 
HETATM 948 O  O   . HOH E 4 .  ? 22.420  -3.530  -5.405  1.00 32.62 ? 471 HOH A O   1 
HETATM 949 O  O   . HOH E 4 .  ? -4.264  -3.745  -10.841 1.00 38.79 ? 472 HOH A O   1 
HETATM 950 O  O   . HOH E 4 .  ? 11.017  -11.781 -9.029  1.00 38.18 ? 473 HOH A O   1 
HETATM 951 O  O   . HOH E 4 .  ? 22.362  -3.526  -7.596  1.00 32.66 ? 474 HOH A O   1 
HETATM 952 O  O   . HOH E 4 .  ? -19.271 -2.363  -2.530  1.00 35.57 ? 475 HOH A O   1 
HETATM 953 O  O   . HOH E 4 .  ? -15.050 -5.469  12.789  1.00 36.44 ? 476 HOH A O   1 
HETATM 954 O  O   . HOH E 4 .  ? -3.543  8.347   9.706   1.00 30.82 ? 477 HOH A O   1 
HETATM 955 O  O   . HOH E 4 .  ? 16.709  2.116   9.384   1.00 37.39 ? 478 HOH A O   1 
HETATM 956 O  O   . HOH E 4 .  ? 19.384  -13.043 -6.882  1.00 35.94 ? 479 HOH A O   1 
HETATM 957 O  O   . HOH E 4 .  ? 13.837  -13.002 3.086   1.00 36.44 ? 480 HOH A O   1 
HETATM 958 O  O   . HOH E 4 .  ? -13.114 -5.189  14.104  1.00 34.76 ? 481 HOH A O   1 
HETATM 959 O  O   . HOH E 4 .  ? 1.479   6.906   -11.520 1.00 19.91 ? 482 HOH A O   1 
HETATM 960 O  O   . HOH E 4 .  ? 2.373   -11.156 1.728   1.00 26.25 ? 483 HOH A O   1 
HETATM 961 O  O   . HOH E 4 .  ? -13.771 -7.291  12.492  1.00 35.89 ? 484 HOH A O   1 
HETATM 962 O  O   . HOH E 4 .  ? 22.445  -6.049  -0.315  1.00 41.01 ? 485 HOH A O   1 
HETATM 963 O  O   . HOH E 4 .  ? 20.445  -2.281  5.691   1.00 34.84 ? 486 HOH A O   1 
HETATM 964 O  O   . HOH E 4 .  ? -8.521  -3.952  22.684  1.00 24.89 ? 487 HOH A O   1 
HETATM 965 O  O   . HOH E 4 .  ? -18.901 3.099   1.113   1.00 30.31 ? 488 HOH A O   1 
HETATM 966 O  O   . HOH E 4 .  ? 5.363   -9.283  -10.809 1.00 30.86 ? 489 HOH A O   1 
HETATM 967 O  O   . HOH E 4 .  ? -18.271 8.395   7.840   1.00 37.04 ? 490 HOH A O   1 
HETATM 968 O  O   . HOH E 4 .  ? 0.302   -6.113  11.779  1.00 29.73 ? 491 HOH A O   1 
HETATM 969 O  O   . HOH E 4 .  ? -17.639 -8.783  1.904   1.00 35.37 ? 492 HOH A O   1 
# 
